data_2H43
#
_entry.id   2H43
#
_cell.length_a   105.000
_cell.length_b   47.900
_cell.length_c   171.400
_cell.angle_alpha   90.00
_cell.angle_beta   105.41
_cell.angle_gamma   90.00
#
_symmetry.space_group_name_H-M   'P 1 21 1'
#
loop_
_entity.id
_entity.type
_entity.pdbx_description
1 polymer 'Fibrinogen alpha chain'
2 polymer 'Fibrinogen beta chain'
3 polymer 'Fibrinogen gamma chain'
4 polymer 'GLY-HIS-ARG-PRO-AMIDE peptide ligand'
5 branched 2-acetamido-2-deoxy-beta-D-glucopyranose-(1-4)-2-acetamido-2-deoxy-beta-D-glucopyranose
6 branched 2-acetamido-2-deoxy-alpha-D-glucopyranose-(1-4)-2-acetamido-2-deoxy-beta-D-glucopyranose
7 non-polymer 'CALCIUM ION'
#
loop_
_entity_poly.entity_id
_entity_poly.type
_entity_poly.pdbx_seq_one_letter_code
_entity_poly.pdbx_strand_id
1 'polypeptide(L)'
;VSEDLRSRIEVLKRKVIEKVQHIQLLQKNVRAQLVDMKRLEVDIDIKIRSCRGSCSRALAREVDLKDYEDQQKQLEQVIA
KDLLPSR
;
A,D
2 'polypeptide(L)'
;DNENVVNEYSSELEKHQLYIDETVNSNIPTNLRVLRSILENLRSKIQKLESDVSAQMEYCRTPCTVSCNIPVVSGKECEE
IIRKGGETSEMYLIQPDSSVKPYRVYCDMNTENGGWTVIQNRQDGSVDFGRKWDPYKQGFGNVATNTDGKNYCGLPGEYW
LGNDKISQLTRMGPTELLIEMEDWKGDKVKAHYGGFTVQNEANKYQISVNKYRGTAGNALMDGASQLMGENRTMTIHNGM
FFSTYDRDNDGWLTSDPRKQCSKEDGGGWWYNRCHAANPNGRYYWGGQYTWDMAKHGTDDGVVWMNWKGSWYSMRKMSMK
IRPFFPQQ
;
B,E
3 'polypeptide(L)'
;MLEEIMKYEASILTHDSSIRYLQEIYNSNNQKIVNLKEKVAQLEAQCQEPCKDTVQIHDITGKDCQDIANKGAKQSGLYF
IKPLKANQQFLVYCEIDGSGNGWTVFQKRLDGSVDFKKNWIQYKEGFGHLSPTGTTEFWLGNEKIHLISTQSAIPYALRV
ELEDWNGRTSTADYAMFKVGPEADKYRLTYAYFAGGDAGDAFDGFDFGDDPSDKFFTSHNGMQFSTWDNDNDKFEGNCAE
QDGSGWWMNKCHAGHLNGVYYQGGTYSKASTPNGYDNGIIWATWKTRWYSMKKTTMKIIPFNRLTIGEGQQHHLGGAKQA
GDV
;
C,F
4 'polypeptide(L)' AHRP(NH2) I,J
#
loop_
_chem_comp.id
_chem_comp.type
_chem_comp.name
_chem_comp.formula
CA non-polymer 'CALCIUM ION' 'Ca 2'
NAG D-saccharide, beta linking 2-acetamido-2-deoxy-beta-D-glucopyranose 'C8 H15 N O6'
NDG D-saccharide, alpha linking 2-acetamido-2-deoxy-alpha-D-glucopyranose 'C8 H15 N O6'
NH2 non-polymer 'AMINO GROUP' 'H2 N'
#
# COMPACT_ATOMS: atom_id res chain seq x y z
N VAL A 16 51.55 -17.01 -100.27
CA VAL A 16 52.30 -15.71 -100.22
C VAL A 16 51.69 -14.76 -99.18
N ILE A 17 50.52 -14.23 -99.53
CA ILE A 17 49.78 -13.31 -98.66
C ILE A 17 48.74 -14.20 -97.97
N GLU A 18 48.82 -15.49 -98.26
CA GLU A 18 47.91 -16.47 -97.67
C GLU A 18 48.25 -16.66 -96.20
N LYS A 19 48.99 -15.71 -95.62
CA LYS A 19 49.37 -15.81 -94.22
C LYS A 19 49.09 -14.55 -93.41
N VAL A 20 48.47 -13.56 -94.04
CA VAL A 20 48.13 -12.34 -93.31
C VAL A 20 46.72 -12.48 -92.76
N GLN A 21 45.86 -13.13 -93.52
CA GLN A 21 44.49 -13.35 -93.06
C GLN A 21 44.57 -14.06 -91.71
N HIS A 22 45.27 -15.18 -91.66
CA HIS A 22 45.42 -15.94 -90.43
C HIS A 22 45.72 -14.97 -89.29
N ILE A 23 46.69 -14.10 -89.52
CA ILE A 23 47.06 -13.13 -88.50
C ILE A 23 45.93 -12.15 -88.24
N GLN A 24 45.32 -11.64 -89.30
CA GLN A 24 44.23 -10.68 -89.15
C GLN A 24 42.92 -11.32 -88.71
N LEU A 25 42.94 -12.62 -88.45
CA LEU A 25 41.75 -13.34 -87.97
C LEU A 25 42.08 -13.40 -86.49
N LEU A 26 43.29 -13.87 -86.23
CA LEU A 26 43.82 -14.00 -84.89
C LEU A 26 43.79 -12.61 -84.26
N GLN A 27 44.03 -11.60 -85.09
CA GLN A 27 44.03 -10.23 -84.63
C GLN A 27 42.70 -9.85 -83.98
N LYS A 28 41.61 -10.03 -84.72
CA LYS A 28 40.30 -9.68 -84.19
C LYS A 28 39.89 -10.69 -83.13
N ASN A 29 40.38 -11.91 -83.23
CA ASN A 29 40.06 -12.93 -82.24
C ASN A 29 40.63 -12.61 -80.86
N VAL A 30 41.86 -12.12 -80.80
CA VAL A 30 42.46 -11.78 -79.50
C VAL A 30 41.81 -10.56 -78.86
N ARG A 31 41.73 -9.44 -79.58
CA ARG A 31 41.11 -8.25 -79.03
C ARG A 31 39.79 -8.65 -78.38
N ALA A 32 39.01 -9.46 -79.09
CA ALA A 32 37.72 -9.96 -78.61
C ALA A 32 37.88 -10.70 -77.28
N GLN A 33 38.90 -11.55 -77.19
CA GLN A 33 39.12 -12.28 -75.96
C GLN A 33 39.65 -11.34 -74.89
N LEU A 34 40.45 -10.36 -75.28
CA LEU A 34 40.99 -9.40 -74.31
C LEU A 34 39.81 -8.68 -73.69
N VAL A 35 38.78 -8.42 -74.49
CA VAL A 35 37.60 -7.74 -74.02
C VAL A 35 36.77 -8.67 -73.14
N ASP A 36 36.29 -9.76 -73.73
CA ASP A 36 35.49 -10.70 -72.97
C ASP A 36 36.13 -10.94 -71.61
N MET A 37 37.44 -10.82 -71.57
CA MET A 37 38.19 -11.04 -70.35
C MET A 37 38.10 -9.86 -69.39
N LYS A 38 38.30 -8.64 -69.86
CA LYS A 38 38.21 -7.50 -68.96
C LYS A 38 36.84 -7.54 -68.24
N ARG A 39 35.78 -7.84 -69.00
CA ARG A 39 34.42 -7.94 -68.45
C ARG A 39 34.34 -9.03 -67.39
N LEU A 40 34.87 -10.19 -67.71
CA LEU A 40 34.83 -11.29 -66.76
C LEU A 40 35.57 -10.91 -65.49
N GLU A 41 36.76 -10.35 -65.63
CA GLU A 41 37.59 -9.94 -64.50
C GLU A 41 36.77 -9.13 -63.52
N VAL A 42 36.02 -8.19 -64.07
CA VAL A 42 35.19 -7.30 -63.29
C VAL A 42 33.97 -8.01 -62.71
N ASP A 43 33.25 -8.71 -63.58
CA ASP A 43 32.07 -9.45 -63.16
C ASP A 43 32.45 -10.30 -61.97
N ILE A 44 33.68 -10.82 -61.98
CA ILE A 44 34.15 -11.65 -60.87
C ILE A 44 34.47 -10.86 -59.61
N ASP A 45 34.96 -9.63 -59.78
CA ASP A 45 35.29 -8.81 -58.61
C ASP A 45 33.97 -8.46 -57.90
N ILE A 46 32.98 -8.03 -58.68
CA ILE A 46 31.66 -7.69 -58.17
C ILE A 46 31.04 -8.93 -57.48
N LYS A 47 30.99 -10.05 -58.18
CA LYS A 47 30.42 -11.27 -57.59
C LYS A 47 31.06 -11.66 -56.26
N ILE A 48 32.38 -11.54 -56.14
CA ILE A 48 33.07 -11.94 -54.90
C ILE A 48 32.76 -10.99 -53.78
N ARG A 49 32.65 -9.71 -54.11
CA ARG A 49 32.35 -8.74 -53.07
C ARG A 49 30.93 -8.99 -52.55
N SER A 50 30.06 -9.47 -53.42
CA SER A 50 28.69 -9.74 -53.00
C SER A 50 28.62 -11.00 -52.16
N CYS A 51 29.77 -11.46 -51.65
CA CYS A 51 29.78 -12.64 -50.78
C CYS A 51 30.14 -12.13 -49.41
N ARG A 52 30.48 -10.86 -49.35
CA ARG A 52 30.87 -10.20 -48.11
C ARG A 52 29.74 -10.28 -47.09
N GLY A 53 28.49 -10.19 -47.56
CA GLY A 53 27.36 -10.23 -46.66
C GLY A 53 26.57 -11.52 -46.73
N SER A 54 27.27 -12.59 -47.10
CA SER A 54 26.63 -13.89 -47.20
C SER A 54 27.54 -14.93 -46.55
N CYS A 55 28.86 -14.69 -46.60
CA CYS A 55 29.86 -15.61 -46.05
C CYS A 55 30.68 -15.08 -44.87
N SER A 56 31.53 -15.94 -44.31
CA SER A 56 32.37 -15.57 -43.20
C SER A 56 33.23 -14.38 -43.59
N ARG A 57 33.87 -14.48 -44.75
CA ARG A 57 34.74 -13.43 -45.26
C ARG A 57 34.74 -13.36 -46.78
N ALA A 58 35.33 -12.29 -47.31
CA ALA A 58 35.39 -12.09 -48.75
C ALA A 58 36.81 -11.79 -49.20
N LEU A 59 37.31 -12.62 -50.11
CA LEU A 59 38.66 -12.49 -50.66
C LEU A 59 39.03 -11.08 -51.08
N ALA A 60 40.00 -10.48 -50.40
CA ALA A 60 40.47 -9.13 -50.73
C ALA A 60 41.32 -9.20 -51.98
N ARG A 61 40.82 -8.59 -53.06
CA ARG A 61 41.52 -8.62 -54.32
C ARG A 61 41.54 -7.26 -55.01
N GLU A 62 42.30 -7.18 -56.09
CA GLU A 62 42.44 -5.95 -56.87
C GLU A 62 42.32 -6.35 -58.33
N VAL A 63 41.91 -5.41 -59.17
CA VAL A 63 41.76 -5.72 -60.57
C VAL A 63 42.71 -4.86 -61.40
N ASP A 64 43.61 -5.52 -62.12
CA ASP A 64 44.60 -4.85 -62.94
C ASP A 64 44.00 -4.19 -64.18
N LEU A 65 43.02 -3.32 -63.97
CA LEU A 65 42.39 -2.60 -65.09
C LEU A 65 43.51 -2.06 -65.94
N LYS A 66 44.43 -1.36 -65.28
CA LYS A 66 45.59 -0.79 -65.93
C LYS A 66 46.04 -1.72 -67.04
N ASP A 67 46.71 -2.79 -66.62
CA ASP A 67 47.23 -3.79 -67.53
C ASP A 67 46.32 -4.10 -68.73
N TYR A 68 45.05 -4.41 -68.48
CA TYR A 68 44.14 -4.71 -69.58
C TYR A 68 44.10 -3.57 -70.61
N GLU A 69 43.92 -2.34 -70.14
CA GLU A 69 43.89 -1.19 -71.03
C GLU A 69 45.23 -1.10 -71.76
N ASP A 70 46.30 -1.22 -70.99
CA ASP A 70 47.66 -1.19 -71.53
C ASP A 70 47.78 -2.13 -72.72
N GLN A 71 47.08 -3.26 -72.64
CA GLN A 71 47.12 -4.25 -73.69
C GLN A 71 46.15 -3.99 -74.83
N GLN A 72 45.05 -3.30 -74.57
CA GLN A 72 44.08 -3.01 -75.63
C GLN A 72 44.68 -1.97 -76.56
N LYS A 73 45.35 -0.98 -75.97
CA LYS A 73 46.00 0.08 -76.73
C LYS A 73 47.07 -0.54 -77.60
N GLN A 74 47.89 -1.38 -77.00
CA GLN A 74 48.97 -2.05 -77.72
C GLN A 74 48.46 -2.89 -78.89
N LEU A 75 47.46 -3.75 -78.66
CA LEU A 75 46.93 -4.59 -79.74
C LEU A 75 46.22 -3.71 -80.78
N GLU A 76 45.39 -2.80 -80.31
CA GLU A 76 44.69 -1.89 -81.21
C GLU A 76 45.73 -1.23 -82.12
N GLN A 77 46.97 -1.21 -81.65
CA GLN A 77 48.09 -0.62 -82.39
C GLN A 77 48.43 -1.50 -83.60
N VAL A 78 48.84 -2.72 -83.31
CA VAL A 78 49.22 -3.70 -84.31
C VAL A 78 48.15 -3.85 -85.40
N ILE A 79 46.91 -3.50 -85.08
CA ILE A 79 45.84 -3.59 -86.06
C ILE A 79 45.87 -2.27 -86.82
N ALA A 80 46.82 -2.19 -87.75
CA ALA A 80 47.05 -1.03 -88.60
C ALA A 80 48.18 -1.47 -89.52
N LYS A 81 48.45 -2.77 -89.50
CA LYS A 81 49.49 -3.37 -90.31
C LYS A 81 49.10 -3.18 -91.77
N ASP A 82 49.88 -3.77 -92.66
CA ASP A 82 49.61 -3.66 -94.08
C ASP A 82 49.37 -5.03 -94.69
N LEU A 83 49.27 -5.06 -96.01
CA LEU A 83 49.05 -6.29 -96.77
C LEU A 83 49.82 -6.08 -98.07
N LEU A 84 50.18 -4.81 -98.27
CA LEU A 84 50.93 -4.33 -99.44
C LEU A 84 49.95 -3.97 -100.58
N PRO A 85 49.04 -3.02 -100.33
CA PRO A 85 48.03 -2.56 -101.31
C PRO A 85 48.62 -1.69 -102.41
N VAL B 24 60.21 -8.43 -97.41
CA VAL B 24 60.15 -7.54 -96.20
C VAL B 24 58.74 -7.64 -95.61
N ASN B 25 58.04 -8.70 -95.99
CA ASN B 25 56.70 -8.95 -95.47
C ASN B 25 56.89 -9.90 -94.29
N SER B 26 58.17 -10.11 -93.94
CA SER B 26 58.57 -10.95 -92.82
C SER B 26 59.49 -10.12 -91.94
N ASN B 27 58.87 -9.12 -91.33
CA ASN B 27 59.49 -8.18 -90.41
C ASN B 27 58.29 -7.66 -89.60
N ILE B 28 57.10 -7.92 -90.14
CA ILE B 28 55.85 -7.51 -89.51
C ILE B 28 55.15 -8.72 -88.88
N PRO B 29 54.98 -9.83 -89.63
CA PRO B 29 54.32 -10.97 -88.99
C PRO B 29 55.21 -11.40 -87.83
N THR B 30 56.51 -11.22 -88.02
CA THR B 30 57.47 -11.54 -86.99
C THR B 30 57.16 -10.62 -85.82
N ASN B 31 56.77 -9.39 -86.16
CA ASN B 31 56.43 -8.37 -85.19
C ASN B 31 55.10 -8.66 -84.48
N LEU B 32 54.11 -9.18 -85.21
CA LEU B 32 52.83 -9.50 -84.59
C LEU B 32 53.05 -10.70 -83.69
N ARG B 33 54.09 -10.59 -82.87
CA ARG B 33 54.46 -11.62 -81.92
C ARG B 33 53.89 -11.17 -80.59
N VAL B 34 53.53 -9.89 -80.54
CA VAL B 34 52.93 -9.30 -79.34
C VAL B 34 51.62 -10.03 -79.12
N LEU B 35 51.28 -10.90 -80.06
CA LEU B 35 50.07 -11.69 -79.96
C LEU B 35 50.35 -12.83 -78.98
N ARG B 36 51.56 -13.39 -79.00
CA ARG B 36 51.87 -14.44 -78.05
C ARG B 36 51.98 -13.80 -76.67
N SER B 37 52.65 -12.66 -76.59
CA SER B 37 52.79 -11.95 -75.33
C SER B 37 51.43 -11.84 -74.65
N ILE B 38 50.51 -11.11 -75.29
CA ILE B 38 49.17 -10.95 -74.74
C ILE B 38 48.56 -12.30 -74.38
N LEU B 39 48.36 -13.16 -75.38
CA LEU B 39 47.76 -14.47 -75.18
C LEU B 39 48.33 -15.23 -73.98
N GLU B 40 49.57 -14.93 -73.60
CA GLU B 40 50.18 -15.60 -72.47
C GLU B 40 49.73 -14.95 -71.18
N ASN B 41 49.44 -13.65 -71.25
CA ASN B 41 48.98 -12.90 -70.09
C ASN B 41 47.54 -13.32 -69.76
N LEU B 42 46.75 -13.48 -70.80
CA LEU B 42 45.37 -13.88 -70.61
C LEU B 42 45.21 -15.33 -70.19
N ARG B 43 46.33 -16.06 -70.09
CA ARG B 43 46.26 -17.45 -69.65
C ARG B 43 46.85 -17.53 -68.24
N SER B 44 47.48 -16.45 -67.81
CA SER B 44 48.07 -16.40 -66.49
C SER B 44 47.03 -15.72 -65.60
N LYS B 45 46.18 -14.90 -66.22
CA LYS B 45 45.12 -14.19 -65.52
C LYS B 45 44.09 -15.24 -65.15
N ILE B 46 43.62 -15.96 -66.17
CA ILE B 46 42.66 -17.01 -65.99
C ILE B 46 43.14 -17.93 -64.87
N GLN B 47 44.44 -17.87 -64.62
CA GLN B 47 45.04 -18.67 -63.55
C GLN B 47 44.57 -18.11 -62.23
N LYS B 48 44.80 -16.81 -62.01
CA LYS B 48 44.39 -16.17 -60.77
C LYS B 48 42.89 -16.29 -60.56
N LEU B 49 42.14 -15.82 -61.55
CA LEU B 49 40.71 -15.89 -61.45
C LEU B 49 40.19 -17.27 -61.08
N GLU B 50 40.90 -18.30 -61.48
CA GLU B 50 40.43 -19.65 -61.16
C GLU B 50 40.69 -19.96 -59.69
N SER B 51 41.76 -19.37 -59.17
CA SER B 51 42.18 -19.60 -57.79
C SER B 51 41.38 -18.75 -56.82
N ASP B 52 41.04 -17.55 -57.26
CA ASP B 52 40.26 -16.66 -56.44
C ASP B 52 38.91 -17.30 -56.23
N VAL B 53 38.25 -17.65 -57.33
CA VAL B 53 36.94 -18.28 -57.25
C VAL B 53 36.93 -19.54 -56.37
N SER B 54 38.07 -20.22 -56.24
CA SER B 54 38.16 -21.43 -55.41
C SER B 54 38.39 -21.06 -53.97
N ALA B 55 39.16 -20.00 -53.76
CA ALA B 55 39.45 -19.53 -52.42
C ALA B 55 38.13 -19.09 -51.80
N GLN B 56 37.51 -18.09 -52.40
CA GLN B 56 36.24 -17.57 -51.92
C GLN B 56 35.20 -18.65 -51.70
N MET B 57 35.22 -19.67 -52.55
CA MET B 57 34.26 -20.78 -52.48
C MET B 57 34.46 -21.55 -51.15
N GLU B 58 35.69 -21.55 -50.66
CA GLU B 58 36.02 -22.21 -49.42
C GLU B 58 35.50 -21.31 -48.31
N TYR B 59 35.89 -20.02 -48.38
CA TYR B 59 35.46 -19.02 -47.41
C TYR B 59 33.97 -19.15 -47.15
N CYS B 60 33.22 -19.53 -48.18
CA CYS B 60 31.79 -19.66 -48.06
C CYS B 60 31.29 -20.97 -47.53
N ARG B 61 32.19 -21.78 -46.98
CA ARG B 61 31.75 -23.04 -46.41
C ARG B 61 31.19 -22.65 -45.05
N THR B 62 31.55 -21.46 -44.62
CA THR B 62 31.14 -20.89 -43.34
C THR B 62 30.47 -19.52 -43.58
N PRO B 63 29.21 -19.37 -43.15
CA PRO B 63 28.42 -18.14 -43.29
C PRO B 63 28.73 -17.00 -42.33
N CYS B 64 28.28 -15.79 -42.68
CA CYS B 64 28.43 -14.64 -41.77
C CYS B 64 27.24 -14.65 -40.77
N THR B 65 27.49 -14.20 -39.56
CA THR B 65 26.43 -14.22 -38.60
C THR B 65 26.21 -12.91 -37.88
N VAL B 66 24.97 -12.71 -37.47
CA VAL B 66 24.61 -11.53 -36.73
C VAL B 66 23.73 -11.97 -35.57
N SER B 67 23.71 -11.13 -34.54
CA SER B 67 22.89 -11.38 -33.36
C SER B 67 22.21 -10.03 -33.09
N CYS B 68 21.10 -9.78 -33.78
CA CYS B 68 20.42 -8.51 -33.57
C CYS B 68 19.38 -8.63 -32.49
N ASN B 69 19.81 -8.39 -31.26
CA ASN B 69 18.90 -8.44 -30.13
C ASN B 69 17.90 -7.33 -30.36
N ILE B 70 16.63 -7.72 -30.39
CA ILE B 70 15.53 -6.81 -30.68
C ILE B 70 15.27 -5.76 -29.61
N PRO B 71 15.03 -4.51 -30.04
CA PRO B 71 14.75 -3.38 -29.14
C PRO B 71 13.34 -3.53 -28.56
N VAL B 72 13.19 -3.13 -27.31
CA VAL B 72 11.91 -3.23 -26.61
C VAL B 72 10.82 -2.50 -27.38
N VAL B 73 11.02 -1.20 -27.60
CA VAL B 73 10.04 -0.36 -28.27
C VAL B 73 9.71 -0.78 -29.69
N SER B 74 8.47 -0.53 -30.08
CA SER B 74 7.98 -0.90 -31.40
C SER B 74 6.76 -0.08 -31.83
N GLY B 75 6.41 -0.15 -33.12
CA GLY B 75 5.27 0.59 -33.65
C GLY B 75 4.81 0.14 -35.04
N LYS B 76 3.96 0.94 -35.68
CA LYS B 76 3.41 0.65 -37.02
C LYS B 76 4.52 0.77 -38.06
N GLU B 77 5.43 1.71 -37.79
CA GLU B 77 6.56 1.96 -38.64
C GLU B 77 7.52 2.82 -37.82
N CYS B 78 8.56 3.33 -38.44
CA CYS B 78 9.54 4.13 -37.73
C CYS B 78 9.11 5.49 -37.24
N GLU B 79 8.14 6.11 -37.91
CA GLU B 79 7.66 7.41 -37.47
C GLU B 79 7.07 7.24 -36.07
N GLU B 80 6.27 6.21 -35.88
CA GLU B 80 5.67 5.96 -34.58
C GLU B 80 6.74 5.63 -33.52
N ILE B 81 7.80 4.94 -33.93
CA ILE B 81 8.86 4.55 -33.01
C ILE B 81 9.74 5.71 -32.52
N ILE B 82 9.97 6.71 -33.36
CA ILE B 82 10.78 7.85 -32.97
C ILE B 82 9.93 8.64 -31.98
N ARG B 83 8.62 8.63 -32.21
CA ARG B 83 7.67 9.33 -31.36
C ARG B 83 7.55 8.66 -30.00
N LYS B 84 7.68 7.32 -29.97
CA LYS B 84 7.60 6.57 -28.71
C LYS B 84 8.96 6.51 -27.99
N GLY B 85 9.94 7.30 -28.42
CA GLY B 85 11.23 7.30 -27.74
C GLY B 85 12.40 6.60 -28.41
N GLY B 86 12.15 5.89 -29.51
CA GLY B 86 13.22 5.20 -30.20
C GLY B 86 14.07 6.28 -30.85
N GLU B 87 15.08 6.77 -30.14
CA GLU B 87 15.90 7.84 -30.67
C GLU B 87 17.11 7.46 -31.54
N THR B 88 17.71 6.30 -31.28
CA THR B 88 18.87 5.88 -32.05
C THR B 88 18.53 5.02 -33.27
N SER B 89 19.21 5.31 -34.38
CA SER B 89 19.03 4.57 -35.62
C SER B 89 19.64 3.18 -35.46
N GLU B 90 18.81 2.16 -35.72
CA GLU B 90 19.23 0.76 -35.61
C GLU B 90 18.10 -0.14 -36.08
N MET B 91 18.23 -1.44 -35.87
CA MET B 91 17.18 -2.35 -36.30
C MET B 91 16.04 -2.33 -35.28
N TYR B 92 14.81 -2.24 -35.78
CA TYR B 92 13.61 -2.24 -34.94
C TYR B 92 12.62 -3.21 -35.57
N LEU B 93 11.61 -3.58 -34.81
CA LEU B 93 10.61 -4.50 -35.27
C LEU B 93 9.36 -3.64 -35.48
N ILE B 94 8.67 -3.85 -36.59
CA ILE B 94 7.47 -3.09 -36.86
C ILE B 94 6.33 -4.01 -37.26
N GLN B 95 5.12 -3.52 -37.07
CA GLN B 95 3.92 -4.25 -37.40
C GLN B 95 2.89 -3.20 -37.80
N PRO B 96 2.94 -2.78 -39.07
CA PRO B 96 2.01 -1.76 -39.58
C PRO B 96 0.57 -2.27 -39.66
N ASP B 97 0.31 -3.43 -39.07
CA ASP B 97 -1.02 -4.00 -39.11
C ASP B 97 -1.15 -5.19 -38.20
N SER B 98 -2.28 -5.28 -37.50
CA SER B 98 -2.54 -6.38 -36.58
C SER B 98 -2.81 -7.69 -37.31
N SER B 99 -2.52 -7.72 -38.61
CA SER B 99 -2.74 -8.92 -39.39
C SER B 99 -1.47 -9.34 -40.15
N VAL B 100 -0.40 -8.58 -39.97
CA VAL B 100 0.89 -8.87 -40.62
C VAL B 100 1.97 -9.19 -39.58
N LYS B 101 2.61 -10.34 -39.73
CA LYS B 101 3.66 -10.77 -38.81
C LYS B 101 4.73 -9.67 -38.66
N PRO B 102 4.93 -9.17 -37.43
CA PRO B 102 5.94 -8.12 -37.23
C PRO B 102 7.26 -8.51 -37.90
N TYR B 103 7.82 -7.58 -38.67
CA TYR B 103 9.07 -7.82 -39.38
C TYR B 103 10.19 -6.85 -39.05
N ARG B 104 11.42 -7.31 -39.21
CA ARG B 104 12.59 -6.50 -38.90
C ARG B 104 12.79 -5.42 -39.97
N VAL B 105 13.37 -4.30 -39.59
CA VAL B 105 13.60 -3.21 -40.52
C VAL B 105 14.59 -2.23 -39.90
N TYR B 106 15.26 -1.44 -40.72
CA TYR B 106 16.21 -0.47 -40.17
C TYR B 106 15.57 0.89 -40.19
N CYS B 107 15.62 1.57 -39.05
CA CYS B 107 15.04 2.89 -38.96
C CYS B 107 16.13 3.94 -38.91
N ASP B 108 15.88 5.06 -39.58
CA ASP B 108 16.82 6.17 -39.56
C ASP B 108 16.15 7.26 -38.74
N MET B 109 16.69 7.51 -37.56
CA MET B 109 16.13 8.51 -36.66
C MET B 109 16.94 9.81 -36.69
N ASN B 110 17.92 9.89 -37.58
CA ASN B 110 18.74 11.10 -37.64
C ASN B 110 18.56 11.96 -38.89
N THR B 111 18.48 11.34 -40.05
CA THR B 111 18.32 12.13 -41.26
C THR B 111 16.99 12.85 -41.30
N GLU B 112 17.06 14.17 -41.32
CA GLU B 112 15.90 15.03 -41.40
C GLU B 112 14.77 14.61 -40.48
N ASN B 113 14.95 14.91 -39.19
CA ASN B 113 13.97 14.61 -38.15
C ASN B 113 13.66 13.15 -37.89
N GLY B 114 14.42 12.25 -38.52
CA GLY B 114 14.23 10.83 -38.33
C GLY B 114 12.87 10.27 -38.66
N GLY B 115 12.60 9.07 -38.17
CA GLY B 115 11.33 8.42 -38.41
C GLY B 115 11.26 7.72 -39.75
N TRP B 116 12.39 7.67 -40.46
CA TRP B 116 12.47 7.04 -41.79
C TRP B 116 12.58 5.53 -41.81
N THR B 117 11.70 4.90 -42.56
CA THR B 117 11.71 3.45 -42.67
C THR B 117 12.51 3.11 -43.92
N VAL B 118 13.71 2.55 -43.76
CA VAL B 118 14.56 2.22 -44.91
C VAL B 118 14.03 1.08 -45.77
N ILE B 119 13.85 1.39 -47.04
CA ILE B 119 13.33 0.46 -48.01
C ILE B 119 14.42 -0.22 -48.84
N GLN B 120 15.48 0.52 -49.15
CA GLN B 120 16.58 -0.01 -49.95
C GLN B 120 17.88 0.65 -49.52
N ASN B 121 18.98 -0.10 -49.53
CA ASN B 121 20.25 0.49 -49.12
C ASN B 121 21.53 -0.09 -49.76
N ARG B 122 22.42 0.81 -50.22
CA ARG B 122 23.72 0.45 -50.84
C ARG B 122 24.82 1.24 -50.16
N GLN B 123 25.87 0.54 -49.70
CA GLN B 123 26.97 1.21 -49.00
C GLN B 123 28.31 0.55 -49.30
N ASP B 124 28.26 -0.75 -49.57
CA ASP B 124 29.44 -1.53 -49.90
C ASP B 124 28.96 -2.50 -50.96
N GLY B 125 29.73 -3.51 -51.30
CA GLY B 125 29.22 -4.40 -52.33
C GLY B 125 28.86 -5.76 -51.80
N SER B 126 28.38 -5.81 -50.57
CA SER B 126 28.05 -7.06 -49.91
C SER B 126 26.87 -7.86 -50.42
N VAL B 127 26.01 -7.26 -51.23
CA VAL B 127 24.84 -8.01 -51.67
C VAL B 127 24.44 -7.94 -53.14
N ASP B 128 24.20 -9.11 -53.73
CA ASP B 128 23.80 -9.18 -55.13
C ASP B 128 22.36 -8.70 -55.30
N PHE B 129 22.16 -7.67 -56.12
CA PHE B 129 20.81 -7.17 -56.37
C PHE B 129 20.18 -7.70 -57.65
N GLY B 130 20.91 -8.52 -58.39
CA GLY B 130 20.36 -9.06 -59.61
C GLY B 130 19.59 -10.32 -59.30
N ARG B 131 18.33 -10.18 -58.88
CA ARG B 131 17.53 -11.36 -58.56
C ARG B 131 16.22 -11.47 -59.30
N LYS B 132 15.62 -12.65 -59.22
CA LYS B 132 14.37 -12.88 -59.90
C LYS B 132 13.20 -12.18 -59.20
N TRP B 133 12.02 -12.34 -59.79
CA TRP B 133 10.79 -11.73 -59.30
C TRP B 133 10.44 -12.05 -57.84
N ASP B 134 10.58 -13.31 -57.45
CA ASP B 134 10.24 -13.68 -56.07
C ASP B 134 11.12 -13.01 -55.02
N PRO B 135 12.44 -13.12 -55.14
CA PRO B 135 13.26 -12.45 -54.13
C PRO B 135 12.97 -10.95 -53.98
N TYR B 136 12.51 -10.30 -55.03
CA TYR B 136 12.24 -8.87 -54.95
C TYR B 136 10.88 -8.66 -54.31
N LYS B 137 10.12 -9.75 -54.24
CA LYS B 137 8.80 -9.73 -53.67
C LYS B 137 8.94 -9.86 -52.16
N GLN B 138 9.67 -10.90 -51.75
CA GLN B 138 9.91 -11.22 -50.34
C GLN B 138 10.91 -10.34 -49.60
N GLY B 139 11.92 -9.87 -50.32
CA GLY B 139 12.94 -9.05 -49.70
C GLY B 139 14.21 -9.88 -49.61
N PHE B 140 15.37 -9.22 -49.53
CA PHE B 140 16.64 -9.94 -49.43
C PHE B 140 17.73 -9.02 -48.92
N GLY B 141 18.86 -9.62 -48.58
CA GLY B 141 19.97 -8.84 -48.08
C GLY B 141 19.96 -8.82 -46.58
N ASN B 142 20.79 -7.96 -46.00
CA ASN B 142 20.90 -7.86 -44.55
C ASN B 142 20.33 -6.56 -44.05
N VAL B 143 19.33 -6.65 -43.17
CA VAL B 143 18.69 -5.49 -42.58
C VAL B 143 19.74 -4.71 -41.77
N ALA B 144 20.54 -5.42 -40.98
CA ALA B 144 21.56 -4.73 -40.18
C ALA B 144 22.58 -5.69 -39.58
N THR B 145 23.70 -5.13 -39.11
CA THR B 145 24.75 -5.91 -38.50
C THR B 145 25.22 -5.23 -37.22
N ASN B 146 25.81 -6.00 -36.31
CA ASN B 146 26.28 -5.47 -35.05
C ASN B 146 27.36 -4.40 -35.15
N THR B 147 27.33 -3.47 -34.20
CA THR B 147 28.29 -2.37 -34.12
C THR B 147 29.45 -2.79 -33.23
N ASP B 148 29.77 -4.08 -33.27
CA ASP B 148 30.83 -4.68 -32.48
C ASP B 148 31.10 -4.03 -31.11
N GLY B 149 30.92 -4.83 -30.07
CA GLY B 149 31.11 -4.34 -28.72
C GLY B 149 29.71 -4.06 -28.22
N LYS B 150 28.82 -3.77 -29.18
CA LYS B 150 27.44 -3.49 -28.88
C LYS B 150 26.65 -4.76 -29.21
N ASN B 151 25.61 -5.05 -28.42
CA ASN B 151 24.81 -6.24 -28.66
C ASN B 151 23.54 -6.01 -29.49
N TYR B 152 23.55 -4.96 -30.30
CA TYR B 152 22.43 -4.62 -31.18
C TYR B 152 22.98 -4.21 -32.54
N CYS B 153 22.16 -4.34 -33.56
CA CYS B 153 22.60 -4.00 -34.91
C CYS B 153 22.34 -2.53 -35.30
N GLY B 154 23.26 -1.66 -34.90
CA GLY B 154 23.10 -0.25 -35.18
C GLY B 154 23.55 0.12 -36.57
N LEU B 155 24.12 -0.83 -37.29
CA LEU B 155 24.60 -0.59 -38.64
C LEU B 155 23.69 -1.28 -39.63
N PRO B 156 23.20 -0.54 -40.63
CA PRO B 156 22.31 -1.10 -41.67
C PRO B 156 23.10 -1.89 -42.71
N GLY B 157 22.47 -2.91 -43.28
CA GLY B 157 23.13 -3.69 -44.31
C GLY B 157 22.54 -3.31 -45.65
N GLU B 158 22.80 -4.10 -46.68
CA GLU B 158 22.24 -3.80 -47.98
C GLU B 158 21.02 -4.67 -48.14
N TYR B 159 19.92 -4.08 -48.56
CA TYR B 159 18.75 -4.88 -48.73
C TYR B 159 17.68 -4.21 -49.56
N TRP B 160 16.64 -5.00 -49.85
CA TRP B 160 15.48 -4.52 -50.56
C TRP B 160 14.29 -5.13 -49.84
N LEU B 161 13.77 -4.43 -48.85
CA LEU B 161 12.62 -4.93 -48.10
C LEU B 161 11.61 -5.35 -49.17
N GLY B 162 11.12 -6.58 -49.09
CA GLY B 162 10.17 -7.03 -50.09
C GLY B 162 9.24 -6.03 -50.76
N ASN B 163 8.79 -6.34 -51.97
CA ASN B 163 7.88 -5.47 -52.70
C ASN B 163 6.52 -5.45 -52.02
N ASP B 164 6.06 -6.62 -51.61
CA ASP B 164 4.79 -6.71 -50.90
C ASP B 164 4.78 -5.77 -49.68
N LYS B 165 5.84 -5.87 -48.87
CA LYS B 165 5.93 -5.04 -47.68
C LYS B 165 6.03 -3.56 -47.98
N ILE B 166 6.63 -3.21 -49.12
CA ILE B 166 6.77 -1.80 -49.48
C ILE B 166 5.45 -1.27 -50.04
N SER B 167 4.73 -2.14 -50.71
CA SER B 167 3.43 -1.79 -51.28
C SER B 167 2.46 -1.50 -50.15
N GLN B 168 2.26 -2.48 -49.28
CA GLN B 168 1.35 -2.35 -48.14
C GLN B 168 1.69 -1.12 -47.31
N LEU B 169 2.97 -0.92 -47.07
CA LEU B 169 3.43 0.21 -46.29
C LEU B 169 3.08 1.57 -46.90
N THR B 170 3.10 1.68 -48.23
CA THR B 170 2.77 2.96 -48.87
C THR B 170 1.28 3.15 -49.01
N ARG B 171 0.52 2.06 -48.91
CA ARG B 171 -0.92 2.15 -49.03
C ARG B 171 -1.66 2.20 -47.69
N MET B 172 -1.00 2.71 -46.66
CA MET B 172 -1.60 2.85 -45.33
C MET B 172 -2.09 4.29 -45.19
N GLY B 173 -1.69 5.12 -46.15
CA GLY B 173 -2.06 6.52 -46.15
C GLY B 173 -0.99 7.33 -46.86
N PRO B 174 -1.12 8.66 -46.91
CA PRO B 174 -0.08 9.41 -47.61
C PRO B 174 1.32 8.97 -47.15
N THR B 175 2.28 8.87 -48.08
CA THR B 175 3.64 8.46 -47.74
C THR B 175 4.68 9.22 -48.56
N GLU B 176 5.66 9.82 -47.91
CA GLU B 176 6.69 10.53 -48.63
C GLU B 176 7.94 9.63 -48.80
N LEU B 177 8.72 9.85 -49.86
CA LEU B 177 9.92 9.06 -50.14
C LEU B 177 11.19 9.91 -50.20
N LEU B 178 12.22 9.49 -49.48
CA LEU B 178 13.48 10.20 -49.46
C LEU B 178 14.55 9.31 -50.08
N ILE B 179 15.22 9.81 -51.11
CA ILE B 179 16.28 9.05 -51.79
C ILE B 179 17.57 9.83 -51.64
N GLU B 180 18.56 9.18 -51.03
CA GLU B 180 19.83 9.85 -50.81
C GLU B 180 20.92 9.07 -51.51
N MET B 181 22.05 9.74 -51.73
CA MET B 181 23.20 9.11 -52.38
C MET B 181 24.43 9.96 -52.12
N GLU B 182 25.59 9.35 -52.30
CA GLU B 182 26.86 10.01 -52.08
C GLU B 182 27.86 9.44 -53.08
N ASP B 183 28.77 10.27 -53.60
CA ASP B 183 29.75 9.75 -54.54
C ASP B 183 30.99 9.28 -53.80
N TRP B 184 31.97 8.73 -54.51
CA TRP B 184 33.19 8.23 -53.87
C TRP B 184 34.15 9.33 -53.41
N LYS B 185 33.63 10.53 -53.19
CA LYS B 185 34.46 11.64 -52.75
C LYS B 185 33.88 12.35 -51.52
N GLY B 186 32.62 12.09 -51.23
CA GLY B 186 31.99 12.69 -50.06
C GLY B 186 30.70 13.47 -50.32
N ASP B 187 30.52 13.96 -51.53
CA ASP B 187 29.33 14.73 -51.85
C ASP B 187 28.03 13.93 -51.75
N LYS B 188 27.02 14.51 -51.12
CA LYS B 188 25.72 13.87 -51.01
C LYS B 188 24.75 14.75 -51.78
N VAL B 189 23.62 14.17 -52.21
CA VAL B 189 22.56 14.92 -52.90
C VAL B 189 21.29 14.18 -52.56
N LYS B 190 20.18 14.89 -52.48
CA LYS B 190 18.92 14.25 -52.14
C LYS B 190 17.92 14.27 -53.28
N ALA B 191 16.82 13.58 -53.07
CA ALA B 191 15.74 13.51 -54.03
C ALA B 191 14.54 13.16 -53.20
N HIS B 192 13.72 14.16 -52.89
CA HIS B 192 12.54 13.94 -52.07
C HIS B 192 11.28 13.94 -52.93
N TYR B 193 10.38 13.00 -52.64
CA TYR B 193 9.11 12.87 -53.36
C TYR B 193 7.98 12.82 -52.35
N GLY B 194 7.39 13.98 -52.05
CA GLY B 194 6.32 14.07 -51.08
C GLY B 194 5.12 13.16 -51.25
N GLY B 195 5.10 12.41 -52.35
CA GLY B 195 4.01 11.51 -52.63
C GLY B 195 4.59 10.26 -53.24
N PHE B 196 4.27 9.10 -52.66
CA PHE B 196 4.82 7.86 -53.15
C PHE B 196 3.96 6.66 -52.78
N THR B 197 3.53 5.89 -53.77
CA THR B 197 2.74 4.71 -53.51
C THR B 197 3.24 3.57 -54.41
N VAL B 198 2.89 2.33 -54.08
CA VAL B 198 3.32 1.17 -54.86
C VAL B 198 2.23 0.10 -54.82
N GLN B 199 1.59 -0.14 -55.96
CA GLN B 199 0.50 -1.10 -55.98
C GLN B 199 0.93 -2.49 -55.59
N ASN B 200 -0.03 -3.40 -55.49
CA ASN B 200 0.24 -4.76 -55.11
C ASN B 200 0.83 -5.53 -56.29
N GLU B 201 1.06 -6.83 -56.12
CA GLU B 201 1.65 -7.65 -57.17
C GLU B 201 0.76 -7.81 -58.39
N ALA B 202 -0.56 -7.80 -58.20
CA ALA B 202 -1.51 -7.94 -59.30
C ALA B 202 -1.42 -6.77 -60.27
N ASN B 203 -0.94 -5.64 -59.76
CA ASN B 203 -0.77 -4.46 -60.58
C ASN B 203 0.72 -4.26 -60.84
N LYS B 204 1.45 -5.38 -60.81
CA LYS B 204 2.89 -5.38 -61.05
C LYS B 204 3.65 -4.35 -60.23
N TYR B 205 3.22 -4.12 -58.99
CA TYR B 205 3.90 -3.17 -58.11
C TYR B 205 4.15 -1.80 -58.73
N GLN B 206 3.28 -1.43 -59.67
CA GLN B 206 3.39 -0.15 -60.35
C GLN B 206 3.72 0.99 -59.41
N ILE B 207 4.73 1.78 -59.74
CA ILE B 207 5.12 2.89 -58.88
C ILE B 207 4.41 4.16 -59.32
N SER B 208 4.50 5.19 -58.47
CA SER B 208 3.88 6.47 -58.72
C SER B 208 4.40 7.46 -57.68
N VAL B 209 4.82 8.65 -58.11
CA VAL B 209 5.34 9.66 -57.20
C VAL B 209 4.96 11.08 -57.63
N ASN B 210 5.22 12.03 -56.73
CA ASN B 210 4.95 13.45 -57.00
C ASN B 210 5.57 14.33 -55.93
N LYS B 211 5.45 15.64 -56.13
CA LYS B 211 6.02 16.60 -55.19
C LYS B 211 7.52 16.31 -55.05
N TYR B 212 8.32 16.85 -55.96
CA TYR B 212 9.76 16.66 -55.97
C TYR B 212 10.53 17.85 -55.45
N ARG B 213 11.59 17.58 -54.68
CA ARG B 213 12.46 18.60 -54.15
C ARG B 213 13.87 18.09 -54.38
N GLY B 214 14.67 18.01 -53.33
CA GLY B 214 16.02 17.48 -53.50
C GLY B 214 16.91 18.23 -54.47
N THR B 215 18.17 17.79 -54.51
CA THR B 215 19.22 18.39 -55.35
C THR B 215 19.95 17.31 -56.14
N ALA B 216 19.20 16.32 -56.62
CA ALA B 216 19.80 15.23 -57.39
C ALA B 216 19.20 15.13 -58.79
N GLY B 217 18.03 15.74 -58.99
CA GLY B 217 17.41 15.71 -60.30
C GLY B 217 16.25 14.76 -60.34
N ASN B 218 15.06 15.29 -60.64
CA ASN B 218 13.85 14.48 -60.70
C ASN B 218 13.88 13.47 -61.83
N ALA B 219 14.70 12.44 -61.68
CA ALA B 219 14.84 11.40 -62.68
C ALA B 219 13.58 10.56 -62.78
N LEU B 220 13.05 10.17 -61.63
CA LEU B 220 11.86 9.35 -61.63
C LEU B 220 10.72 9.99 -62.40
N MET B 221 10.62 11.31 -62.33
CA MET B 221 9.54 12.00 -63.01
C MET B 221 9.88 12.54 -64.39
N ASP B 222 10.94 13.31 -64.51
CA ASP B 222 11.30 13.88 -65.81
C ASP B 222 12.39 13.15 -66.60
N GLY B 223 12.59 11.85 -66.37
CA GLY B 223 13.64 11.15 -67.10
C GLY B 223 14.98 11.83 -66.89
N ALA B 224 16.01 11.42 -67.61
CA ALA B 224 17.33 12.03 -67.44
C ALA B 224 17.41 13.42 -68.09
N SER B 225 17.87 14.40 -67.33
CA SER B 225 17.97 15.77 -67.81
C SER B 225 19.00 16.03 -68.89
N GLN B 226 19.77 15.02 -69.26
CA GLN B 226 20.81 15.20 -70.27
C GLN B 226 20.54 14.62 -71.65
N LEU B 227 19.28 14.31 -71.97
CA LEU B 227 18.95 13.77 -73.29
C LEU B 227 17.64 14.31 -73.84
N MET B 228 17.74 15.09 -74.91
CA MET B 228 16.58 15.72 -75.54
C MET B 228 15.67 14.76 -76.30
N GLY B 229 14.46 15.22 -76.58
CA GLY B 229 13.48 14.43 -77.32
C GLY B 229 12.96 13.18 -76.67
N GLU B 230 12.48 12.25 -77.50
CA GLU B 230 11.92 11.00 -77.02
C GLU B 230 12.90 10.24 -76.12
N ASN B 231 14.19 10.43 -76.37
CA ASN B 231 15.21 9.76 -75.57
C ASN B 231 15.04 10.02 -74.07
N ARG B 232 14.55 11.21 -73.71
CA ARG B 232 14.35 11.55 -72.30
C ARG B 232 13.06 10.94 -71.74
N THR B 233 11.96 11.15 -72.44
CA THR B 233 10.69 10.62 -71.97
C THR B 233 10.75 9.11 -71.77
N MET B 234 11.52 8.40 -72.58
CA MET B 234 11.58 6.95 -72.42
C MET B 234 12.38 6.53 -71.18
N THR B 235 12.90 7.49 -70.43
CA THR B 235 13.66 7.16 -69.24
C THR B 235 12.95 7.63 -67.98
N ILE B 236 11.63 7.60 -68.01
CA ILE B 236 10.80 8.01 -66.88
C ILE B 236 10.28 6.77 -66.14
N HIS B 237 10.54 6.70 -64.84
CA HIS B 237 10.11 5.55 -64.05
C HIS B 237 8.70 5.71 -63.53
N ASN B 238 8.36 6.95 -63.20
CA ASN B 238 7.03 7.25 -62.72
C ASN B 238 5.95 6.57 -63.57
N GLY B 239 5.11 5.77 -62.94
CA GLY B 239 4.05 5.09 -63.66
C GLY B 239 4.45 3.77 -64.24
N MET B 240 5.74 3.47 -64.20
CA MET B 240 6.27 2.23 -64.75
C MET B 240 6.03 1.03 -63.86
N PHE B 241 5.93 -0.14 -64.46
CA PHE B 241 5.74 -1.36 -63.69
C PHE B 241 7.08 -1.79 -63.13
N PHE B 242 7.09 -2.91 -62.44
CA PHE B 242 8.33 -3.40 -61.86
C PHE B 242 8.74 -4.61 -62.67
N SER B 243 10.05 -4.77 -62.86
CA SER B 243 10.56 -5.89 -63.62
C SER B 243 11.87 -6.45 -63.04
N THR B 244 12.03 -7.77 -63.20
CA THR B 244 13.21 -8.48 -62.78
C THR B 244 13.64 -9.25 -64.03
N TYR B 245 14.91 -9.63 -64.12
CA TYR B 245 15.37 -10.29 -65.32
C TYR B 245 14.54 -11.48 -65.73
N ASP B 246 13.76 -12.01 -64.81
CA ASP B 246 12.95 -13.17 -65.16
C ASP B 246 11.48 -12.81 -65.32
N ARG B 247 11.18 -11.52 -65.27
CA ARG B 247 9.80 -11.05 -65.41
C ARG B 247 9.85 -9.70 -66.15
N ASP B 248 9.35 -9.71 -67.38
CA ASP B 248 9.37 -8.53 -68.22
C ASP B 248 8.16 -7.62 -68.10
N ASN B 249 8.35 -6.43 -67.53
CA ASN B 249 7.26 -5.45 -67.41
C ASN B 249 7.77 -4.08 -67.80
N ASP B 250 8.90 -4.03 -68.50
CA ASP B 250 9.43 -2.74 -68.91
C ASP B 250 8.67 -2.17 -70.11
N GLY B 251 9.06 -0.97 -70.54
CA GLY B 251 8.39 -0.34 -71.66
C GLY B 251 9.19 -0.37 -72.94
N TRP B 252 9.92 -1.46 -73.13
CA TRP B 252 10.74 -1.65 -74.30
C TRP B 252 10.22 -2.89 -75.01
N LEU B 253 9.23 -2.70 -75.87
CA LEU B 253 8.60 -3.79 -76.61
C LEU B 253 9.54 -4.47 -77.61
N THR B 254 9.77 -5.77 -77.42
CA THR B 254 10.61 -6.54 -78.33
C THR B 254 10.54 -8.03 -78.04
N SER B 255 10.43 -8.82 -79.11
CA SER B 255 10.34 -10.27 -79.00
C SER B 255 11.70 -10.92 -78.76
N ASP B 256 12.77 -10.13 -78.80
CA ASP B 256 14.12 -10.64 -78.56
C ASP B 256 14.32 -10.76 -77.06
N PRO B 257 14.24 -11.97 -76.53
CA PRO B 257 14.39 -12.26 -75.10
C PRO B 257 15.64 -11.69 -74.45
N ARG B 258 16.61 -11.30 -75.24
CA ARG B 258 17.83 -10.75 -74.69
C ARG B 258 17.73 -9.25 -74.51
N LYS B 259 16.74 -8.65 -75.17
CA LYS B 259 16.56 -7.21 -75.06
C LYS B 259 15.51 -6.83 -74.03
N GLN B 260 15.93 -6.83 -72.77
CA GLN B 260 15.06 -6.49 -71.65
C GLN B 260 15.85 -5.68 -70.63
N CYS B 261 15.36 -4.48 -70.33
CA CYS B 261 16.03 -3.60 -69.38
C CYS B 261 16.60 -4.27 -68.13
N SER B 262 15.89 -5.26 -67.58
CA SER B 262 16.38 -5.92 -66.37
C SER B 262 17.56 -6.88 -66.67
N LYS B 263 17.47 -7.60 -67.78
CA LYS B 263 18.53 -8.52 -68.20
C LYS B 263 19.85 -7.75 -68.26
N GLU B 264 19.83 -6.64 -69.00
CA GLU B 264 20.97 -5.74 -69.11
C GLU B 264 20.68 -4.85 -67.92
N ASP B 265 21.46 -3.80 -67.69
CA ASP B 265 21.20 -2.91 -66.55
C ASP B 265 21.27 -3.59 -65.15
N GLY B 266 21.09 -4.91 -65.14
CA GLY B 266 21.22 -5.72 -63.94
C GLY B 266 20.47 -5.60 -62.63
N GLY B 267 19.34 -4.90 -62.60
CA GLY B 267 18.63 -4.82 -61.33
C GLY B 267 17.18 -5.25 -61.40
N GLY B 268 16.47 -4.99 -60.30
CA GLY B 268 15.04 -5.27 -60.21
C GLY B 268 14.61 -3.82 -60.08
N TRP B 269 13.81 -3.31 -61.01
CA TRP B 269 13.41 -1.91 -60.93
C TRP B 269 12.25 -1.54 -61.84
N TRP B 270 11.77 -0.32 -61.69
CA TRP B 270 10.67 0.17 -62.52
C TRP B 270 11.32 0.73 -63.79
N TYR B 271 11.73 -0.20 -64.66
CA TYR B 271 12.38 0.13 -65.92
C TYR B 271 11.34 0.57 -66.96
N ASN B 272 11.76 1.41 -67.91
CA ASN B 272 10.86 1.89 -68.95
C ASN B 272 11.55 2.13 -70.28
N ARG B 273 12.55 1.33 -70.61
CA ARG B 273 13.27 1.50 -71.88
C ARG B 273 14.31 2.64 -71.91
N CYS B 274 15.17 2.74 -70.90
CA CYS B 274 15.17 1.82 -69.77
C CYS B 274 15.13 2.55 -68.45
N HIS B 275 16.09 3.45 -68.24
CA HIS B 275 16.13 4.18 -66.99
C HIS B 275 16.88 5.50 -67.05
N ALA B 276 16.71 6.28 -66.00
CA ALA B 276 17.38 7.57 -65.86
C ALA B 276 18.00 7.41 -64.49
N ALA B 277 17.44 6.46 -63.72
CA ALA B 277 17.90 6.16 -62.38
C ALA B 277 17.99 4.64 -62.30
N ASN B 278 19.00 4.12 -61.61
CA ASN B 278 19.15 2.67 -61.55
C ASN B 278 19.71 2.13 -60.23
N PRO B 279 19.06 2.45 -59.09
CA PRO B 279 19.53 1.95 -57.79
C PRO B 279 19.30 0.47 -57.98
N ASN B 280 19.94 -0.39 -57.21
CA ASN B 280 19.76 -1.84 -57.43
C ASN B 280 20.69 -2.27 -58.56
N GLY B 281 21.40 -1.31 -59.16
CA GLY B 281 22.33 -1.63 -60.23
C GLY B 281 23.56 -2.34 -59.68
N ARG B 282 24.54 -2.62 -60.53
CA ARG B 282 25.77 -3.30 -60.11
C ARG B 282 26.71 -2.38 -59.33
N TYR B 283 27.28 -2.87 -58.23
CA TYR B 283 28.14 -2.04 -57.42
C TYR B 283 29.57 -1.98 -57.96
N TYR B 284 29.79 -0.99 -58.83
CA TYR B 284 31.09 -0.76 -59.43
C TYR B 284 31.95 -0.01 -58.43
N TRP B 285 32.96 -0.69 -57.90
CA TRP B 285 33.87 -0.11 -56.93
C TRP B 285 34.69 1.00 -57.55
N GLY B 286 34.87 2.08 -56.81
CA GLY B 286 35.67 3.18 -57.32
C GLY B 286 34.85 4.33 -57.86
N GLY B 287 33.70 4.01 -58.45
CA GLY B 287 32.84 5.05 -59.00
C GLY B 287 32.74 5.04 -60.52
N GLN B 288 33.83 5.45 -61.18
CA GLN B 288 33.88 5.49 -62.63
C GLN B 288 33.98 4.09 -63.22
N TYR B 289 33.23 3.84 -64.29
CA TYR B 289 33.27 2.56 -64.97
C TYR B 289 32.89 2.82 -66.43
N THR B 290 33.14 1.86 -67.32
CA THR B 290 32.83 2.07 -68.74
C THR B 290 32.19 0.89 -69.47
N TRP B 291 31.53 1.20 -70.57
CA TRP B 291 30.84 0.20 -71.37
C TRP B 291 31.64 -1.08 -71.57
N ASP B 292 32.94 -0.97 -71.76
CA ASP B 292 33.75 -2.17 -71.97
C ASP B 292 34.08 -2.86 -70.65
N MET B 293 33.25 -2.64 -69.64
CA MET B 293 33.43 -3.27 -68.33
C MET B 293 32.10 -3.94 -67.96
N ALA B 294 31.01 -3.42 -68.52
CA ALA B 294 29.68 -3.92 -68.25
C ALA B 294 29.31 -5.20 -69.01
N LYS B 295 28.78 -6.17 -68.27
CA LYS B 295 28.35 -7.46 -68.79
C LYS B 295 27.77 -7.36 -70.19
N HIS B 296 26.71 -6.58 -70.34
CA HIS B 296 26.05 -6.44 -71.64
C HIS B 296 26.38 -5.09 -72.27
N GLY B 297 27.38 -4.40 -71.71
CA GLY B 297 27.77 -3.11 -72.25
C GLY B 297 26.82 -1.95 -72.07
N THR B 298 25.86 -2.06 -71.15
CA THR B 298 24.92 -0.98 -70.89
C THR B 298 25.37 -0.27 -69.63
N ASP B 299 24.68 0.79 -69.23
CA ASP B 299 25.09 1.49 -68.02
C ASP B 299 24.43 0.96 -66.75
N ASP B 300 24.66 -0.32 -66.44
CA ASP B 300 24.11 -0.88 -65.22
C ASP B 300 24.94 -0.22 -64.12
N GLY B 301 24.74 -0.53 -62.85
CA GLY B 301 25.55 0.15 -61.85
C GLY B 301 24.69 1.18 -61.16
N VAL B 302 24.96 1.41 -59.88
CA VAL B 302 24.20 2.36 -59.06
C VAL B 302 24.28 3.75 -59.70
N VAL B 303 23.30 4.02 -60.57
CA VAL B 303 23.28 5.26 -61.34
C VAL B 303 22.12 6.24 -61.19
N TRP B 304 22.49 7.51 -61.11
CA TRP B 304 21.53 8.58 -61.02
C TRP B 304 22.06 9.57 -62.04
N MET B 305 21.53 9.48 -63.25
CA MET B 305 21.96 10.30 -64.36
C MET B 305 21.93 11.82 -64.18
N ASN B 306 20.79 12.35 -63.75
CA ASN B 306 20.67 13.79 -63.60
C ASN B 306 21.72 14.38 -62.67
N TRP B 307 22.54 13.54 -62.03
CA TRP B 307 23.58 14.03 -61.13
C TRP B 307 25.03 13.71 -61.52
N LYS B 308 25.34 12.43 -61.68
CA LYS B 308 26.72 12.04 -62.00
C LYS B 308 26.98 11.33 -63.31
N GLY B 309 26.11 11.52 -64.30
CA GLY B 309 26.36 10.89 -65.57
C GLY B 309 25.68 9.55 -65.73
N SER B 310 26.27 8.67 -66.51
CA SER B 310 25.70 7.36 -66.76
C SER B 310 26.75 6.30 -66.48
N TRP B 311 27.98 6.74 -66.40
CA TRP B 311 29.10 5.86 -66.15
C TRP B 311 29.73 6.14 -64.80
N TYR B 312 28.87 6.29 -63.80
CA TYR B 312 29.31 6.53 -62.43
C TYR B 312 28.38 5.75 -61.51
N SER B 313 28.96 4.82 -60.77
CA SER B 313 28.19 4.01 -59.84
C SER B 313 28.41 4.63 -58.45
N MET B 314 27.31 4.92 -57.78
CA MET B 314 27.36 5.54 -56.44
C MET B 314 27.99 4.68 -55.36
N ARG B 315 28.70 5.32 -54.45
CA ARG B 315 29.30 4.59 -53.33
C ARG B 315 28.15 4.27 -52.38
N LYS B 316 27.31 5.27 -52.09
CA LYS B 316 26.15 5.10 -51.21
C LYS B 316 24.88 5.60 -51.86
N MET B 317 23.82 4.80 -51.76
CA MET B 317 22.52 5.11 -52.37
C MET B 317 21.40 4.41 -51.59
N SER B 318 20.44 5.17 -51.08
CA SER B 318 19.36 4.56 -50.31
C SER B 318 17.98 5.09 -50.61
N MET B 319 16.97 4.37 -50.12
CA MET B 319 15.57 4.72 -50.28
C MET B 319 14.84 4.48 -48.95
N LYS B 320 14.34 5.55 -48.36
CA LYS B 320 13.60 5.44 -47.10
C LYS B 320 12.22 6.13 -47.20
N ILE B 321 11.28 5.73 -46.35
CA ILE B 321 9.93 6.32 -46.36
C ILE B 321 9.41 6.75 -44.99
N ARG B 322 8.32 7.51 -45.00
CA ARG B 322 7.69 8.03 -43.80
C ARG B 322 6.24 8.31 -44.15
N PRO B 323 5.34 8.29 -43.16
CA PRO B 323 3.91 8.54 -43.40
C PRO B 323 3.51 9.94 -43.88
N PHE B 324 4.38 10.92 -43.71
CA PHE B 324 4.10 12.28 -44.16
C PHE B 324 3.10 13.01 -43.27
N PHE B 325 2.30 12.26 -42.53
CA PHE B 325 1.30 12.80 -41.61
C PHE B 325 0.97 14.28 -41.82
N HIS C 15 58.15 -20.54 -89.34
CA HIS C 15 57.39 -19.25 -89.30
C HIS C 15 55.87 -19.49 -89.33
N ASP C 16 55.46 -20.58 -89.96
CA ASP C 16 54.05 -20.92 -90.01
C ASP C 16 53.82 -21.73 -88.74
N SER C 17 54.82 -21.68 -87.86
CA SER C 17 54.79 -22.36 -86.59
C SER C 17 54.05 -21.47 -85.60
N SER C 18 54.22 -20.17 -85.79
CA SER C 18 53.58 -19.15 -84.95
C SER C 18 52.06 -19.43 -84.82
N ILE C 19 51.36 -19.35 -85.95
CA ILE C 19 49.91 -19.57 -86.00
C ILE C 19 49.49 -20.98 -85.54
N ARG C 20 50.45 -21.73 -85.01
CA ARG C 20 50.15 -23.07 -84.54
C ARG C 20 49.93 -23.04 -83.02
N TYR C 21 50.83 -22.38 -82.31
CA TYR C 21 50.73 -22.25 -80.85
C TYR C 21 49.50 -21.41 -80.55
N LEU C 22 49.67 -20.11 -80.78
CA LEU C 22 48.66 -19.09 -80.56
C LEU C 22 47.25 -19.54 -80.89
N GLN C 23 47.04 -19.99 -82.12
CA GLN C 23 45.72 -20.45 -82.53
C GLN C 23 45.12 -21.38 -81.45
N GLU C 24 45.96 -22.19 -80.79
CA GLU C 24 45.50 -23.12 -79.76
C GLU C 24 45.55 -22.55 -78.34
N ILE C 25 46.55 -21.70 -78.07
CA ILE C 25 46.71 -21.10 -76.75
C ILE C 25 45.55 -20.15 -76.49
N TYR C 26 44.99 -19.65 -77.58
CA TYR C 26 43.85 -18.75 -77.52
C TYR C 26 42.58 -19.59 -77.47
N ASN C 27 42.64 -20.79 -78.05
CA ASN C 27 41.50 -21.71 -78.09
C ASN C 27 41.23 -22.42 -76.76
N SER C 28 42.21 -23.20 -76.31
CA SER C 28 42.08 -23.93 -75.05
C SER C 28 41.85 -22.96 -73.90
N ASN C 29 42.66 -21.91 -73.83
CA ASN C 29 42.52 -20.94 -72.74
C ASN C 29 41.19 -20.18 -72.89
N ASN C 30 40.60 -20.29 -74.07
CA ASN C 30 39.30 -19.69 -74.38
C ASN C 30 38.22 -20.66 -73.91
N GLN C 31 38.54 -21.94 -73.86
CA GLN C 31 37.57 -22.90 -73.37
C GLN C 31 37.67 -22.87 -71.83
N LYS C 32 38.85 -22.52 -71.32
CA LYS C 32 39.08 -22.41 -69.88
C LYS C 32 38.00 -21.48 -69.34
N ILE C 33 37.76 -20.40 -70.10
CA ILE C 33 36.77 -19.38 -69.77
C ILE C 33 35.34 -19.89 -69.69
N VAL C 34 34.91 -20.64 -70.69
CA VAL C 34 33.56 -21.18 -70.68
C VAL C 34 33.34 -21.86 -69.33
N ASN C 35 34.35 -22.59 -68.89
CA ASN C 35 34.30 -23.30 -67.61
C ASN C 35 34.37 -22.33 -66.45
N LEU C 36 35.17 -21.28 -66.59
CA LEU C 36 35.30 -20.30 -65.52
C LEU C 36 33.96 -19.59 -65.28
N LYS C 37 33.29 -19.17 -66.35
CA LYS C 37 32.00 -18.50 -66.21
C LYS C 37 30.98 -19.44 -65.61
N GLU C 38 31.20 -20.73 -65.82
CA GLU C 38 30.29 -21.76 -65.31
C GLU C 38 30.47 -21.93 -63.81
N LYS C 39 31.72 -21.96 -63.37
CA LYS C 39 32.04 -22.10 -61.97
C LYS C 39 31.68 -20.83 -61.20
N VAL C 40 31.80 -19.68 -61.85
CA VAL C 40 31.47 -18.41 -61.23
C VAL C 40 29.97 -18.31 -61.00
N ALA C 41 29.18 -19.01 -61.82
CA ALA C 41 27.72 -18.99 -61.67
C ALA C 41 27.32 -19.83 -60.49
N GLN C 42 28.16 -20.79 -60.13
CA GLN C 42 27.90 -21.65 -58.98
C GLN C 42 28.36 -20.91 -57.71
N LEU C 43 29.24 -19.93 -57.88
CA LEU C 43 29.72 -19.16 -56.76
C LEU C 43 28.59 -18.23 -56.35
N GLU C 44 28.05 -17.54 -57.35
CA GLU C 44 26.96 -16.59 -57.17
C GLU C 44 25.74 -17.20 -56.48
N ALA C 45 25.68 -18.54 -56.42
CA ALA C 45 24.56 -19.22 -55.79
C ALA C 45 24.65 -19.18 -54.29
N GLN C 46 25.79 -19.60 -53.74
CA GLN C 46 26.00 -19.59 -52.30
C GLN C 46 25.75 -18.21 -51.71
N CYS C 47 26.40 -17.21 -52.29
CA CYS C 47 26.30 -15.84 -51.84
C CYS C 47 24.94 -15.13 -51.95
N GLN C 48 23.86 -15.89 -51.92
CA GLN C 48 22.51 -15.30 -51.97
C GLN C 48 21.96 -15.19 -50.56
N GLU C 49 22.26 -16.19 -49.73
CA GLU C 49 21.81 -16.20 -48.35
C GLU C 49 22.25 -14.97 -47.55
N PRO C 50 21.40 -14.52 -46.64
CA PRO C 50 21.73 -13.35 -45.83
C PRO C 50 22.57 -13.86 -44.66
N CYS C 51 23.15 -12.98 -43.85
CA CYS C 51 23.87 -13.48 -42.68
C CYS C 51 22.83 -14.09 -41.73
N LYS C 52 23.11 -15.29 -41.25
CA LYS C 52 22.19 -15.99 -40.36
C LYS C 52 22.08 -15.23 -39.04
N ASP C 53 20.87 -14.77 -38.72
CA ASP C 53 20.65 -14.04 -37.48
C ASP C 53 20.36 -14.99 -36.32
N THR C 54 21.04 -14.75 -35.20
CA THR C 54 20.89 -15.56 -34.00
C THR C 54 19.52 -15.35 -33.34
N VAL C 55 19.18 -14.11 -33.04
CA VAL C 55 17.90 -13.85 -32.40
C VAL C 55 16.73 -14.29 -33.27
N GLN C 56 15.86 -15.12 -32.68
CA GLN C 56 14.66 -15.63 -33.33
C GLN C 56 13.55 -15.54 -32.29
N ILE C 57 12.31 -15.63 -32.74
CA ILE C 57 11.16 -15.53 -31.85
C ILE C 57 10.30 -16.75 -32.00
N HIS C 58 9.82 -17.33 -30.91
CA HIS C 58 8.97 -18.53 -30.99
C HIS C 58 7.59 -18.19 -31.53
N ASP C 59 6.88 -19.20 -32.01
CA ASP C 59 5.54 -18.99 -32.58
C ASP C 59 4.38 -19.02 -31.57
N ILE C 60 4.55 -19.76 -30.48
CA ILE C 60 3.53 -19.84 -29.45
C ILE C 60 3.35 -18.46 -28.82
N THR C 61 2.09 -18.03 -28.70
CA THR C 61 1.78 -16.72 -28.13
C THR C 61 0.70 -16.88 -27.08
N GLY C 62 0.39 -15.80 -26.36
CA GLY C 62 -0.64 -15.87 -25.33
C GLY C 62 -0.92 -14.57 -24.61
N LYS C 63 -1.64 -14.70 -23.49
CA LYS C 63 -2.02 -13.56 -22.66
C LYS C 63 -0.78 -12.99 -22.00
N ASP C 64 0.10 -13.89 -21.55
CA ASP C 64 1.36 -13.52 -20.91
C ASP C 64 2.28 -14.72 -20.91
N CYS C 65 3.36 -14.69 -20.14
CA CYS C 65 4.28 -15.82 -20.16
C CYS C 65 3.71 -17.07 -19.53
N GLN C 66 2.82 -16.89 -18.56
CA GLN C 66 2.20 -18.05 -17.92
C GLN C 66 1.29 -18.71 -18.94
N ASP C 67 0.43 -17.90 -19.57
CA ASP C 67 -0.50 -18.39 -20.59
C ASP C 67 0.27 -19.24 -21.61
N ILE C 68 1.41 -18.72 -22.05
CA ILE C 68 2.27 -19.41 -23.01
C ILE C 68 2.80 -20.73 -22.42
N ALA C 69 3.33 -20.65 -21.20
CA ALA C 69 3.87 -21.82 -20.52
C ALA C 69 2.82 -22.91 -20.41
N ASN C 70 1.60 -22.51 -20.03
CA ASN C 70 0.52 -23.46 -19.88
C ASN C 70 0.01 -23.93 -21.23
N LYS C 71 0.64 -23.47 -22.29
CA LYS C 71 0.23 -23.83 -23.64
C LYS C 71 1.25 -24.75 -24.30
N GLY C 72 2.32 -25.08 -23.58
CA GLY C 72 3.33 -25.95 -24.15
C GLY C 72 4.76 -25.41 -24.23
N ALA C 73 4.94 -24.10 -24.13
CA ALA C 73 6.28 -23.53 -24.20
C ALA C 73 7.19 -24.25 -23.20
N LYS C 74 8.51 -24.22 -23.42
CA LYS C 74 9.42 -24.89 -22.50
C LYS C 74 10.77 -24.20 -22.30
N GLN C 75 11.21 -23.45 -23.30
CA GLN C 75 12.51 -22.78 -23.22
C GLN C 75 12.45 -21.26 -23.08
N SER C 76 13.12 -20.73 -22.08
CA SER C 76 13.15 -19.30 -21.85
C SER C 76 13.50 -18.66 -23.20
N GLY C 77 12.86 -17.55 -23.52
CA GLY C 77 13.16 -16.89 -24.78
C GLY C 77 12.20 -15.77 -25.10
N LEU C 78 12.22 -15.31 -26.35
CA LEU C 78 11.36 -14.22 -26.75
C LEU C 78 10.06 -14.73 -27.42
N TYR C 79 8.93 -14.16 -26.99
CA TYR C 79 7.61 -14.50 -27.53
C TYR C 79 6.77 -13.22 -27.59
N PHE C 80 5.61 -13.31 -28.23
CA PHE C 80 4.71 -12.16 -28.26
C PHE C 80 3.60 -12.46 -27.26
N ILE C 81 3.11 -11.44 -26.57
CA ILE C 81 2.02 -11.66 -25.63
C ILE C 81 1.03 -10.55 -25.88
N LYS C 82 -0.24 -10.86 -25.68
CA LYS C 82 -1.26 -9.86 -25.87
C LYS C 82 -2.31 -9.92 -24.76
N PRO C 83 -2.19 -9.04 -23.75
CA PRO C 83 -3.17 -9.04 -22.66
C PRO C 83 -4.52 -8.76 -23.30
N LEU C 84 -5.56 -9.37 -22.77
CA LEU C 84 -6.88 -9.17 -23.36
C LEU C 84 -7.23 -7.70 -23.55
N LYS C 85 -6.54 -6.81 -22.86
CA LYS C 85 -6.86 -5.39 -22.98
C LYS C 85 -5.84 -4.54 -23.74
N ALA C 86 -4.96 -5.19 -24.50
CA ALA C 86 -3.93 -4.46 -25.26
C ALA C 86 -4.30 -4.16 -26.71
N ASN C 87 -3.87 -3.00 -27.21
CA ASN C 87 -4.15 -2.57 -28.60
C ASN C 87 -3.47 -3.44 -29.64
N GLN C 88 -2.20 -3.73 -29.41
CA GLN C 88 -1.39 -4.56 -30.30
C GLN C 88 -0.53 -5.51 -29.44
N GLN C 89 -0.31 -6.72 -29.94
CA GLN C 89 0.52 -7.68 -29.21
C GLN C 89 1.92 -7.07 -29.16
N PHE C 90 2.79 -7.60 -28.32
CA PHE C 90 4.13 -7.05 -28.23
C PHE C 90 5.13 -8.08 -27.72
N LEU C 91 6.39 -7.90 -28.08
CA LEU C 91 7.47 -8.82 -27.71
C LEU C 91 7.94 -8.68 -26.28
N VAL C 92 8.15 -9.82 -25.64
CA VAL C 92 8.61 -9.86 -24.25
C VAL C 92 9.58 -11.00 -24.10
N TYR C 93 10.20 -11.08 -22.92
CA TYR C 93 11.14 -12.14 -22.65
C TYR C 93 10.54 -13.07 -21.60
N CYS C 94 10.10 -14.25 -22.03
CA CYS C 94 9.50 -15.24 -21.13
C CYS C 94 10.56 -16.12 -20.53
N GLU C 95 10.69 -16.06 -19.21
CA GLU C 95 11.67 -16.85 -18.50
C GLU C 95 10.93 -18.09 -17.98
N ILE C 96 11.16 -19.24 -18.60
CA ILE C 96 10.48 -20.47 -18.18
C ILE C 96 11.36 -21.48 -17.43
N ASP C 97 10.76 -22.15 -16.44
CA ASP C 97 11.48 -23.14 -15.64
C ASP C 97 11.03 -24.57 -15.91
N GLY C 98 11.71 -25.51 -15.24
CA GLY C 98 11.37 -26.91 -15.41
C GLY C 98 10.29 -27.31 -14.42
N SER C 99 9.16 -26.62 -14.46
CA SER C 99 8.04 -26.89 -13.58
C SER C 99 6.77 -26.16 -14.01
N GLY C 100 6.78 -25.66 -15.24
CA GLY C 100 5.61 -24.98 -15.79
C GLY C 100 5.38 -23.52 -15.46
N ASN C 101 6.23 -22.93 -14.63
CA ASN C 101 6.08 -21.53 -14.26
C ASN C 101 6.47 -20.60 -15.40
N GLY C 102 5.56 -19.71 -15.78
CA GLY C 102 5.83 -18.79 -16.86
C GLY C 102 6.04 -17.36 -16.42
N TRP C 103 7.30 -17.02 -16.10
CA TRP C 103 7.65 -15.68 -15.65
C TRP C 103 7.83 -14.74 -16.83
N THR C 104 7.36 -13.51 -16.69
CA THR C 104 7.57 -12.54 -17.74
C THR C 104 8.29 -11.35 -17.11
N VAL C 105 9.53 -11.16 -17.56
CA VAL C 105 10.41 -10.11 -17.07
C VAL C 105 10.06 -8.71 -17.59
N PHE C 106 10.27 -7.69 -16.77
CA PHE C 106 9.97 -6.35 -17.23
C PHE C 106 11.10 -5.38 -16.95
N GLN C 107 12.17 -5.89 -16.33
CA GLN C 107 13.35 -5.08 -16.02
C GLN C 107 14.57 -5.97 -15.93
N LYS C 108 15.74 -5.46 -16.33
CA LYS C 108 16.96 -6.25 -16.29
C LYS C 108 18.23 -5.40 -16.30
N ARG C 109 19.22 -5.81 -15.52
CA ARG C 109 20.49 -5.08 -15.45
C ARG C 109 21.60 -6.10 -15.25
N LEU C 110 22.69 -5.95 -16.01
CA LEU C 110 23.79 -6.89 -15.91
C LEU C 110 25.16 -6.44 -16.42
N ASP C 111 25.23 -5.28 -17.08
CA ASP C 111 26.52 -4.80 -17.59
C ASP C 111 26.59 -3.31 -17.89
N GLY C 112 25.58 -2.54 -17.47
CA GLY C 112 25.58 -1.11 -17.70
C GLY C 112 25.53 -0.71 -19.17
N SER C 113 25.21 -1.67 -20.03
CA SER C 113 25.12 -1.44 -21.48
C SER C 113 24.11 -0.37 -21.92
N VAL C 114 23.00 -0.28 -21.19
CA VAL C 114 21.93 0.66 -21.49
C VAL C 114 21.86 1.81 -20.50
N ASP C 115 21.53 2.99 -21.02
CA ASP C 115 21.41 4.23 -20.22
C ASP C 115 19.98 4.29 -19.70
N PHE C 116 19.80 4.25 -18.39
CA PHE C 116 18.45 4.28 -17.82
C PHE C 116 17.87 5.64 -17.50
N LYS C 117 18.61 6.69 -17.85
CA LYS C 117 18.15 8.06 -17.65
C LYS C 117 17.25 8.40 -18.84
N LYS C 118 16.03 7.86 -18.86
CA LYS C 118 15.10 8.14 -19.97
C LYS C 118 13.91 9.00 -19.54
N ASN C 119 13.07 9.41 -20.49
CA ASN C 119 11.94 10.26 -20.13
C ASN C 119 10.59 9.58 -20.00
N TRP C 120 9.57 10.38 -19.75
CA TRP C 120 8.26 9.80 -19.56
C TRP C 120 7.84 8.84 -20.68
N ILE C 121 7.89 9.31 -21.92
CA ILE C 121 7.52 8.46 -23.03
C ILE C 121 8.40 7.21 -23.12
N GLN C 122 9.72 7.37 -22.96
CA GLN C 122 10.61 6.22 -23.02
C GLN C 122 10.29 5.21 -21.93
N TYR C 123 10.02 5.65 -20.70
CA TYR C 123 9.69 4.69 -19.63
C TYR C 123 8.28 4.17 -19.82
N LYS C 124 7.49 4.91 -20.59
CA LYS C 124 6.13 4.50 -20.86
C LYS C 124 6.12 3.37 -21.87
N GLU C 125 6.68 3.64 -23.04
CA GLU C 125 6.72 2.68 -24.13
C GLU C 125 7.75 1.56 -23.98
N GLY C 126 8.82 1.83 -23.23
CA GLY C 126 9.85 0.82 -23.03
C GLY C 126 11.12 1.11 -23.79
N PHE C 127 12.26 0.72 -23.23
CA PHE C 127 13.55 0.93 -23.88
C PHE C 127 14.57 -0.18 -23.60
N GLY C 128 15.57 -0.31 -24.46
CA GLY C 128 16.57 -1.35 -24.29
C GLY C 128 16.44 -2.45 -25.34
N HIS C 129 16.97 -3.63 -25.04
CA HIS C 129 16.91 -4.74 -26.00
C HIS C 129 16.55 -6.09 -25.37
N LEU C 130 15.73 -6.85 -26.10
CA LEU C 130 15.27 -8.17 -25.67
C LEU C 130 16.05 -9.30 -26.35
N SER C 131 16.86 -10.01 -25.56
CA SER C 131 17.66 -11.10 -26.11
C SER C 131 17.09 -12.48 -25.80
N PRO C 132 17.20 -13.41 -26.74
CA PRO C 132 16.71 -14.78 -26.56
C PRO C 132 17.47 -15.51 -25.47
N THR C 133 18.47 -14.85 -24.89
CA THR C 133 19.27 -15.48 -23.85
C THR C 133 19.47 -14.67 -22.57
N GLY C 134 18.51 -13.79 -22.26
CA GLY C 134 18.60 -12.96 -21.06
C GLY C 134 19.96 -12.38 -20.77
N THR C 135 20.64 -11.93 -21.81
CA THR C 135 21.97 -11.37 -21.66
C THR C 135 21.97 -9.89 -22.04
N THR C 136 20.82 -9.27 -21.90
CA THR C 136 20.64 -7.87 -22.26
C THR C 136 19.82 -7.10 -21.23
N GLU C 137 20.14 -5.82 -21.06
CA GLU C 137 19.44 -4.95 -20.12
C GLU C 137 18.24 -4.28 -20.78
N PHE C 138 17.20 -3.99 -19.99
CA PHE C 138 16.02 -3.35 -20.56
C PHE C 138 14.91 -2.97 -19.59
N TRP C 139 13.90 -2.31 -20.14
CA TRP C 139 12.71 -1.90 -19.41
C TRP C 139 11.54 -2.11 -20.34
N LEU C 140 10.73 -3.13 -20.04
CA LEU C 140 9.58 -3.45 -20.88
C LEU C 140 8.61 -2.30 -21.22
N GLY C 141 8.41 -1.38 -20.28
CA GLY C 141 7.51 -0.27 -20.53
C GLY C 141 6.39 -0.25 -19.50
N ASN C 142 6.18 0.90 -18.87
CA ASN C 142 5.16 0.98 -17.84
C ASN C 142 3.81 0.54 -18.34
N GLU C 143 3.42 1.06 -19.50
CA GLU C 143 2.14 0.70 -20.10
C GLU C 143 2.04 -0.82 -20.24
N LYS C 144 3.02 -1.44 -20.89
CA LYS C 144 2.99 -2.90 -21.06
C LYS C 144 2.93 -3.60 -19.70
N ILE C 145 3.67 -3.08 -18.73
CA ILE C 145 3.68 -3.66 -17.40
C ILE C 145 2.29 -3.57 -16.78
N HIS C 146 1.68 -2.39 -16.93
CA HIS C 146 0.35 -2.13 -16.43
C HIS C 146 -0.69 -3.14 -16.95
N LEU C 147 -0.74 -3.34 -18.26
CA LEU C 147 -1.72 -4.26 -18.83
C LEU C 147 -1.52 -5.69 -18.41
N ILE C 148 -0.28 -6.06 -18.10
CA ILE C 148 -0.01 -7.42 -17.67
C ILE C 148 -0.43 -7.61 -16.21
N SER C 149 -0.09 -6.65 -15.35
CA SER C 149 -0.40 -6.71 -13.93
C SER C 149 -1.87 -6.43 -13.57
N THR C 150 -2.58 -5.75 -14.45
CA THR C 150 -3.97 -5.43 -14.18
C THR C 150 -4.90 -5.98 -15.26
N GLN C 151 -4.80 -7.28 -15.52
CA GLN C 151 -5.60 -7.94 -16.53
C GLN C 151 -7.04 -8.18 -16.12
N SER C 152 -7.61 -9.28 -16.59
CA SER C 152 -8.99 -9.64 -16.31
C SER C 152 -9.17 -10.39 -14.99
N ALA C 153 -8.90 -9.69 -13.88
CA ALA C 153 -9.05 -10.28 -12.55
C ALA C 153 -8.28 -11.57 -12.31
N ILE C 154 -7.06 -11.42 -11.81
CA ILE C 154 -6.15 -12.50 -11.46
C ILE C 154 -4.94 -11.83 -10.84
N PRO C 155 -4.63 -12.20 -9.59
CA PRO C 155 -3.50 -11.65 -8.84
C PRO C 155 -2.16 -11.94 -9.46
N TYR C 156 -1.26 -10.94 -9.43
CA TYR C 156 0.08 -11.10 -9.97
C TYR C 156 1.11 -10.94 -8.86
N ALA C 157 2.20 -11.68 -8.97
CA ALA C 157 3.27 -11.61 -7.98
C ALA C 157 4.52 -11.03 -8.62
N LEU C 158 5.29 -10.28 -7.84
CA LEU C 158 6.51 -9.64 -8.32
C LEU C 158 7.71 -10.21 -7.61
N ARG C 159 8.69 -10.69 -8.36
CA ARG C 159 9.89 -11.21 -7.72
C ARG C 159 11.07 -10.38 -8.17
N VAL C 160 11.76 -9.79 -7.21
CA VAL C 160 12.95 -9.00 -7.47
C VAL C 160 14.13 -9.92 -7.20
N GLU C 161 14.99 -10.09 -8.19
CA GLU C 161 16.15 -10.94 -8.03
C GLU C 161 17.41 -10.11 -8.17
N LEU C 162 18.24 -10.12 -7.11
CA LEU C 162 19.50 -9.36 -7.10
C LEU C 162 20.73 -10.28 -7.12
N GLU C 163 21.89 -9.68 -7.37
CA GLU C 163 23.17 -10.38 -7.39
C GLU C 163 24.30 -9.36 -7.25
N ASP C 164 25.20 -9.60 -6.30
CA ASP C 164 26.31 -8.68 -6.06
C ASP C 164 27.51 -9.05 -6.94
N TRP C 165 28.59 -8.30 -6.78
CA TRP C 165 29.80 -8.54 -7.55
C TRP C 165 30.64 -9.64 -6.94
N ASN C 166 29.99 -10.72 -6.49
CA ASN C 166 30.70 -11.85 -5.90
C ASN C 166 29.97 -13.14 -6.23
N GLY C 167 28.84 -13.02 -6.91
CA GLY C 167 28.08 -14.20 -7.30
C GLY C 167 26.94 -14.61 -6.38
N ARG C 168 26.68 -13.84 -5.34
CA ARG C 168 25.61 -14.19 -4.41
C ARG C 168 24.29 -13.56 -4.84
N THR C 169 23.21 -14.33 -4.77
CA THR C 169 21.89 -13.81 -5.13
C THR C 169 20.96 -13.72 -3.93
N SER C 170 19.83 -13.08 -4.15
CA SER C 170 18.83 -12.90 -3.11
C SER C 170 17.57 -12.40 -3.79
N THR C 171 16.41 -12.87 -3.36
CA THR C 171 15.18 -12.42 -3.96
C THR C 171 14.25 -11.83 -2.91
N ALA C 172 13.28 -11.04 -3.37
CA ALA C 172 12.29 -10.40 -2.51
C ALA C 172 10.95 -10.52 -3.23
N ASP C 173 9.98 -11.20 -2.62
CA ASP C 173 8.68 -11.38 -3.24
C ASP C 173 7.58 -10.46 -2.72
N TYR C 174 6.70 -10.03 -3.62
CA TYR C 174 5.59 -9.15 -3.28
C TYR C 174 4.34 -9.70 -3.94
N ALA C 175 3.25 -9.83 -3.18
CA ALA C 175 2.01 -10.34 -3.74
C ALA C 175 1.03 -9.24 -4.09
N MET C 176 0.05 -9.60 -4.93
CA MET C 176 -0.96 -8.66 -5.38
C MET C 176 -0.35 -7.41 -6.01
N PHE C 177 0.67 -7.65 -6.83
CA PHE C 177 1.41 -6.61 -7.54
C PHE C 177 0.59 -6.03 -8.68
N LYS C 178 0.65 -4.70 -8.83
CA LYS C 178 -0.09 -4.03 -9.88
C LYS C 178 0.45 -2.63 -10.14
N VAL C 179 0.49 -2.27 -11.42
CA VAL C 179 0.95 -0.94 -11.79
C VAL C 179 -0.29 -0.22 -12.32
N GLY C 180 -0.46 1.03 -11.94
CA GLY C 180 -1.63 1.75 -12.39
C GLY C 180 -1.62 2.21 -13.83
N PRO C 181 -2.71 2.83 -14.28
CA PRO C 181 -2.80 3.34 -15.66
C PRO C 181 -2.01 4.65 -15.67
N GLU C 182 -1.79 5.22 -16.85
CA GLU C 182 -1.02 6.45 -16.93
C GLU C 182 -1.71 7.58 -16.17
N ALA C 183 -3.04 7.60 -16.21
CA ALA C 183 -3.80 8.63 -15.49
C ALA C 183 -3.29 8.79 -14.05
N ASP C 184 -3.14 7.67 -13.34
CA ASP C 184 -2.65 7.73 -11.97
C ASP C 184 -1.13 7.65 -11.85
N LYS C 185 -0.46 7.82 -12.99
CA LYS C 185 1.01 7.81 -13.10
C LYS C 185 1.65 6.45 -12.80
N TYR C 186 1.03 5.39 -13.28
CA TYR C 186 1.53 4.04 -13.08
C TYR C 186 1.92 3.84 -11.62
N ARG C 187 0.97 4.12 -10.73
CA ARG C 187 1.18 3.99 -9.30
C ARG C 187 1.50 2.55 -9.01
N LEU C 188 2.47 2.34 -8.13
CA LEU C 188 2.89 0.99 -7.76
C LEU C 188 2.16 0.55 -6.49
N THR C 189 1.68 -0.68 -6.47
CA THR C 189 1.00 -1.20 -5.31
C THR C 189 1.04 -2.71 -5.19
N TYR C 190 1.11 -3.17 -3.95
CA TYR C 190 1.12 -4.60 -3.65
C TYR C 190 0.43 -4.75 -2.29
N ALA C 191 0.02 -5.96 -1.97
CA ALA C 191 -0.66 -6.21 -0.70
C ALA C 191 0.35 -6.36 0.44
N TYR C 192 1.32 -7.24 0.24
CA TYR C 192 2.30 -7.49 1.28
C TYR C 192 3.56 -8.21 0.80
N PHE C 193 4.66 -7.96 1.50
CA PHE C 193 5.93 -8.61 1.24
C PHE C 193 5.77 -10.11 1.50
N ALA C 194 6.09 -10.94 0.51
CA ALA C 194 5.96 -12.39 0.64
C ALA C 194 7.26 -13.03 1.13
N GLY C 195 8.28 -12.21 1.38
CA GLY C 195 9.54 -12.73 1.88
C GLY C 195 10.66 -13.03 0.91
N GLY C 196 11.87 -13.04 1.45
CA GLY C 196 13.05 -13.32 0.65
C GLY C 196 14.30 -12.81 1.36
N ASP C 197 15.40 -13.51 1.18
CA ASP C 197 16.67 -13.12 1.79
C ASP C 197 17.13 -11.74 1.35
N ALA C 198 16.30 -11.07 0.56
CA ALA C 198 16.64 -9.73 0.09
C ALA C 198 16.08 -8.67 1.03
N GLY C 199 15.00 -9.00 1.74
CA GLY C 199 14.40 -8.05 2.64
C GLY C 199 13.40 -7.17 1.92
N ASP C 200 12.41 -6.66 2.63
CA ASP C 200 11.39 -5.82 2.02
C ASP C 200 11.76 -4.34 2.03
N ALA C 201 12.48 -3.91 0.99
CA ALA C 201 12.89 -2.52 0.92
C ALA C 201 11.78 -1.56 0.49
N PHE C 202 10.71 -2.12 -0.07
CA PHE C 202 9.58 -1.31 -0.51
C PHE C 202 8.82 -0.77 0.71
N ASP C 203 9.26 -1.22 1.89
CA ASP C 203 8.63 -0.81 3.13
C ASP C 203 9.47 0.26 3.85
N GLY C 204 10.26 1.02 3.08
CA GLY C 204 11.10 2.05 3.66
C GLY C 204 12.25 1.46 4.45
N PHE C 205 13.24 2.29 4.78
CA PHE C 205 14.40 1.83 5.54
C PHE C 205 15.00 2.90 6.45
N ASP C 206 15.23 2.51 7.71
CA ASP C 206 15.78 3.39 8.74
C ASP C 206 17.21 3.83 8.49
N PHE C 207 17.41 4.63 7.44
CA PHE C 207 18.74 5.12 7.10
C PHE C 207 19.41 5.87 8.25
N GLY C 208 18.60 6.37 9.18
CA GLY C 208 19.14 7.09 10.33
C GLY C 208 19.43 8.56 10.11
N ASP C 209 19.52 8.97 8.84
CA ASP C 209 19.78 10.38 8.51
C ASP C 209 18.57 11.24 8.92
N ASP C 210 17.62 10.61 9.60
CA ASP C 210 16.38 11.25 10.08
C ASP C 210 15.42 10.17 10.60
N PRO C 211 14.83 10.37 11.78
CA PRO C 211 13.88 9.40 12.36
C PRO C 211 12.69 9.06 11.45
N SER C 212 12.50 9.84 10.38
CA SER C 212 11.39 9.60 9.47
C SER C 212 11.82 8.95 8.15
N ASP C 213 13.12 8.70 8.01
CA ASP C 213 13.66 8.09 6.80
C ASP C 213 12.74 6.97 6.33
N LYS C 214 12.42 6.06 7.25
CA LYS C 214 11.55 4.94 6.92
C LYS C 214 10.32 5.38 6.13
N PHE C 215 9.51 6.25 6.73
CA PHE C 215 8.32 6.74 6.06
C PHE C 215 8.57 7.38 4.68
N PHE C 216 9.61 8.21 4.60
CA PHE C 216 9.94 8.91 3.35
C PHE C 216 10.68 8.09 2.30
N THR C 217 11.01 6.85 2.63
CA THR C 217 11.72 5.99 1.69
C THR C 217 10.95 4.72 1.36
N SER C 218 9.70 4.65 1.84
CA SER C 218 8.85 3.50 1.55
C SER C 218 8.44 3.63 0.08
N HIS C 219 8.02 2.52 -0.54
CA HIS C 219 7.66 2.57 -1.95
C HIS C 219 6.24 2.17 -2.33
N ASN C 220 5.59 1.35 -1.51
CA ASN C 220 4.23 0.96 -1.87
C ASN C 220 3.33 2.18 -1.98
N GLY C 221 2.58 2.26 -3.07
CA GLY C 221 1.68 3.40 -3.24
C GLY C 221 2.25 4.61 -3.95
N MET C 222 3.51 4.56 -4.39
CA MET C 222 4.09 5.72 -5.07
C MET C 222 3.83 5.67 -6.57
N GLN C 223 3.93 6.83 -7.19
CA GLN C 223 3.73 6.95 -8.62
C GLN C 223 5.10 6.93 -9.30
N PHE C 224 5.11 6.77 -10.62
CA PHE C 224 6.35 6.74 -11.36
C PHE C 224 6.85 8.15 -11.67
N SER C 225 8.16 8.35 -11.54
CA SER C 225 8.74 9.67 -11.82
C SER C 225 9.90 9.63 -12.81
N THR C 226 9.99 10.68 -13.62
CA THR C 226 11.05 10.85 -14.59
C THR C 226 11.41 12.34 -14.56
N TRP C 227 12.69 12.66 -14.77
CA TRP C 227 13.14 14.05 -14.73
C TRP C 227 12.20 15.03 -15.42
N ASP C 228 11.43 14.56 -16.40
CA ASP C 228 10.51 15.48 -17.08
C ASP C 228 9.06 15.13 -16.70
N ASN C 229 8.91 14.62 -15.49
CA ASN C 229 7.62 14.25 -14.97
C ASN C 229 7.81 13.85 -13.50
N ASP C 230 7.89 14.87 -12.64
CA ASP C 230 8.08 14.68 -11.20
C ASP C 230 6.76 14.42 -10.46
N ASN C 231 6.65 13.26 -9.81
CA ASN C 231 5.45 12.90 -9.05
C ASN C 231 5.81 12.32 -7.68
N ASP C 232 6.99 12.66 -7.17
CA ASP C 232 7.40 12.12 -5.88
C ASP C 232 6.99 13.04 -4.73
N LYS C 233 7.32 12.63 -3.51
CA LYS C 233 7.01 13.38 -2.30
C LYS C 233 8.25 14.12 -1.77
N PHE C 234 9.02 14.72 -2.67
CA PHE C 234 10.22 15.47 -2.33
C PHE C 234 10.08 16.87 -2.92
N GLU C 235 10.83 17.84 -2.41
CA GLU C 235 10.75 19.21 -2.91
C GLU C 235 11.20 19.30 -4.37
N GLY C 236 12.42 18.84 -4.61
CA GLY C 236 12.98 18.85 -5.95
C GLY C 236 12.62 17.61 -6.75
N ASN C 237 13.49 17.24 -7.68
CA ASN C 237 13.24 16.10 -8.53
C ASN C 237 14.16 14.88 -8.31
N CYS C 238 13.67 13.85 -7.60
CA CYS C 238 14.44 12.65 -7.33
C CYS C 238 14.89 11.99 -8.63
N ALA C 239 13.95 11.81 -9.56
CA ALA C 239 14.28 11.18 -10.83
C ALA C 239 15.30 11.98 -11.64
N GLU C 240 15.49 13.26 -11.30
CA GLU C 240 16.45 14.06 -12.04
C GLU C 240 17.83 14.07 -11.38
N GLN C 241 17.84 13.91 -10.07
CA GLN C 241 19.08 13.91 -9.31
C GLN C 241 19.80 12.60 -9.55
N ASP C 242 19.05 11.51 -9.53
CA ASP C 242 19.61 10.17 -9.74
C ASP C 242 19.83 9.85 -11.23
N GLY C 243 19.06 10.48 -12.09
CA GLY C 243 19.20 10.23 -13.51
C GLY C 243 18.51 8.91 -13.84
N SER C 244 17.27 8.76 -13.39
CA SER C 244 16.51 7.54 -13.62
C SER C 244 15.00 7.76 -13.69
N GLY C 245 14.28 6.64 -13.75
CA GLY C 245 12.84 6.67 -13.79
C GLY C 245 12.50 5.62 -12.76
N TRP C 246 11.61 5.94 -11.84
CA TRP C 246 11.29 4.98 -10.81
C TRP C 246 10.16 5.51 -9.96
N TRP C 247 9.65 4.68 -9.06
CA TRP C 247 8.59 5.07 -8.15
C TRP C 247 9.26 5.75 -6.95
N MET C 248 9.75 6.96 -7.17
CA MET C 248 10.43 7.72 -6.13
C MET C 248 9.47 8.27 -5.07
N ASN C 249 9.97 8.35 -3.83
CA ASN C 249 9.25 8.88 -2.69
C ASN C 249 10.07 10.11 -2.31
N LYS C 250 10.95 9.96 -1.31
CA LYS C 250 11.81 11.06 -0.88
C LYS C 250 13.09 10.55 -0.21
N CYS C 251 13.93 9.83 -0.94
CA CYS C 251 13.66 9.48 -2.34
C CYS C 251 13.51 7.96 -2.54
N HIS C 252 14.31 7.16 -1.86
CA HIS C 252 14.23 5.71 -2.07
C HIS C 252 14.92 4.80 -1.06
N ALA C 253 14.52 3.54 -1.09
CA ALA C 253 15.07 2.49 -0.23
C ALA C 253 15.45 1.35 -1.18
N GLY C 254 14.70 1.21 -2.26
CA GLY C 254 14.96 0.20 -3.26
C GLY C 254 14.94 0.88 -4.62
N HIS C 255 16.11 1.12 -5.19
CA HIS C 255 16.22 1.81 -6.47
C HIS C 255 16.95 0.94 -7.52
N LEU C 256 16.22 0.14 -8.29
CA LEU C 256 16.83 -0.73 -9.29
C LEU C 256 17.11 -0.10 -10.67
N ASN C 257 16.74 1.15 -10.87
CA ASN C 257 16.95 1.80 -12.15
C ASN C 257 17.96 2.93 -12.05
N GLY C 258 18.83 2.87 -11.04
CA GLY C 258 19.83 3.91 -10.88
C GLY C 258 20.98 3.80 -11.86
N VAL C 259 22.14 4.28 -11.45
CA VAL C 259 23.32 4.22 -12.29
C VAL C 259 24.00 2.86 -12.10
N TYR C 260 24.57 2.33 -13.17
CA TYR C 260 25.26 1.05 -13.07
C TYR C 260 26.72 1.30 -12.68
N TYR C 261 27.04 1.12 -11.41
CA TYR C 261 28.41 1.32 -10.94
C TYR C 261 29.16 0.01 -11.03
N GLN C 262 30.39 0.08 -11.53
CA GLN C 262 31.21 -1.11 -11.70
C GLN C 262 31.82 -1.49 -10.35
N GLY C 263 32.07 -2.79 -10.17
CA GLY C 263 32.63 -3.25 -8.92
C GLY C 263 31.58 -3.19 -7.83
N GLY C 264 30.60 -2.31 -8.02
CA GLY C 264 29.54 -2.17 -7.04
C GLY C 264 29.77 -1.10 -6.00
N THR C 265 31.03 -0.82 -5.70
CA THR C 265 31.35 0.19 -4.70
C THR C 265 31.45 1.59 -5.28
N TYR C 266 30.95 2.56 -4.52
CA TYR C 266 30.97 3.96 -4.90
C TYR C 266 30.54 4.77 -3.67
N SER C 267 30.72 6.09 -3.71
CA SER C 267 30.34 6.95 -2.60
C SER C 267 29.90 8.35 -3.02
N LYS C 268 30.05 9.28 -2.09
CA LYS C 268 29.68 10.67 -2.32
C LYS C 268 30.59 11.29 -3.37
N ALA C 269 31.80 10.76 -3.48
CA ALA C 269 32.76 11.30 -4.43
C ALA C 269 32.52 10.84 -5.87
N SER C 270 31.49 10.02 -6.06
CA SER C 270 31.15 9.51 -7.39
C SER C 270 30.32 10.54 -8.14
N THR C 271 29.52 11.30 -7.39
CA THR C 271 28.66 12.33 -7.94
C THR C 271 29.01 13.70 -7.36
N PRO C 272 29.04 14.74 -8.21
CA PRO C 272 29.36 16.11 -7.77
C PRO C 272 28.39 16.66 -6.72
N ASN C 273 27.39 15.86 -6.34
CA ASN C 273 26.40 16.29 -5.35
C ASN C 273 26.25 15.28 -4.21
N GLY C 274 27.03 14.21 -4.29
CA GLY C 274 27.00 13.20 -3.25
C GLY C 274 25.74 12.38 -3.15
N TYR C 275 25.02 12.27 -4.27
CA TYR C 275 23.77 11.50 -4.32
C TYR C 275 24.06 10.02 -4.12
N ASP C 276 23.11 9.31 -3.52
CA ASP C 276 23.31 7.88 -3.30
C ASP C 276 22.59 7.09 -4.40
N ASN C 277 22.57 7.65 -5.61
CA ASN C 277 21.93 7.00 -6.75
C ASN C 277 22.67 5.70 -7.04
N GLY C 278 22.17 4.92 -7.99
CA GLY C 278 22.82 3.67 -8.27
C GLY C 278 21.87 2.55 -7.89
N ILE C 279 22.09 1.38 -8.48
CA ILE C 279 21.24 0.22 -8.23
C ILE C 279 21.36 -0.31 -6.79
N ILE C 280 20.58 0.28 -5.88
CA ILE C 280 20.57 -0.07 -4.46
C ILE C 280 19.27 -0.72 -3.98
N TRP C 281 19.33 -1.32 -2.81
CA TRP C 281 18.19 -2.00 -2.18
C TRP C 281 18.62 -2.27 -0.74
N ALA C 282 18.78 -1.17 0.00
CA ALA C 282 19.21 -1.13 1.40
C ALA C 282 19.05 -2.34 2.32
N THR C 283 17.90 -3.02 2.27
CA THR C 283 17.70 -4.16 3.17
C THR C 283 18.62 -5.36 2.88
N TRP C 284 19.59 -5.18 1.98
CA TRP C 284 20.50 -6.27 1.68
C TRP C 284 21.93 -5.73 1.64
N LYS C 285 22.11 -4.61 0.95
CA LYS C 285 23.42 -3.99 0.85
C LYS C 285 23.31 -2.52 1.25
N THR C 286 24.44 -1.95 1.64
CA THR C 286 24.52 -0.55 2.04
C THR C 286 24.06 0.35 0.90
N ARG C 287 23.73 1.59 1.23
CA ARG C 287 23.26 2.55 0.24
C ARG C 287 24.33 2.86 -0.80
N TRP C 288 25.57 2.43 -0.56
CA TRP C 288 26.64 2.72 -1.50
C TRP C 288 27.20 1.52 -2.26
N TYR C 289 26.38 0.49 -2.38
CA TYR C 289 26.77 -0.68 -3.13
C TYR C 289 25.75 -0.83 -4.25
N SER C 290 26.24 -0.80 -5.48
CA SER C 290 25.41 -0.93 -6.67
C SER C 290 25.44 -2.38 -7.15
N MET C 291 24.26 -2.97 -7.32
CA MET C 291 24.15 -4.36 -7.79
C MET C 291 24.83 -4.57 -9.13
N LYS C 292 25.26 -5.81 -9.38
CA LYS C 292 25.92 -6.18 -10.63
C LYS C 292 24.84 -6.59 -11.64
N LYS C 293 23.94 -7.44 -11.19
CA LYS C 293 22.83 -7.92 -12.00
C LYS C 293 21.54 -7.60 -11.26
N THR C 294 20.48 -7.43 -12.01
CA THR C 294 19.20 -7.14 -11.39
C THR C 294 18.13 -7.60 -12.36
N THR C 295 17.02 -8.07 -11.81
CA THR C 295 15.94 -8.55 -12.65
C THR C 295 14.58 -8.56 -11.96
N MET C 296 13.63 -7.84 -12.56
CA MET C 296 12.28 -7.78 -12.02
C MET C 296 11.38 -8.53 -12.98
N LYS C 297 10.66 -9.51 -12.48
CA LYS C 297 9.78 -10.30 -13.31
C LYS C 297 8.47 -10.54 -12.57
N ILE C 298 7.41 -10.83 -13.31
CA ILE C 298 6.12 -11.05 -12.68
C ILE C 298 5.47 -12.35 -13.16
N ILE C 299 4.49 -12.81 -12.40
CA ILE C 299 3.83 -14.05 -12.73
C ILE C 299 2.54 -14.16 -11.93
N PRO C 300 1.52 -14.85 -12.49
CA PRO C 300 0.25 -15.01 -11.79
C PRO C 300 0.50 -15.52 -10.37
N PHE C 301 -0.07 -14.83 -9.38
CA PHE C 301 0.07 -15.20 -7.97
C PHE C 301 -0.35 -16.64 -7.70
N ASN C 302 -1.43 -17.08 -8.36
CA ASN C 302 -1.94 -18.44 -8.20
C ASN C 302 -0.94 -19.45 -8.72
N ARG C 303 0.35 -19.08 -8.62
CA ARG C 303 1.46 -19.90 -9.06
C ARG C 303 2.48 -19.91 -7.92
N LEU C 304 3.28 -20.97 -7.87
CA LEU C 304 4.32 -21.14 -6.85
C LEU C 304 3.89 -20.57 -5.49
N VAL D 16 -55.76 -0.71 100.03
CA VAL D 16 -55.45 0.10 98.82
C VAL D 16 -54.25 -0.45 98.01
N ILE D 17 -54.21 -1.78 97.84
CA ILE D 17 -53.16 -2.53 97.09
C ILE D 17 -53.37 -4.07 96.99
N GLU D 18 -54.25 -4.52 96.09
CA GLU D 18 -54.55 -5.95 95.95
C GLU D 18 -54.28 -6.55 94.56
N LYS D 19 -54.75 -5.89 93.51
CA LYS D 19 -54.56 -6.37 92.14
C LYS D 19 -53.18 -6.03 91.58
N VAL D 20 -52.76 -4.79 91.76
CA VAL D 20 -51.49 -4.28 91.30
C VAL D 20 -50.51 -5.29 90.71
N GLN D 21 -50.00 -6.20 91.54
CA GLN D 21 -49.05 -7.22 91.10
C GLN D 21 -49.33 -7.71 89.68
N HIS D 22 -50.61 -7.71 89.32
CA HIS D 22 -51.09 -8.16 88.01
C HIS D 22 -50.86 -7.11 86.95
N ILE D 23 -50.58 -5.88 87.37
CA ILE D 23 -50.37 -4.79 86.42
C ILE D 23 -48.94 -4.25 86.34
N GLN D 24 -48.24 -4.18 87.47
CA GLN D 24 -46.87 -3.69 87.41
C GLN D 24 -46.08 -4.63 86.54
N LEU D 25 -46.66 -5.80 86.29
CA LEU D 25 -46.05 -6.81 85.43
C LEU D 25 -46.38 -6.31 84.04
N LEU D 26 -47.63 -5.90 83.90
CA LEU D 26 -48.16 -5.37 82.65
C LEU D 26 -47.37 -4.11 82.25
N GLN D 27 -46.96 -3.32 83.24
CA GLN D 27 -46.21 -2.10 82.96
C GLN D 27 -44.86 -2.45 82.36
N LYS D 28 -44.18 -3.41 82.99
CA LYS D 28 -42.86 -3.84 82.55
C LYS D 28 -42.89 -4.44 81.16
N ASN D 29 -43.92 -5.25 80.91
CA ASN D 29 -44.08 -5.88 79.61
C ASN D 29 -44.32 -4.88 78.50
N VAL D 30 -44.91 -3.73 78.85
CA VAL D 30 -45.18 -2.68 77.88
C VAL D 30 -43.97 -1.76 77.72
N ARG D 31 -43.17 -1.62 78.77
CA ARG D 31 -41.96 -0.80 78.66
C ARG D 31 -41.08 -1.54 77.64
N ALA D 32 -41.17 -2.86 77.65
CA ALA D 32 -40.41 -3.69 76.73
C ALA D 32 -41.01 -3.69 75.32
N GLN D 33 -42.34 -3.78 75.23
CA GLN D 33 -42.98 -3.79 73.92
C GLN D 33 -42.78 -2.42 73.25
N LEU D 34 -42.43 -1.43 74.06
CA LEU D 34 -42.21 -0.06 73.56
C LEU D 34 -40.80 0.14 73.01
N VAL D 35 -39.84 -0.57 73.58
CA VAL D 35 -38.46 -0.50 73.13
C VAL D 35 -38.41 -1.27 71.82
N ASP D 36 -38.82 -2.53 71.90
CA ASP D 36 -38.82 -3.42 70.76
C ASP D 36 -39.44 -2.81 69.51
N MET D 37 -40.45 -1.96 69.69
CA MET D 37 -41.12 -1.31 68.57
C MET D 37 -40.35 -0.09 68.09
N LYS D 38 -39.87 0.72 69.01
CA LYS D 38 -39.09 1.90 68.65
C LYS D 38 -38.01 1.34 67.73
N ARG D 39 -37.30 0.33 68.25
CA ARG D 39 -36.23 -0.35 67.54
C ARG D 39 -36.65 -0.91 66.19
N LEU D 40 -37.72 -1.68 66.19
CA LEU D 40 -38.22 -2.30 64.98
C LEU D 40 -38.48 -1.20 63.96
N GLU D 41 -39.12 -0.13 64.42
CA GLU D 41 -39.43 0.97 63.54
C GLU D 41 -38.19 1.51 62.85
N VAL D 42 -37.10 1.64 63.59
CA VAL D 42 -35.85 2.15 63.04
C VAL D 42 -35.21 1.11 62.14
N ASP D 43 -35.21 -0.14 62.61
CA ASP D 43 -34.65 -1.27 61.86
C ASP D 43 -35.32 -1.35 60.50
N ILE D 44 -36.64 -1.26 60.50
CA ILE D 44 -37.40 -1.34 59.27
C ILE D 44 -37.14 -0.13 58.37
N ASP D 45 -36.80 1.01 58.97
CA ASP D 45 -36.55 2.21 58.19
C ASP D 45 -35.27 2.07 57.39
N ILE D 46 -34.26 1.50 58.05
CA ILE D 46 -32.96 1.29 57.45
C ILE D 46 -33.00 0.26 56.32
N LYS D 47 -33.74 -0.82 56.53
CA LYS D 47 -33.82 -1.86 55.50
C LYS D 47 -34.58 -1.36 54.29
N ILE D 48 -35.72 -0.70 54.50
CA ILE D 48 -36.50 -0.21 53.37
C ILE D 48 -35.69 0.82 52.58
N ARG D 49 -34.69 1.39 53.23
CA ARG D 49 -33.86 2.37 52.57
C ARG D 49 -32.81 1.61 51.77
N SER D 50 -32.21 0.59 52.38
CA SER D 50 -31.18 -0.21 51.72
C SER D 50 -31.71 -0.94 50.49
N CYS D 51 -33.00 -0.77 50.23
CA CYS D 51 -33.63 -1.41 49.07
C CYS D 51 -33.65 -0.47 47.90
N ARG D 52 -33.45 0.82 48.15
CA ARG D 52 -33.43 1.78 47.05
C ARG D 52 -32.23 1.45 46.16
N GLY D 53 -31.24 0.79 46.75
CA GLY D 53 -30.06 0.40 46.00
C GLY D 53 -30.21 -0.90 45.22
N SER D 54 -31.22 -1.71 45.53
CA SER D 54 -31.40 -2.96 44.80
C SER D 54 -32.68 -3.05 43.97
N CYS D 55 -33.69 -2.25 44.33
CA CYS D 55 -34.98 -2.28 43.62
C CYS D 55 -35.32 -0.99 42.87
N SER D 56 -36.29 -1.08 41.98
CA SER D 56 -36.75 0.07 41.18
C SER D 56 -37.03 1.27 42.04
N ARG D 57 -38.29 1.37 42.45
CA ARG D 57 -38.79 2.45 43.28
C ARG D 57 -38.66 2.08 44.75
N ALA D 58 -38.49 3.08 45.61
CA ALA D 58 -38.39 2.82 47.04
C ALA D 58 -39.52 3.57 47.75
N LEU D 59 -39.75 3.23 49.02
CA LEU D 59 -40.81 3.87 49.76
C LEU D 59 -40.33 5.12 50.45
N ALA D 60 -41.04 6.22 50.19
CA ALA D 60 -40.70 7.49 50.82
C ALA D 60 -41.28 7.32 52.22
N ARG D 61 -40.54 7.70 53.25
CA ARG D 61 -41.08 7.50 54.58
C ARG D 61 -40.31 8.21 55.68
N GLU D 62 -41.02 8.49 56.76
CA GLU D 62 -40.45 9.15 57.93
C GLU D 62 -40.90 8.38 59.17
N VAL D 63 -40.21 8.59 60.29
CA VAL D 63 -40.56 7.92 61.53
C VAL D 63 -40.86 8.92 62.65
N ASP D 64 -42.07 8.85 63.17
CA ASP D 64 -42.49 9.72 64.24
C ASP D 64 -41.87 9.13 65.50
N LEU D 65 -40.57 9.32 65.69
CA LEU D 65 -39.95 8.74 66.87
C LEU D 65 -40.19 9.60 68.10
N LYS D 66 -40.97 10.66 67.95
CA LYS D 66 -41.28 11.52 69.08
C LYS D 66 -42.42 10.83 69.82
N ASP D 67 -43.48 10.49 69.08
CA ASP D 67 -44.61 9.82 69.69
C ASP D 67 -44.13 8.65 70.54
N TYR D 68 -43.02 8.02 70.14
CA TYR D 68 -42.48 6.92 70.93
C TYR D 68 -41.99 7.51 72.23
N GLU D 69 -41.15 8.53 72.13
CA GLU D 69 -40.60 9.21 73.29
C GLU D 69 -41.70 9.60 74.25
N ASP D 70 -42.59 10.46 73.78
CA ASP D 70 -43.69 10.93 74.61
C ASP D 70 -44.31 9.77 75.38
N GLN D 71 -44.48 8.64 74.71
CA GLN D 71 -45.08 7.48 75.35
C GLN D 71 -44.13 6.83 76.35
N GLN D 72 -42.83 6.95 76.11
CA GLN D 72 -41.83 6.40 77.00
C GLN D 72 -41.71 7.32 78.21
N LYS D 73 -41.53 8.60 77.91
CA LYS D 73 -41.36 9.64 78.91
C LYS D 73 -42.56 9.80 79.81
N GLN D 74 -43.63 9.07 79.52
CA GLN D 74 -44.85 9.12 80.33
C GLN D 74 -45.14 7.79 81.00
N LEU D 75 -44.92 6.70 80.27
CA LEU D 75 -45.14 5.35 80.81
C LEU D 75 -44.21 5.23 82.01
N GLU D 76 -43.12 5.99 81.96
CA GLU D 76 -42.12 5.99 83.03
C GLU D 76 -42.69 6.56 84.31
N GLN D 77 -43.35 7.72 84.18
CA GLN D 77 -43.95 8.38 85.34
C GLN D 77 -45.00 7.50 85.98
N VAL D 78 -45.81 6.83 85.15
CA VAL D 78 -46.85 5.93 85.65
C VAL D 78 -46.20 4.85 86.52
N ILE D 79 -45.02 4.39 86.11
CA ILE D 79 -44.30 3.36 86.85
C ILE D 79 -43.53 3.96 88.02
N ALA D 80 -42.86 5.08 87.79
CA ALA D 80 -42.09 5.72 88.84
C ALA D 80 -43.01 6.00 90.04
N LYS D 81 -44.31 6.10 89.76
CA LYS D 81 -45.33 6.37 90.79
C LYS D 81 -45.40 5.27 91.87
N ASP D 82 -45.43 5.70 93.12
CA ASP D 82 -45.50 4.79 94.26
C ASP D 82 -46.66 3.80 94.07
N LEU D 83 -46.70 2.77 94.92
CA LEU D 83 -47.76 1.76 94.82
C LEU D 83 -48.20 1.23 96.18
N LEU D 84 -48.17 2.11 97.19
CA LEU D 84 -48.57 1.82 98.55
C LEU D 84 -47.75 0.73 99.27
N PRO D 85 -46.85 1.16 100.18
CA PRO D 85 -45.96 0.30 100.97
C PRO D 85 -46.66 -0.87 101.67
N VAL E 24 -57.07 3.97 94.19
CA VAL E 24 -57.75 2.68 93.84
C VAL E 24 -59.07 2.98 93.13
N ASN E 25 -59.26 4.26 92.88
CA ASN E 25 -60.44 4.78 92.20
C ASN E 25 -59.81 5.88 91.36
N SER E 26 -58.48 5.89 91.39
CA SER E 26 -57.67 6.84 90.65
C SER E 26 -56.44 6.11 90.11
N ASN E 27 -55.63 5.58 91.03
CA ASN E 27 -54.42 4.84 90.66
C ASN E 27 -54.75 3.83 89.57
N ILE E 28 -55.27 2.68 89.98
CA ILE E 28 -55.62 1.61 89.06
C ILE E 28 -56.42 2.10 87.83
N PRO E 29 -57.22 3.16 87.98
CA PRO E 29 -57.93 3.57 86.77
C PRO E 29 -57.04 4.29 85.77
N THR E 30 -56.15 5.18 86.24
CA THR E 30 -55.27 5.91 85.33
C THR E 30 -54.32 4.97 84.59
N ASN E 31 -53.64 4.10 85.32
CA ASN E 31 -52.73 3.16 84.70
C ASN E 31 -53.47 2.39 83.63
N LEU E 32 -54.74 2.11 83.92
CA LEU E 32 -55.60 1.38 83.00
C LEU E 32 -55.72 2.15 81.69
N ARG E 33 -55.91 3.46 81.80
CA ARG E 33 -56.08 4.32 80.64
C ARG E 33 -54.79 4.38 79.84
N VAL E 34 -53.77 4.99 80.43
CA VAL E 34 -52.46 5.16 79.80
C VAL E 34 -51.95 3.93 79.04
N LEU E 35 -52.21 2.75 79.59
CA LEU E 35 -51.79 1.53 78.92
C LEU E 35 -52.70 1.22 77.75
N ARG E 36 -54.00 1.28 77.97
CA ARG E 36 -54.94 1.04 76.88
C ARG E 36 -54.45 1.92 75.73
N SER E 37 -53.91 3.09 76.09
CA SER E 37 -53.43 4.05 75.12
C SER E 37 -52.23 3.53 74.32
N ILE E 38 -51.09 3.42 75.00
CA ILE E 38 -49.86 2.95 74.38
C ILE E 38 -50.03 1.65 73.60
N LEU E 39 -50.76 0.69 74.16
CA LEU E 39 -50.97 -0.59 73.48
C LEU E 39 -51.75 -0.45 72.19
N GLU E 40 -52.70 0.48 72.15
CA GLU E 40 -53.52 0.67 70.96
C GLU E 40 -52.75 1.49 69.93
N ASN E 41 -51.88 2.35 70.45
CA ASN E 41 -51.03 3.18 69.63
C ASN E 41 -50.12 2.22 68.84
N LEU E 42 -49.38 1.40 69.58
CA LEU E 42 -48.46 0.43 69.01
C LEU E 42 -49.17 -0.52 68.07
N ARG E 43 -50.40 -0.92 68.42
CA ARG E 43 -51.13 -1.82 67.55
C ARG E 43 -51.33 -1.11 66.21
N SER E 44 -51.47 0.20 66.27
CA SER E 44 -51.63 1.01 65.06
C SER E 44 -50.29 1.15 64.34
N LYS E 45 -49.21 1.19 65.10
CA LYS E 45 -47.87 1.30 64.52
C LYS E 45 -47.55 0.01 63.74
N ILE E 46 -47.93 -1.13 64.30
CA ILE E 46 -47.69 -2.41 63.67
C ILE E 46 -48.36 -2.54 62.29
N GLN E 47 -49.66 -2.28 62.22
CA GLN E 47 -50.34 -2.39 60.93
C GLN E 47 -49.65 -1.50 59.88
N LYS E 48 -49.20 -0.32 60.29
CA LYS E 48 -48.52 0.62 59.39
C LYS E 48 -47.23 -0.01 58.89
N LEU E 49 -46.35 -0.30 59.84
CA LEU E 49 -45.06 -0.93 59.57
C LEU E 49 -45.25 -2.15 58.70
N GLU E 50 -46.34 -2.87 58.90
CA GLU E 50 -46.60 -4.06 58.12
C GLU E 50 -47.02 -3.69 56.69
N SER E 51 -47.70 -2.56 56.53
CA SER E 51 -48.13 -2.14 55.20
C SER E 51 -46.96 -1.59 54.37
N ASP E 52 -46.07 -0.85 55.04
CA ASP E 52 -44.90 -0.27 54.42
C ASP E 52 -44.00 -1.39 53.90
N VAL E 53 -43.59 -2.28 54.80
CA VAL E 53 -42.75 -3.41 54.45
C VAL E 53 -43.33 -4.20 53.28
N SER E 54 -44.64 -4.32 53.24
CA SER E 54 -45.29 -5.09 52.19
C SER E 54 -45.28 -4.35 50.87
N ALA E 55 -45.37 -3.03 50.94
CA ALA E 55 -45.36 -2.19 49.76
C ALA E 55 -44.00 -2.29 49.06
N GLN E 56 -42.95 -2.37 49.85
CA GLN E 56 -41.58 -2.46 49.33
C GLN E 56 -41.35 -3.76 48.56
N MET E 57 -41.82 -4.85 49.13
CA MET E 57 -41.63 -6.14 48.48
C MET E 57 -42.24 -6.09 47.09
N GLU E 58 -43.38 -5.41 46.96
CA GLU E 58 -44.04 -5.27 45.65
C GLU E 58 -43.06 -4.52 44.77
N TYR E 59 -42.64 -3.35 45.24
CA TYR E 59 -41.69 -2.51 44.52
C TYR E 59 -40.42 -3.27 44.13
N CYS E 60 -40.06 -4.31 44.87
CA CYS E 60 -38.85 -5.06 44.56
C CYS E 60 -39.02 -6.23 43.61
N ARG E 61 -40.14 -6.30 42.90
CA ARG E 61 -40.34 -7.39 41.94
C ARG E 61 -39.59 -6.96 40.68
N THR E 62 -39.25 -5.68 40.65
CA THR E 62 -38.54 -5.06 39.55
C THR E 62 -37.30 -4.39 40.12
N PRO E 63 -36.11 -4.74 39.60
CA PRO E 63 -34.82 -4.22 40.04
C PRO E 63 -34.46 -2.90 39.41
N CYS E 64 -33.54 -2.18 40.06
CA CYS E 64 -33.06 -0.90 39.54
C CYS E 64 -32.00 -1.21 38.47
N THR E 65 -31.82 -0.29 37.54
CA THR E 65 -30.86 -0.52 36.47
C THR E 65 -29.94 0.64 36.18
N VAL E 66 -28.78 0.31 35.64
CA VAL E 66 -27.80 1.32 35.27
C VAL E 66 -27.18 0.92 33.95
N SER E 67 -26.79 1.92 33.19
CA SER E 67 -26.13 1.69 31.92
C SER E 67 -24.80 2.45 31.99
N CYS E 68 -23.77 1.84 32.58
CA CYS E 68 -22.47 2.52 32.67
C CYS E 68 -21.58 2.23 31.47
N ASN E 69 -21.73 3.05 30.44
CA ASN E 69 -20.95 2.94 29.22
C ASN E 69 -19.51 3.21 29.60
N ILE E 70 -18.65 2.20 29.43
CA ILE E 70 -17.26 2.32 29.82
C ILE E 70 -16.39 3.37 29.12
N PRO E 71 -15.62 4.15 29.91
CA PRO E 71 -14.73 5.20 29.38
C PRO E 71 -13.58 4.54 28.65
N VAL E 72 -13.19 5.15 27.53
CA VAL E 72 -12.10 4.65 26.70
C VAL E 72 -10.82 4.46 27.52
N VAL E 73 -10.31 5.55 28.10
CA VAL E 73 -9.07 5.49 28.87
C VAL E 73 -9.12 4.54 30.05
N SER E 74 -7.96 4.07 30.49
CA SER E 74 -7.84 3.13 31.60
C SER E 74 -6.42 3.06 32.16
N GLY E 75 -6.24 2.40 33.30
CA GLY E 75 -4.91 2.29 33.89
C GLY E 75 -4.76 1.19 34.92
N LYS E 76 -3.66 1.22 35.66
CA LYS E 76 -3.37 0.22 36.71
C LYS E 76 -4.32 0.53 37.86
N GLU E 77 -4.64 1.83 37.96
CA GLU E 77 -5.54 2.37 38.95
C GLU E 77 -5.91 3.79 38.54
N CYS E 78 -6.52 4.53 39.45
CA CYS E 78 -6.95 5.89 39.15
C CYS E 78 -5.83 6.91 38.97
N GLU E 79 -4.73 6.75 39.72
CA GLU E 79 -3.60 7.66 39.64
C GLU E 79 -3.10 7.70 38.21
N GLU E 80 -2.89 6.51 37.65
CA GLU E 80 -2.42 6.43 36.27
C GLU E 80 -3.45 7.01 35.31
N ILE E 81 -4.72 6.90 35.68
CA ILE E 81 -5.79 7.37 34.82
C ILE E 81 -5.91 8.88 34.77
N ILE E 82 -5.61 9.53 35.89
CA ILE E 82 -5.70 10.98 35.93
C ILE E 82 -4.53 11.52 35.11
N ARG E 83 -3.42 10.76 35.17
CA ARG E 83 -2.21 11.10 34.44
C ARG E 83 -2.41 10.92 32.93
N LYS E 84 -3.21 9.93 32.53
CA LYS E 84 -3.48 9.69 31.11
C LYS E 84 -4.61 10.57 30.56
N GLY E 85 -5.01 11.59 31.31
CA GLY E 85 -6.06 12.47 30.82
C GLY E 85 -7.47 12.28 31.39
N GLY E 86 -7.64 11.31 32.28
CA GLY E 86 -8.96 11.08 32.86
C GLY E 86 -9.25 12.16 33.89
N GLU E 87 -9.76 13.30 33.43
CA GLU E 87 -10.00 14.41 34.33
C GLU E 87 -11.27 14.40 35.20
N THR E 88 -12.36 13.91 34.65
CA THR E 88 -13.63 13.88 35.38
C THR E 88 -13.84 12.64 36.25
N SER E 89 -14.33 12.86 37.47
CA SER E 89 -14.60 11.74 38.37
C SER E 89 -15.83 10.97 37.85
N GLU E 90 -15.69 9.65 37.75
CA GLU E 90 -16.76 8.78 37.24
C GLU E 90 -16.29 7.33 37.26
N MET E 91 -17.05 6.43 36.65
CA MET E 91 -16.65 5.04 36.66
C MET E 91 -15.60 4.76 35.60
N TYR E 92 -14.50 4.14 36.02
CA TYR E 92 -13.40 3.80 35.14
C TYR E 92 -13.11 2.33 35.29
N LEU E 93 -12.47 1.76 34.28
CA LEU E 93 -12.12 0.35 34.33
C LEU E 93 -10.64 0.33 34.66
N ILE E 94 -10.23 -0.58 35.53
CA ILE E 94 -8.83 -0.65 35.92
C ILE E 94 -8.33 -2.07 35.93
N GLN E 95 -7.03 -2.21 35.71
CA GLN E 95 -6.38 -3.50 35.70
C GLN E 95 -5.00 -3.27 36.30
N PRO E 96 -4.89 -3.39 37.63
CA PRO E 96 -3.61 -3.18 38.31
C PRO E 96 -2.65 -4.34 38.07
N ASP E 97 -3.03 -5.24 37.17
CA ASP E 97 -2.20 -6.40 36.85
C ASP E 97 -2.65 -7.16 35.59
N SER E 98 -1.68 -7.57 34.78
CA SER E 98 -1.95 -8.30 33.54
C SER E 98 -2.45 -9.71 33.82
N SER E 99 -2.72 -10.00 35.08
CA SER E 99 -3.21 -11.32 35.48
C SER E 99 -4.54 -11.24 36.24
N VAL E 100 -5.08 -10.02 36.36
CA VAL E 100 -6.34 -9.80 37.04
C VAL E 100 -7.38 -9.21 36.08
N LYS E 101 -8.55 -9.83 36.03
CA LYS E 101 -9.63 -9.37 35.16
C LYS E 101 -9.94 -7.93 35.49
N PRO E 102 -9.81 -7.04 34.50
CA PRO E 102 -10.11 -5.61 34.73
C PRO E 102 -11.44 -5.48 35.45
N TYR E 103 -11.50 -4.64 36.47
CA TYR E 103 -12.75 -4.45 37.20
C TYR E 103 -13.19 -2.99 37.28
N ARG E 104 -14.50 -2.78 37.32
CA ARG E 104 -15.07 -1.42 37.39
C ARG E 104 -14.73 -0.82 38.74
N VAL E 105 -14.66 0.51 38.79
CA VAL E 105 -14.34 1.21 40.02
C VAL E 105 -14.64 2.69 39.85
N TYR E 106 -14.90 3.39 40.95
CA TYR E 106 -15.16 4.82 40.84
C TYR E 106 -13.89 5.60 41.21
N CYS E 107 -13.49 6.51 40.33
CA CYS E 107 -12.29 7.30 40.56
C CYS E 107 -12.64 8.74 40.89
N ASP E 108 -11.94 9.27 41.91
CA ASP E 108 -12.13 10.64 42.32
C ASP E 108 -10.93 11.39 41.77
N MET E 109 -11.18 12.32 40.87
CA MET E 109 -10.12 13.08 40.23
C MET E 109 -10.11 14.51 40.76
N ASN E 110 -11.07 14.82 41.64
CA ASN E 110 -11.13 16.17 42.18
C ASN E 110 -10.59 16.39 43.60
N THR E 111 -10.88 15.48 44.51
CA THR E 111 -10.41 15.66 45.87
C THR E 111 -8.90 15.55 45.98
N GLU E 112 -8.31 16.66 46.42
CA GLU E 112 -6.88 16.77 46.60
C GLU E 112 -6.09 16.16 45.47
N ASN E 113 -6.06 16.89 44.36
CA ASN E 113 -5.32 16.46 43.16
C ASN E 113 -5.84 15.21 42.44
N GLY E 114 -6.92 14.62 42.93
CA GLY E 114 -7.48 13.46 42.29
C GLY E 114 -6.66 12.18 42.28
N GLY E 115 -6.99 11.30 41.33
CA GLY E 115 -6.29 10.04 41.21
C GLY E 115 -6.67 9.03 42.27
N TRP E 116 -7.67 9.38 43.09
CA TRP E 116 -8.10 8.50 44.16
C TRP E 116 -9.00 7.35 43.68
N THR E 117 -8.70 6.16 44.16
CA THR E 117 -9.46 4.97 43.82
C THR E 117 -10.36 4.69 45.04
N VAL E 118 -11.67 4.92 44.88
CA VAL E 118 -12.63 4.71 45.97
C VAL E 118 -12.79 3.27 46.40
N ILE E 119 -12.53 3.02 47.67
CA ILE E 119 -12.61 1.68 48.24
C ILE E 119 -13.94 1.39 48.95
N GLN E 120 -14.51 2.40 49.61
CA GLN E 120 -15.75 2.25 50.35
C GLN E 120 -16.49 3.59 50.29
N ASN E 121 -17.83 3.56 50.34
CA ASN E 121 -18.57 4.83 50.24
C ASN E 121 -19.99 4.82 50.82
N ARG E 122 -20.34 5.89 51.54
CA ARG E 122 -21.67 6.08 52.15
C ARG E 122 -22.15 7.49 51.83
N GLN E 123 -23.39 7.61 51.36
CA GLN E 123 -23.96 8.91 51.00
C GLN E 123 -25.47 8.93 51.24
N ASP E 124 -26.08 7.76 51.15
CA ASP E 124 -27.50 7.60 51.37
C ASP E 124 -27.63 6.27 52.08
N GLY E 125 -28.81 5.66 52.08
CA GLY E 125 -28.90 4.38 52.74
C GLY E 125 -29.34 3.29 51.79
N SER E 126 -28.91 3.41 50.54
CA SER E 126 -29.28 2.46 49.50
C SER E 126 -28.68 1.06 49.57
N VAL E 127 -27.68 0.84 50.43
CA VAL E 127 -27.07 -0.49 50.47
C VAL E 127 -26.79 -1.11 51.84
N ASP E 128 -27.17 -2.36 52.00
CA ASP E 128 -26.94 -3.02 53.28
C ASP E 128 -25.46 -3.36 53.43
N PHE E 129 -24.85 -3.01 54.55
CA PHE E 129 -23.44 -3.33 54.76
C PHE E 129 -23.26 -4.45 55.77
N GLY E 130 -24.36 -4.98 56.29
CA GLY E 130 -24.27 -6.08 57.22
C GLY E 130 -24.21 -7.38 56.43
N ARG E 131 -23.02 -7.74 55.93
CA ARG E 131 -22.90 -8.97 55.15
C ARG E 131 -21.89 -9.94 55.74
N LYS E 132 -21.96 -11.17 55.26
CA LYS E 132 -21.07 -12.22 55.72
C LYS E 132 -19.68 -12.05 55.11
N TRP E 133 -18.78 -12.92 55.54
CA TRP E 133 -17.39 -12.91 55.10
C TRP E 133 -17.19 -12.91 53.59
N ASP E 134 -17.94 -13.73 52.87
CA ASP E 134 -17.74 -13.78 51.44
C ASP E 134 -18.05 -12.49 50.70
N PRO E 135 -19.23 -11.90 50.92
CA PRO E 135 -19.55 -10.65 50.21
C PRO E 135 -18.54 -9.54 50.46
N TYR E 136 -17.88 -9.57 51.62
CA TYR E 136 -16.88 -8.55 51.94
C TYR E 136 -15.59 -8.86 51.21
N LYS E 137 -15.43 -10.13 50.84
CA LYS E 137 -14.26 -10.58 50.09
C LYS E 137 -14.40 -10.13 48.63
N GLN E 138 -15.55 -10.44 48.02
CA GLN E 138 -15.83 -10.10 46.62
C GLN E 138 -16.23 -8.65 46.37
N GLY E 139 -16.88 -8.04 47.36
CA GLY E 139 -17.35 -6.69 47.17
C GLY E 139 -18.84 -6.69 46.87
N PHE E 140 -19.50 -5.58 47.14
CA PHE E 140 -20.93 -5.51 46.90
C PHE E 140 -21.33 -4.06 46.72
N GLY E 141 -22.60 -3.83 46.43
CA GLY E 141 -23.07 -2.47 46.26
C GLY E 141 -23.04 -2.02 44.82
N ASN E 142 -23.23 -0.72 44.60
CA ASN E 142 -23.20 -0.11 43.27
C ASN E 142 -22.01 0.81 43.15
N VAL E 143 -21.19 0.56 42.13
CA VAL E 143 -20.00 1.34 41.88
C VAL E 143 -20.40 2.73 41.44
N ALA E 144 -21.45 2.82 40.65
CA ALA E 144 -21.89 4.12 40.20
C ALA E 144 -23.22 4.09 39.46
N THR E 145 -23.88 5.24 39.37
CA THR E 145 -25.16 5.34 38.68
C THR E 145 -25.12 6.55 37.79
N ASN E 146 -25.88 6.49 36.70
CA ASN E 146 -25.91 7.57 35.71
C ASN E 146 -26.32 8.92 36.24
N THR E 147 -25.78 9.95 35.61
CA THR E 147 -26.04 11.33 35.97
C THR E 147 -27.18 11.85 35.08
N ASP E 148 -28.17 10.98 34.83
CA ASP E 148 -29.34 11.27 34.01
C ASP E 148 -29.15 12.35 32.94
N GLY E 149 -29.29 11.94 31.69
CA GLY E 149 -29.11 12.85 30.58
C GLY E 149 -27.72 12.54 30.05
N LYS E 150 -26.89 12.04 30.95
CA LYS E 150 -25.53 11.67 30.62
C LYS E 150 -25.52 10.16 30.48
N ASN E 151 -24.83 9.65 29.46
CA ASN E 151 -24.77 8.22 29.24
C ASN E 151 -23.63 7.53 29.96
N TYR E 152 -23.13 8.17 31.02
CA TYR E 152 -22.08 7.59 31.83
C TYR E 152 -22.43 7.74 33.31
N CYS E 153 -21.83 6.90 34.13
CA CYS E 153 -22.11 6.93 35.54
C CYS E 153 -21.14 7.83 36.27
N GLY E 154 -21.44 9.14 36.24
CA GLY E 154 -20.60 10.12 36.92
C GLY E 154 -20.85 10.22 38.42
N LEU E 155 -21.90 9.52 38.87
CA LEU E 155 -22.28 9.50 40.28
C LEU E 155 -21.94 8.17 40.92
N PRO E 156 -21.22 8.21 42.05
CA PRO E 156 -20.81 7.01 42.81
C PRO E 156 -21.94 6.44 43.65
N GLY E 157 -21.93 5.13 43.86
CA GLY E 157 -22.97 4.52 44.67
C GLY E 157 -22.36 4.11 46.00
N GLU E 158 -23.04 3.24 46.74
CA GLU E 158 -22.48 2.81 48.00
C GLU E 158 -21.87 1.44 47.71
N TYR E 159 -20.66 1.20 48.21
CA TYR E 159 -20.04 -0.08 47.95
C TYR E 159 -18.82 -0.29 48.77
N TRP E 160 -18.34 -1.52 48.70
CA TRP E 160 -17.14 -1.95 49.38
C TRP E 160 -16.35 -2.84 48.43
N LEU E 161 -15.61 -2.23 47.51
CA LEU E 161 -14.80 -2.99 46.56
C LEU E 161 -14.19 -4.17 47.32
N GLY E 162 -14.32 -5.38 46.79
CA GLY E 162 -13.78 -6.54 47.49
C GLY E 162 -12.56 -6.40 48.41
N ASN E 163 -12.49 -7.23 49.45
CA ASN E 163 -11.31 -7.20 50.32
C ASN E 163 -10.09 -7.65 49.51
N ASP E 164 -10.23 -8.76 48.77
CA ASP E 164 -9.14 -9.25 47.91
C ASP E 164 -8.61 -8.11 47.05
N LYS E 165 -9.50 -7.48 46.28
CA LYS E 165 -9.10 -6.38 45.40
C LYS E 165 -8.45 -5.23 46.14
N ILE E 166 -8.82 -5.03 47.39
CA ILE E 166 -8.22 -3.94 48.17
C ILE E 166 -6.83 -4.35 48.65
N SER E 167 -6.71 -5.59 49.08
CA SER E 167 -5.45 -6.15 49.59
C SER E 167 -4.42 -6.12 48.47
N GLN E 168 -4.76 -6.67 47.32
CA GLN E 168 -3.87 -6.70 46.18
C GLN E 168 -3.46 -5.26 45.83
N LEU E 169 -4.45 -4.40 45.68
CA LEU E 169 -4.21 -3.00 45.34
C LEU E 169 -3.21 -2.32 46.31
N THR E 170 -3.28 -2.64 47.60
CA THR E 170 -2.38 -2.00 48.55
C THR E 170 -0.99 -2.64 48.54
N ARG E 171 -0.90 -3.89 48.09
CA ARG E 171 0.39 -4.55 48.07
C ARG E 171 1.13 -4.45 46.74
N MET E 172 0.86 -3.38 45.99
CA MET E 172 1.54 -3.12 44.71
C MET E 172 2.70 -2.17 44.99
N GLY E 173 2.78 -1.73 46.24
CA GLY E 173 3.82 -0.81 46.65
C GLY E 173 3.28 0.16 47.69
N PRO E 174 4.00 1.24 48.03
CA PRO E 174 3.44 2.15 49.03
C PRO E 174 2.05 2.62 48.59
N THR E 175 1.15 2.78 49.56
CA THR E 175 -0.22 3.22 49.29
C THR E 175 -0.76 4.11 50.43
N GLU E 176 -1.25 5.29 50.09
CA GLU E 176 -1.82 6.19 51.10
C GLU E 176 -3.34 6.03 51.12
N LEU E 177 -3.95 6.24 52.28
CA LEU E 177 -5.39 6.11 52.45
C LEU E 177 -6.03 7.41 52.92
N LEU E 178 -7.10 7.83 52.25
CA LEU E 178 -7.81 9.05 52.61
C LEU E 178 -9.21 8.71 53.06
N ILE E 179 -9.59 9.14 54.26
CA ILE E 179 -10.94 8.88 54.77
C ILE E 179 -11.64 10.19 55.02
N GLU E 180 -12.72 10.43 54.30
CA GLU E 180 -13.48 11.66 54.46
C GLU E 180 -14.83 11.37 55.09
N MET E 181 -15.50 12.42 55.51
CA MET E 181 -16.82 12.30 56.12
C MET E 181 -17.45 13.67 56.28
N GLU E 182 -18.78 13.69 56.32
CA GLU E 182 -19.55 14.92 56.46
C GLU E 182 -20.75 14.66 57.35
N ASP E 183 -21.07 15.59 58.25
CA ASP E 183 -22.23 15.39 59.12
C ASP E 183 -23.50 15.86 58.40
N TRP E 184 -24.65 15.74 59.05
CA TRP E 184 -25.89 16.14 58.42
C TRP E 184 -26.14 17.64 58.43
N LYS E 185 -25.07 18.42 58.50
CA LYS E 185 -25.20 19.87 58.51
C LYS E 185 -24.31 20.52 57.48
N GLY E 186 -23.26 19.82 57.06
CA GLY E 186 -22.38 20.38 56.04
C GLY E 186 -20.90 20.29 56.34
N ASP E 187 -20.57 20.11 57.61
CA ASP E 187 -19.17 20.03 58.02
C ASP E 187 -18.43 18.76 57.57
N LYS E 188 -17.27 18.96 56.95
CA LYS E 188 -16.44 17.86 56.49
C LYS E 188 -15.19 17.82 57.34
N VAL E 189 -14.61 16.63 57.46
CA VAL E 189 -13.37 16.43 58.21
C VAL E 189 -12.66 15.28 57.54
N LYS E 190 -11.33 15.31 57.56
CA LYS E 190 -10.57 14.25 56.91
C LYS E 190 -9.78 13.43 57.90
N ALA E 191 -9.15 12.38 57.38
CA ALA E 191 -8.31 11.46 58.13
C ALA E 191 -7.43 10.80 57.09
N HIS E 192 -6.20 11.29 56.99
CA HIS E 192 -5.25 10.77 56.02
C HIS E 192 -4.20 9.87 56.67
N TYR E 193 -3.95 8.71 56.07
CA TYR E 193 -2.94 7.77 56.55
C TYR E 193 -1.94 7.50 55.42
N GLY E 194 -0.84 8.24 55.43
CA GLY E 194 0.19 8.12 54.40
C GLY E 194 0.66 6.70 54.12
N GLY E 195 0.35 5.78 55.03
CA GLY E 195 0.76 4.41 54.84
C GLY E 195 -0.39 3.45 55.13
N PHE E 196 -0.73 2.62 54.16
CA PHE E 196 -1.84 1.69 54.35
C PHE E 196 -1.69 0.42 53.53
N THR E 197 -1.84 -0.72 54.18
CA THR E 197 -1.74 -2.01 53.50
C THR E 197 -2.75 -3.00 54.10
N VAL E 198 -3.14 -4.01 53.31
CA VAL E 198 -4.09 -5.01 53.78
C VAL E 198 -3.70 -6.40 53.30
N GLN E 199 -3.27 -7.24 54.23
CA GLN E 199 -2.87 -8.61 53.87
C GLN E 199 -3.96 -9.37 53.14
N ASN E 200 -3.61 -10.54 52.64
CA ASN E 200 -4.56 -11.38 51.90
C ASN E 200 -5.53 -12.07 52.85
N GLU E 201 -6.36 -12.96 52.31
CA GLU E 201 -7.35 -13.67 53.11
C GLU E 201 -6.75 -14.64 54.14
N ALA E 202 -5.67 -15.32 53.78
CA ALA E 202 -5.04 -16.27 54.70
C ALA E 202 -4.59 -15.54 55.98
N ASN E 203 -4.33 -14.25 55.83
CA ASN E 203 -3.89 -13.40 56.94
C ASN E 203 -5.07 -12.57 57.49
N LYS E 204 -6.28 -13.03 57.18
CA LYS E 204 -7.48 -12.37 57.65
C LYS E 204 -7.58 -10.90 57.24
N TYR E 205 -6.96 -10.55 56.11
CA TYR E 205 -6.98 -9.19 55.59
C TYR E 205 -6.53 -8.16 56.62
N GLN E 206 -5.72 -8.62 57.56
CA GLN E 206 -5.19 -7.74 58.62
C GLN E 206 -4.77 -6.36 58.12
N ILE E 207 -5.29 -5.33 58.77
CA ILE E 207 -4.96 -3.96 58.37
C ILE E 207 -3.70 -3.45 59.08
N SER E 208 -3.21 -2.32 58.61
CA SER E 208 -2.00 -1.69 59.16
C SER E 208 -1.83 -0.33 58.50
N VAL E 209 -1.72 0.70 59.33
CA VAL E 209 -1.57 2.07 58.84
C VAL E 209 -0.58 2.90 59.65
N ASN E 210 -0.20 4.06 59.11
CA ASN E 210 0.74 4.97 59.77
C ASN E 210 0.69 6.34 59.10
N LYS E 211 1.43 7.29 59.68
CA LYS E 211 1.48 8.64 59.15
C LYS E 211 0.09 9.23 59.07
N TYR E 212 -0.40 9.71 60.21
CA TYR E 212 -1.73 10.29 60.34
C TYR E 212 -1.78 11.81 60.28
N ARG E 213 -2.72 12.35 59.52
CA ARG E 213 -2.90 13.79 59.40
C ARG E 213 -4.38 14.04 59.62
N GLY E 214 -4.98 14.83 58.74
CA GLY E 214 -6.40 15.10 58.86
C GLY E 214 -6.89 15.71 60.16
N THR E 215 -8.15 16.13 60.13
CA THR E 215 -8.81 16.79 61.24
C THR E 215 -10.02 16.01 61.75
N ALA E 216 -9.88 14.70 61.89
CA ALA E 216 -11.01 13.90 62.35
C ALA E 216 -10.66 13.04 63.56
N GLY E 217 -9.37 12.91 63.84
CA GLY E 217 -8.95 12.11 64.98
C GLY E 217 -8.43 10.73 64.59
N ASN E 218 -7.16 10.48 64.89
CA ASN E 218 -6.56 9.20 64.56
C ASN E 218 -7.19 8.06 65.36
N ALA E 219 -8.40 7.67 64.95
CA ALA E 219 -9.10 6.60 65.63
C ALA E 219 -8.44 5.27 65.35
N LEU E 220 -8.21 4.99 64.08
CA LEU E 220 -7.59 3.75 63.66
C LEU E 220 -6.34 3.39 64.47
N MET E 221 -5.53 4.40 64.78
CA MET E 221 -4.31 4.18 65.54
C MET E 221 -4.42 4.32 67.06
N ASP E 222 -4.87 5.48 67.54
CA ASP E 222 -4.96 5.72 68.98
C ASP E 222 -6.33 5.46 69.62
N GLY E 223 -7.14 4.59 69.05
CA GLY E 223 -8.45 4.35 69.63
C GLY E 223 -9.23 5.65 69.77
N ALA E 224 -10.36 5.61 70.48
CA ALA E 224 -11.16 6.81 70.65
C ALA E 224 -10.56 7.76 71.67
N SER E 225 -10.41 9.02 71.25
CA SER E 225 -9.82 10.06 72.09
C SER E 225 -10.67 10.45 73.30
N GLN E 226 -11.86 9.88 73.45
CA GLN E 226 -12.71 10.26 74.57
C GLN E 226 -12.87 9.22 75.68
N LEU E 227 -11.95 8.26 75.74
CA LEU E 227 -12.00 7.23 76.79
C LEU E 227 -10.61 6.87 77.28
N MET E 228 -10.36 7.18 78.55
CA MET E 228 -9.08 6.92 79.21
C MET E 228 -8.83 5.46 79.54
N GLY E 229 -7.55 5.12 79.74
CA GLY E 229 -7.17 3.76 80.10
C GLY E 229 -7.39 2.66 79.08
N GLU E 230 -7.45 1.42 79.58
CA GLU E 230 -7.66 0.25 78.73
C GLU E 230 -8.82 0.43 77.76
N ASN E 231 -9.87 1.10 78.22
CA ASN E 231 -11.03 1.33 77.39
C ASN E 231 -10.64 1.91 76.01
N ARG E 232 -9.63 2.77 75.97
CA ARG E 232 -9.21 3.37 74.71
C ARG E 232 -8.40 2.43 73.83
N THR E 233 -7.38 1.81 74.40
CA THR E 233 -6.53 0.89 73.66
C THR E 233 -7.33 -0.24 73.00
N MET E 234 -8.42 -0.68 73.63
CA MET E 234 -9.22 -1.75 73.06
C MET E 234 -10.09 -1.31 71.88
N THR E 235 -9.94 -0.06 71.46
CA THR E 235 -10.70 0.48 70.33
C THR E 235 -9.72 0.92 69.27
N ILE E 236 -8.64 0.18 69.13
CA ILE E 236 -7.62 0.49 68.13
C ILE E 236 -7.78 -0.51 67.00
N HIS E 237 -7.99 -0.02 65.79
CA HIS E 237 -8.18 -0.91 64.65
C HIS E 237 -6.88 -1.35 64.04
N ASN E 238 -5.92 -0.43 64.03
CA ASN E 238 -4.61 -0.70 63.47
C ASN E 238 -4.09 -2.05 63.92
N GLY E 239 -3.76 -2.89 62.95
CA GLY E 239 -3.23 -4.22 63.27
C GLY E 239 -4.28 -5.25 63.62
N MET E 240 -5.55 -4.88 63.51
CA MET E 240 -6.63 -5.80 63.83
C MET E 240 -7.01 -6.58 62.59
N PHE E 241 -7.56 -7.77 62.81
CA PHE E 241 -8.00 -8.61 61.71
C PHE E 241 -9.34 -8.06 61.23
N PHE E 242 -9.91 -8.71 60.22
CA PHE E 242 -11.19 -8.28 59.68
C PHE E 242 -12.22 -9.31 60.12
N SER E 243 -13.43 -8.85 60.39
CA SER E 243 -14.49 -9.75 60.82
C SER E 243 -15.86 -9.38 60.24
N THR E 244 -16.65 -10.41 60.01
CA THR E 244 -18.02 -10.25 59.53
C THR E 244 -18.84 -10.99 60.57
N TYR E 245 -20.14 -10.74 60.61
CA TYR E 245 -20.94 -11.40 61.63
C TYR E 245 -20.87 -12.92 61.60
N ASP E 246 -20.38 -13.44 60.47
CA ASP E 246 -20.26 -14.89 60.30
C ASP E 246 -18.81 -15.36 60.43
N ARG E 247 -17.89 -14.43 60.66
CA ARG E 247 -16.48 -14.76 60.81
C ARG E 247 -15.87 -13.92 61.95
N ASP E 248 -15.62 -14.57 63.07
CA ASP E 248 -15.08 -13.89 64.25
C ASP E 248 -13.56 -13.76 64.28
N ASN E 249 -13.07 -12.54 64.11
CA ASN E 249 -11.63 -12.28 64.14
C ASN E 249 -11.34 -11.06 65.04
N ASP E 250 -12.35 -10.59 65.77
CA ASP E 250 -12.16 -9.43 66.62
C ASP E 250 -11.30 -9.77 67.83
N GLY E 251 -11.01 -8.78 68.67
CA GLY E 251 -10.19 -9.01 69.86
C GLY E 251 -10.98 -9.05 71.14
N TRP E 252 -12.21 -9.55 71.05
CA TRP E 252 -13.09 -9.64 72.21
C TRP E 252 -13.32 -11.11 72.47
N LEU E 253 -12.39 -11.73 73.20
CA LEU E 253 -12.48 -13.16 73.52
C LEU E 253 -13.69 -13.51 74.37
N THR E 254 -14.55 -14.39 73.83
CA THR E 254 -15.73 -14.86 74.55
C THR E 254 -16.42 -16.03 73.85
N SER E 255 -16.78 -17.05 74.62
CA SER E 255 -17.44 -18.24 74.10
C SER E 255 -18.94 -18.04 73.81
N ASP E 256 -19.48 -16.87 74.19
CA ASP E 256 -20.89 -16.52 73.95
C ASP E 256 -21.00 -16.03 72.51
N PRO E 257 -21.52 -16.88 71.61
CA PRO E 257 -21.68 -16.57 70.19
C PRO E 257 -22.42 -15.28 69.89
N ARG E 258 -23.09 -14.72 70.89
CA ARG E 258 -23.82 -13.47 70.69
C ARG E 258 -22.97 -12.23 70.96
N LYS E 259 -21.82 -12.43 71.61
CA LYS E 259 -20.95 -11.31 71.92
C LYS E 259 -19.76 -11.26 70.96
N GLN E 260 -20.01 -10.65 69.81
CA GLN E 260 -19.00 -10.48 68.74
C GLN E 260 -19.22 -9.12 68.08
N CYS E 261 -18.20 -8.28 68.16
CA CYS E 261 -18.28 -6.94 67.60
C CYS E 261 -19.05 -6.78 66.29
N SER E 262 -18.90 -7.73 65.36
CA SER E 262 -19.58 -7.63 64.08
C SER E 262 -21.07 -7.93 64.19
N LYS E 263 -21.44 -8.87 65.07
CA LYS E 263 -22.84 -9.24 65.27
C LYS E 263 -23.56 -7.96 65.69
N GLU E 264 -23.06 -7.37 66.77
CA GLU E 264 -23.57 -6.10 67.29
C GLU E 264 -22.82 -5.15 66.38
N ASP E 265 -22.90 -3.85 66.61
CA ASP E 265 -22.16 -2.90 65.76
C ASP E 265 -22.46 -2.97 64.24
N GLY E 266 -23.03 -4.10 63.81
CA GLY E 266 -23.47 -4.31 62.45
C GLY E 266 -22.68 -4.22 61.15
N GLY E 267 -21.36 -4.32 61.19
CA GLY E 267 -20.61 -4.22 59.95
C GLY E 267 -19.53 -5.28 59.73
N GLY E 268 -18.81 -5.08 58.63
CA GLY E 268 -17.69 -5.94 58.28
C GLY E 268 -16.56 -4.96 58.45
N TRP E 269 -15.70 -5.21 59.44
CA TRP E 269 -14.62 -4.27 59.70
C TRP E 269 -13.53 -4.86 60.59
N TRP E 270 -12.50 -4.06 60.81
CA TRP E 270 -11.38 -4.48 61.65
C TRP E 270 -11.75 -4.11 63.09
N TYR E 271 -12.62 -4.90 63.68
CA TYR E 271 -13.05 -4.67 65.06
C TYR E 271 -12.00 -5.18 66.04
N ASN E 272 -12.01 -4.63 67.25
CA ASN E 272 -11.03 -5.03 68.25
C ASN E 272 -11.54 -4.88 69.67
N ARG E 273 -12.83 -5.16 69.87
CA ARG E 273 -13.44 -5.06 71.20
C ARG E 273 -13.70 -3.62 71.69
N CYS E 274 -14.33 -2.80 70.85
CA CYS E 274 -14.75 -3.21 69.53
C CYS E 274 -14.26 -2.22 68.50
N HIS E 275 -14.64 -0.95 68.66
CA HIS E 275 -14.22 0.05 67.70
C HIS E 275 -14.17 1.48 68.24
N ALA E 276 -13.58 2.36 67.44
CA ALA E 276 -13.46 3.77 67.74
C ALA E 276 -13.99 4.42 66.47
N ALA E 277 -13.99 3.61 65.41
CA ALA E 277 -14.46 4.04 64.10
C ALA E 277 -15.31 2.89 63.60
N ASN E 278 -16.35 3.18 62.83
CA ASN E 278 -17.21 2.11 62.35
C ASN E 278 -17.90 2.40 61.04
N PRO E 279 -17.12 2.68 59.97
CA PRO E 279 -17.75 2.96 58.66
C PRO E 279 -18.34 1.59 58.36
N ASN E 280 -19.29 1.48 57.45
CA ASN E 280 -19.88 0.16 57.20
C ASN E 280 -20.99 -0.10 58.23
N GLY E 281 -21.08 0.80 59.20
CA GLY E 281 -22.10 0.69 60.23
C GLY E 281 -23.45 1.01 59.61
N ARG E 282 -24.50 0.92 60.43
CA ARG E 282 -25.88 1.17 60.00
C ARG E 282 -26.13 2.64 59.64
N TYR E 283 -26.75 2.87 58.49
CA TYR E 283 -27.01 4.26 58.07
C TYR E 283 -28.22 4.88 58.76
N TYR E 284 -28.00 5.44 59.95
CA TYR E 284 -29.06 6.08 60.75
C TYR E 284 -29.42 7.44 60.17
N TRP E 285 -30.56 7.51 59.51
CA TRP E 285 -31.01 8.76 58.92
C TRP E 285 -31.21 9.89 59.94
N GLY E 286 -30.76 11.09 59.58
CA GLY E 286 -30.91 12.22 60.46
C GLY E 286 -29.63 12.57 61.20
N GLY E 287 -28.89 11.55 61.62
CA GLY E 287 -27.64 11.78 62.32
C GLY E 287 -27.67 11.24 63.74
N GLN E 288 -28.36 11.96 64.61
CA GLN E 288 -28.46 11.56 66.02
C GLN E 288 -29.30 10.29 66.15
N TYR E 289 -28.86 9.36 67.01
CA TYR E 289 -29.59 8.13 67.25
C TYR E 289 -29.23 7.68 68.67
N THR E 290 -29.97 6.73 69.24
CA THR E 290 -29.64 6.29 70.59
C THR E 290 -29.75 4.79 70.85
N TRP E 291 -29.14 4.38 71.95
CA TRP E 291 -29.12 2.98 72.35
C TRP E 291 -30.48 2.28 72.24
N ASP E 292 -31.56 2.98 72.60
CA ASP E 292 -32.87 2.35 72.52
C ASP E 292 -33.43 2.44 71.10
N MET E 293 -32.52 2.43 70.12
CA MET E 293 -32.88 2.47 68.70
C MET E 293 -32.03 1.43 67.97
N ALA E 294 -30.91 1.07 68.58
CA ALA E 294 -29.98 0.11 68.03
C ALA E 294 -30.41 -1.34 68.26
N LYS E 295 -30.30 -2.14 67.20
CA LYS E 295 -30.66 -3.56 67.23
C LYS E 295 -30.22 -4.27 68.52
N HIS E 296 -28.93 -4.19 68.81
CA HIS E 296 -28.36 -4.83 69.99
C HIS E 296 -27.97 -3.80 71.04
N GLY E 297 -28.45 -2.57 70.86
CA GLY E 297 -28.18 -1.51 71.83
C GLY E 297 -26.76 -0.99 71.91
N THR E 298 -25.95 -1.29 70.90
CA THR E 298 -24.57 -0.80 70.88
C THR E 298 -24.53 0.39 69.93
N ASP E 299 -23.39 1.06 69.81
CA ASP E 299 -23.30 2.20 68.91
C ASP E 299 -22.93 1.82 67.48
N ASP E 300 -23.79 1.04 66.82
CA ASP E 300 -23.55 0.68 65.43
C ASP E 300 -23.90 1.97 64.70
N GLY E 301 -23.64 2.05 63.41
CA GLY E 301 -23.95 3.30 62.73
C GLY E 301 -22.67 3.93 62.22
N VAL E 302 -22.76 4.64 61.10
CA VAL E 302 -21.60 5.26 60.50
C VAL E 302 -20.98 6.19 61.54
N VAL E 303 -20.14 5.61 62.38
CA VAL E 303 -19.50 6.34 63.48
C VAL E 303 -18.00 6.60 63.47
N TRP E 304 -17.64 7.81 63.88
CA TRP E 304 -16.25 8.21 63.98
C TRP E 304 -16.25 8.97 65.30
N MET E 305 -15.92 8.24 66.36
CA MET E 305 -15.92 8.78 67.71
C MET E 305 -15.11 10.03 67.94
N ASN E 306 -13.83 9.99 67.56
CA ASN E 306 -12.95 11.13 67.76
C ASN E 306 -13.48 12.43 67.19
N TRP E 307 -14.62 12.39 66.50
CA TRP E 307 -15.20 13.60 65.92
C TRP E 307 -16.60 13.97 66.38
N LYS E 308 -17.56 13.08 66.17
CA LYS E 308 -18.94 13.35 66.53
C LYS E 308 -19.57 12.49 67.62
N GLY E 309 -18.76 11.92 68.51
CA GLY E 309 -19.32 11.11 69.56
C GLY E 309 -19.42 9.63 69.27
N SER E 310 -20.46 8.99 69.80
CA SER E 310 -20.66 7.57 69.59
C SER E 310 -22.09 7.29 69.15
N TRP E 311 -22.92 8.31 69.23
CA TRP E 311 -24.32 8.22 68.86
C TRP E 311 -24.65 9.21 67.75
N TYR E 312 -23.81 9.20 66.72
CA TYR E 312 -24.00 10.06 65.56
C TYR E 312 -23.55 9.30 64.32
N SER E 313 -24.51 9.06 63.41
CA SER E 313 -24.22 8.35 62.18
C SER E 313 -24.00 9.38 61.09
N MET E 314 -22.87 9.29 60.41
CA MET E 314 -22.53 10.24 59.37
C MET E 314 -23.46 10.17 58.18
N ARG E 315 -23.62 11.31 57.52
CA ARG E 315 -24.43 11.38 56.33
C ARG E 315 -23.56 10.84 55.20
N LYS E 316 -22.32 11.31 55.11
CA LYS E 316 -21.36 10.87 54.09
C LYS E 316 -20.05 10.42 54.73
N MET E 317 -19.57 9.26 54.30
CA MET E 317 -18.34 8.66 54.84
C MET E 317 -17.67 7.76 53.78
N SER E 318 -16.46 8.10 53.35
CA SER E 318 -15.77 7.29 52.34
C SER E 318 -14.34 6.88 52.65
N MET E 319 -13.82 5.95 51.85
CA MET E 319 -12.45 5.43 51.96
C MET E 319 -11.80 5.28 50.57
N LYS E 320 -10.88 6.19 50.24
CA LYS E 320 -10.18 6.16 48.94
C LYS E 320 -8.66 6.02 49.07
N ILE E 321 -8.03 5.39 48.08
CA ILE E 321 -6.58 5.17 48.12
C ILE E 321 -5.82 5.68 46.89
N ARG E 322 -4.50 5.76 47.03
CA ARG E 322 -3.60 6.23 45.97
C ARG E 322 -2.21 5.60 46.20
N PRO E 323 -1.43 5.40 45.11
CA PRO E 323 -0.09 4.81 45.22
C PRO E 323 0.94 5.58 46.06
N PHE E 324 0.72 6.86 46.28
CA PHE E 324 1.66 7.65 47.08
C PHE E 324 3.01 7.85 46.42
N PHE E 325 3.65 6.74 46.08
CA PHE E 325 4.96 6.71 45.42
C PHE E 325 5.93 7.80 45.87
N HIS F 15 -62.54 -3.61 86.53
CA HIS F 15 -61.05 -3.50 86.42
C HIS F 15 -60.40 -4.83 86.08
N ASP F 16 -60.63 -5.82 86.94
CA ASP F 16 -60.08 -7.16 86.75
C ASP F 16 -60.70 -7.71 85.46
N SER F 17 -60.99 -6.80 84.55
CA SER F 17 -61.59 -7.10 83.27
C SER F 17 -60.87 -6.24 82.24
N SER F 18 -60.65 -4.97 82.57
CA SER F 18 -59.95 -4.05 81.68
C SER F 18 -58.55 -4.60 81.49
N ILE F 19 -58.06 -5.28 82.53
CA ILE F 19 -56.75 -5.89 82.48
C ILE F 19 -56.80 -6.92 81.35
N ARG F 20 -57.57 -7.99 81.54
CA ARG F 20 -57.70 -9.03 80.53
C ARG F 20 -57.66 -8.46 79.11
N TYR F 21 -58.30 -7.31 78.91
CA TYR F 21 -58.36 -6.63 77.61
C TYR F 21 -57.00 -6.25 77.05
N LEU F 22 -56.21 -5.54 77.86
CA LEU F 22 -54.87 -5.11 77.46
C LEU F 22 -54.01 -6.37 77.26
N GLN F 23 -54.05 -7.26 78.24
CA GLN F 23 -53.32 -8.53 78.19
C GLN F 23 -53.46 -9.12 76.77
N GLU F 24 -54.65 -9.02 76.18
CA GLU F 24 -54.91 -9.54 74.84
C GLU F 24 -54.05 -8.78 73.83
N ILE F 25 -54.17 -7.46 73.86
CA ILE F 25 -53.41 -6.62 72.97
C ILE F 25 -51.93 -6.85 73.16
N TYR F 26 -51.49 -7.01 74.40
CA TYR F 26 -50.08 -7.26 74.63
C TYR F 26 -49.66 -8.50 73.87
N ASN F 27 -50.20 -9.64 74.28
CA ASN F 27 -49.86 -10.89 73.63
C ASN F 27 -50.19 -10.95 72.13
N SER F 28 -51.15 -10.16 71.67
CA SER F 28 -51.45 -10.18 70.25
C SER F 28 -50.30 -9.47 69.56
N ASN F 29 -49.95 -8.28 70.08
CA ASN F 29 -48.86 -7.51 69.52
C ASN F 29 -47.58 -8.32 69.56
N ASN F 30 -47.27 -8.86 70.74
CA ASN F 30 -46.07 -9.68 70.89
C ASN F 30 -46.29 -10.93 70.08
N GLN F 31 -46.71 -10.77 68.83
CA GLN F 31 -46.99 -11.90 67.97
C GLN F 31 -47.17 -11.32 66.60
N LYS F 32 -47.81 -10.16 66.56
CA LYS F 32 -48.00 -9.47 65.30
C LYS F 32 -46.55 -9.10 64.94
N ILE F 33 -45.77 -8.78 65.98
CA ILE F 33 -44.38 -8.42 65.82
C ILE F 33 -43.47 -9.59 65.40
N VAL F 34 -43.60 -10.74 66.06
CA VAL F 34 -42.75 -11.84 65.67
C VAL F 34 -42.97 -12.10 64.20
N ASN F 35 -44.21 -11.94 63.75
CA ASN F 35 -44.54 -12.16 62.35
C ASN F 35 -43.97 -11.07 61.43
N LEU F 36 -44.30 -9.82 61.75
CA LEU F 36 -43.83 -8.67 60.98
C LEU F 36 -42.33 -8.77 60.77
N LYS F 37 -41.64 -9.34 61.74
CA LYS F 37 -40.21 -9.49 61.64
C LYS F 37 -39.84 -10.45 60.52
N GLU F 38 -40.39 -11.66 60.56
CA GLU F 38 -40.11 -12.64 59.52
C GLU F 38 -40.32 -11.99 58.15
N LYS F 39 -41.27 -11.05 58.11
CA LYS F 39 -41.62 -10.34 56.88
C LYS F 39 -40.55 -9.33 56.50
N VAL F 40 -39.78 -8.90 57.48
CA VAL F 40 -38.75 -7.91 57.24
C VAL F 40 -37.53 -8.53 56.59
N ALA F 41 -37.25 -9.79 56.95
CA ALA F 41 -36.13 -10.52 56.41
C ALA F 41 -36.38 -10.81 54.94
N GLN F 42 -37.52 -11.44 54.67
CA GLN F 42 -37.92 -11.77 53.31
C GLN F 42 -37.61 -10.61 52.37
N LEU F 43 -37.82 -9.39 52.87
CA LEU F 43 -37.54 -8.18 52.10
C LEU F 43 -36.01 -8.01 51.98
N GLU F 44 -35.35 -8.05 53.13
CA GLU F 44 -33.90 -7.93 53.25
C GLU F 44 -33.21 -8.85 52.21
N ALA F 45 -33.69 -10.09 52.17
CA ALA F 45 -33.16 -11.08 51.26
C ALA F 45 -33.26 -10.63 49.81
N GLN F 46 -34.24 -9.78 49.52
CA GLN F 46 -34.44 -9.28 48.16
C GLN F 46 -33.73 -7.97 47.89
N CYS F 47 -32.96 -7.46 48.83
CA CYS F 47 -32.28 -6.21 48.58
C CYS F 47 -30.78 -6.32 48.79
N GLN F 48 -30.19 -7.33 48.15
CA GLN F 48 -28.75 -7.57 48.27
C GLN F 48 -27.99 -7.25 46.98
N GLU F 49 -28.55 -7.65 45.85
CA GLU F 49 -27.95 -7.44 44.54
C GLU F 49 -27.99 -5.98 44.09
N PRO F 50 -26.89 -5.49 43.51
CA PRO F 50 -26.79 -4.11 43.03
C PRO F 50 -27.58 -3.94 41.73
N CYS F 51 -27.94 -2.70 41.39
CA CYS F 51 -28.71 -2.44 40.19
C CYS F 51 -28.11 -3.14 38.99
N LYS F 52 -28.93 -3.82 38.22
CA LYS F 52 -28.48 -4.54 37.04
C LYS F 52 -27.90 -3.57 36.02
N ASP F 53 -26.62 -3.71 35.71
CA ASP F 53 -25.98 -2.84 34.73
C ASP F 53 -26.16 -3.40 33.33
N THR F 54 -26.50 -2.53 32.39
CA THR F 54 -26.71 -2.92 31.00
C THR F 54 -25.40 -3.29 30.30
N VAL F 55 -24.45 -2.36 30.29
CA VAL F 55 -23.19 -2.64 29.62
C VAL F 55 -22.48 -3.85 30.20
N GLN F 56 -22.13 -4.78 29.32
CA GLN F 56 -21.42 -6.01 29.68
C GLN F 56 -20.37 -6.23 28.60
N ILE F 57 -19.37 -7.06 28.90
CA ILE F 57 -18.30 -7.33 27.96
C ILE F 57 -18.21 -8.82 27.69
N HIS F 58 -17.99 -9.19 26.43
CA HIS F 58 -17.88 -10.60 26.05
C HIS F 58 -16.55 -11.19 26.55
N ASP F 59 -16.51 -12.51 26.73
CA ASP F 59 -15.30 -13.16 27.21
C ASP F 59 -14.28 -13.50 26.12
N ILE F 60 -14.76 -13.69 24.89
CA ILE F 60 -13.87 -13.98 23.77
C ILE F 60 -12.95 -12.78 23.52
N THR F 61 -11.64 -13.05 23.45
CA THR F 61 -10.64 -12.01 23.23
C THR F 61 -9.70 -12.40 22.08
N GLY F 62 -8.82 -11.48 21.68
CA GLY F 62 -7.89 -11.76 20.61
C GLY F 62 -6.95 -10.62 20.22
N LYS F 63 -6.34 -10.76 19.04
CA LYS F 63 -5.39 -9.78 18.49
C LYS F 63 -6.10 -8.49 18.12
N ASP F 64 -7.30 -8.63 17.56
CA ASP F 64 -8.11 -7.48 17.18
C ASP F 64 -9.52 -8.01 16.92
N CYS F 65 -10.39 -7.19 16.32
CA CYS F 65 -11.76 -7.67 16.08
C CYS F 65 -11.87 -8.81 15.08
N GLN F 66 -10.99 -8.85 14.10
CA GLN F 66 -11.02 -9.92 13.12
C GLN F 66 -10.63 -11.22 13.82
N ASP F 67 -9.51 -11.19 14.55
CA ASP F 67 -9.04 -12.38 15.26
C ASP F 67 -10.22 -12.93 16.07
N ILE F 68 -10.94 -12.02 16.73
CA ILE F 68 -12.09 -12.40 17.53
C ILE F 68 -13.16 -13.03 16.63
N ALA F 69 -13.59 -12.30 15.61
CA ALA F 69 -14.62 -12.81 14.71
C ALA F 69 -14.26 -14.19 14.14
N ASN F 70 -12.97 -14.39 13.82
CA ASN F 70 -12.54 -15.67 13.27
C ASN F 70 -12.45 -16.70 14.40
N LYS F 71 -12.78 -16.30 15.61
CA LYS F 71 -12.72 -17.21 16.74
C LYS F 71 -14.12 -17.61 17.23
N GLY F 72 -15.14 -17.12 16.54
CA GLY F 72 -16.51 -17.46 16.91
C GLY F 72 -17.46 -16.31 17.24
N ALA F 73 -16.94 -15.15 17.64
CA ALA F 73 -17.79 -14.00 17.98
C ALA F 73 -18.83 -13.87 16.88
N LYS F 74 -19.94 -13.17 17.17
CA LYS F 74 -20.99 -13.01 16.17
C LYS F 74 -21.76 -11.70 16.31
N GLN F 75 -21.83 -11.17 17.54
CA GLN F 75 -22.59 -9.94 17.81
C GLN F 75 -21.75 -8.71 18.10
N SER F 76 -22.03 -7.64 17.37
CA SER F 76 -21.29 -6.39 17.55
C SER F 76 -21.30 -6.06 19.04
N GLY F 77 -20.15 -5.69 19.59
CA GLY F 77 -20.12 -5.39 21.01
C GLY F 77 -18.77 -4.96 21.53
N LEU F 78 -18.61 -5.05 22.85
CA LEU F 78 -17.36 -4.67 23.49
C LEU F 78 -16.56 -5.88 23.92
N TYR F 79 -15.32 -5.96 23.45
CA TYR F 79 -14.41 -7.05 23.79
C TYR F 79 -13.06 -6.45 24.14
N PHE F 80 -12.14 -7.30 24.57
CA PHE F 80 -10.79 -6.86 24.87
C PHE F 80 -9.93 -7.44 23.74
N ILE F 81 -8.98 -6.65 23.24
CA ILE F 81 -8.08 -7.12 22.19
C ILE F 81 -6.69 -6.84 22.69
N LYS F 82 -5.72 -7.63 22.25
CA LYS F 82 -4.34 -7.42 22.66
C LYS F 82 -3.37 -7.66 21.50
N PRO F 83 -3.03 -6.60 20.76
CA PRO F 83 -2.10 -6.76 19.64
C PRO F 83 -0.84 -7.40 20.21
N LEU F 84 -0.22 -8.30 19.45
CA LEU F 84 0.96 -8.99 19.93
C LEU F 84 2.02 -8.05 20.51
N LYS F 85 1.95 -6.78 20.13
CA LYS F 85 2.94 -5.83 20.62
C LYS F 85 2.43 -4.83 21.65
N ALA F 86 1.34 -5.15 22.32
CA ALA F 86 0.79 -4.24 23.32
C ALA F 86 1.21 -4.61 24.76
N ASN F 87 1.30 -3.61 25.63
CA ASN F 87 1.68 -3.81 27.04
C ASN F 87 0.58 -4.52 27.84
N GLN F 88 -0.63 -3.98 27.72
CA GLN F 88 -1.79 -4.51 28.43
C GLN F 88 -2.95 -4.56 27.44
N GLN F 89 -3.77 -5.60 27.56
CA GLN F 89 -4.93 -5.74 26.68
C GLN F 89 -5.78 -4.50 26.94
N PHE F 90 -6.74 -4.23 26.07
CA PHE F 90 -7.57 -3.05 26.27
C PHE F 90 -8.92 -3.19 25.59
N LEU F 91 -9.92 -2.48 26.13
CA LEU F 91 -11.27 -2.54 25.59
C LEU F 91 -11.49 -1.75 24.30
N VAL F 92 -12.21 -2.38 23.37
CA VAL F 92 -12.55 -1.77 22.09
C VAL F 92 -13.98 -2.14 21.71
N TYR F 93 -14.49 -1.51 20.66
CA TYR F 93 -15.83 -1.81 20.19
C TYR F 93 -15.78 -2.57 18.86
N CYS F 94 -15.95 -3.89 18.93
CA CYS F 94 -15.94 -4.73 17.72
C CYS F 94 -17.27 -4.70 17.01
N GLU F 95 -17.24 -4.28 15.74
CA GLU F 95 -18.44 -4.19 14.92
C GLU F 95 -18.46 -5.38 13.98
N ILE F 96 -19.27 -6.40 14.29
CA ILE F 96 -19.35 -7.62 13.48
C ILE F 96 -20.57 -7.75 12.55
N ASP F 97 -20.35 -8.32 11.36
CA ASP F 97 -21.40 -8.51 10.36
C ASP F 97 -21.79 -9.97 10.14
N GLY F 98 -22.79 -10.17 9.27
CA GLY F 98 -23.26 -11.50 8.96
C GLY F 98 -22.48 -12.14 7.83
N SER F 99 -21.15 -12.19 8.00
CA SER F 99 -20.28 -12.76 6.99
C SER F 99 -18.86 -12.94 7.53
N GLY F 100 -18.72 -12.90 8.85
CA GLY F 100 -17.41 -13.11 9.47
C GLY F 100 -16.43 -11.97 9.54
N ASN F 101 -16.80 -10.79 9.01
CA ASN F 101 -15.91 -9.63 9.03
C ASN F 101 -15.82 -8.98 10.41
N GLY F 102 -14.61 -8.90 10.95
CA GLY F 102 -14.41 -8.29 12.27
C GLY F 102 -13.81 -6.89 12.28
N TRP F 103 -14.66 -5.89 12.05
CA TRP F 103 -14.24 -4.49 12.05
C TRP F 103 -13.97 -4.01 13.47
N THR F 104 -12.91 -3.22 13.66
CA THR F 104 -12.63 -2.66 14.97
C THR F 104 -12.58 -1.15 14.86
N VAL F 105 -13.61 -0.49 15.38
CA VAL F 105 -13.75 0.97 15.34
C VAL F 105 -12.77 1.73 16.22
N PHE F 106 -12.34 2.92 15.78
CA PHE F 106 -11.42 3.72 16.58
C PHE F 106 -11.91 5.17 16.72
N GLN F 107 -12.96 5.54 15.98
CA GLN F 107 -13.56 6.88 16.06
C GLN F 107 -15.06 6.80 15.80
N LYS F 108 -15.83 7.64 16.50
CA LYS F 108 -17.28 7.67 16.37
C LYS F 108 -17.92 9.02 16.74
N ARG F 109 -18.96 9.39 16.01
CA ARG F 109 -19.66 10.64 16.25
C ARG F 109 -21.11 10.46 15.82
N LEU F 110 -22.04 10.89 16.67
CA LEU F 110 -23.48 10.77 16.41
C LEU F 110 -24.43 11.71 17.16
N ASP F 111 -23.93 12.47 18.13
CA ASP F 111 -24.80 13.40 18.87
C ASP F 111 -24.11 14.55 19.61
N GLY F 112 -22.81 14.77 19.33
CA GLY F 112 -22.10 15.86 19.99
C GLY F 112 -21.93 15.70 21.49
N SER F 113 -22.19 14.50 22.00
CA SER F 113 -22.07 14.23 23.44
C SER F 113 -20.66 14.39 23.99
N VAL F 114 -19.66 14.12 23.16
CA VAL F 114 -18.27 14.22 23.61
C VAL F 114 -17.54 15.42 23.05
N ASP F 115 -16.71 16.02 23.91
CA ASP F 115 -15.89 17.18 23.54
C ASP F 115 -14.61 16.63 22.90
N PHE F 116 -14.40 16.90 21.63
CA PHE F 116 -13.20 16.40 20.94
C PHE F 116 -11.98 17.33 20.98
N LYS F 117 -12.10 18.43 21.71
CA LYS F 117 -11.00 19.38 21.85
C LYS F 117 -10.13 18.87 23.00
N LYS F 118 -9.36 17.82 22.75
CA LYS F 118 -8.49 17.28 23.78
C LYS F 118 -7.00 17.50 23.49
N ASN F 119 -6.15 17.06 24.42
CA ASN F 119 -4.72 17.27 24.24
C ASN F 119 -3.95 16.03 23.85
N TRP F 120 -2.66 16.23 23.56
CA TRP F 120 -1.80 15.15 23.13
C TRP F 120 -1.98 13.83 23.89
N ILE F 121 -1.89 13.89 25.22
CA ILE F 121 -2.04 12.69 26.03
C ILE F 121 -3.43 12.06 25.90
N GLN F 122 -4.45 12.91 25.82
CA GLN F 122 -5.81 12.42 25.69
C GLN F 122 -6.01 11.72 24.33
N TYR F 123 -5.59 12.34 23.23
CA TYR F 123 -5.75 11.69 21.94
C TYR F 123 -4.80 10.52 21.85
N LYS F 124 -3.78 10.52 22.69
CA LYS F 124 -2.81 9.42 22.68
C LYS F 124 -3.42 8.21 23.38
N GLU F 125 -3.84 8.44 24.63
CA GLU F 125 -4.44 7.39 25.46
C GLU F 125 -5.87 7.03 25.10
N GLY F 126 -6.63 8.01 24.61
CA GLY F 126 -8.01 7.75 24.21
C GLY F 126 -9.04 8.41 25.10
N PHE F 127 -10.13 8.85 24.51
CA PHE F 127 -11.16 9.49 25.30
C PHE F 127 -12.57 9.18 24.79
N GLY F 128 -13.54 9.26 25.68
CA GLY F 128 -14.92 8.98 25.32
C GLY F 128 -15.43 7.73 25.99
N HIS F 129 -16.53 7.19 25.46
CA HIS F 129 -17.15 6.00 26.05
C HIS F 129 -17.51 4.92 25.04
N LEU F 130 -17.26 3.67 25.45
CA LEU F 130 -17.55 2.50 24.62
C LEU F 130 -18.86 1.82 25.01
N SER F 131 -19.88 1.94 24.16
CA SER F 131 -21.18 1.33 24.42
C SER F 131 -21.36 0.02 23.65
N PRO F 132 -21.93 -1.00 24.31
CA PRO F 132 -22.16 -2.30 23.65
C PRO F 132 -23.14 -2.17 22.48
N THR F 133 -23.63 -0.98 22.23
CA THR F 133 -24.59 -0.77 21.15
C THR F 133 -24.26 0.38 20.22
N GLY F 134 -22.97 0.68 20.06
CA GLY F 134 -22.55 1.76 19.16
C GLY F 134 -23.45 2.98 19.17
N THR F 135 -23.76 3.46 20.37
CA THR F 135 -24.60 4.63 20.53
C THR F 135 -23.82 5.68 21.32
N THR F 136 -22.50 5.60 21.23
CA THR F 136 -21.65 6.53 21.94
C THR F 136 -20.50 7.07 21.07
N GLU F 137 -20.09 8.31 21.32
CA GLU F 137 -19.00 8.96 20.59
C GLU F 137 -17.67 8.67 21.27
N PHE F 138 -16.60 8.55 20.49
CA PHE F 138 -15.30 8.29 21.12
C PHE F 138 -14.08 8.34 20.20
N TRP F 139 -12.92 8.12 20.80
CA TRP F 139 -11.65 8.09 20.10
C TRP F 139 -10.80 7.07 20.82
N LEU F 140 -10.64 5.91 20.20
CA LEU F 140 -9.88 4.81 20.80
C LEU F 140 -8.50 5.14 21.37
N GLY F 141 -7.79 6.08 20.74
CA GLY F 141 -6.45 6.44 21.20
C GLY F 141 -5.37 6.12 20.16
N ASN F 142 -4.66 7.15 19.72
CA ASN F 142 -3.63 7.00 18.71
C ASN F 142 -2.72 5.81 18.95
N GLU F 143 -2.26 5.66 20.19
CA GLU F 143 -1.37 4.55 20.51
C GLU F 143 -2.05 3.22 20.22
N LYS F 144 -3.24 3.00 20.75
CA LYS F 144 -3.98 1.75 20.53
C LYS F 144 -4.13 1.55 19.03
N ILE F 145 -4.61 2.59 18.35
CA ILE F 145 -4.77 2.55 16.90
C ILE F 145 -3.47 2.11 16.24
N HIS F 146 -2.37 2.72 16.67
CA HIS F 146 -1.06 2.41 16.15
C HIS F 146 -0.78 0.93 16.22
N LEU F 147 -0.84 0.37 17.43
CA LEU F 147 -0.56 -1.04 17.60
C LEU F 147 -1.43 -1.98 16.80
N ILE F 148 -2.65 -1.56 16.52
CA ILE F 148 -3.54 -2.41 15.74
C ILE F 148 -3.16 -2.38 14.26
N SER F 149 -2.95 -1.17 13.74
CA SER F 149 -2.60 -0.97 12.34
C SER F 149 -1.21 -1.42 11.92
N THR F 150 -0.27 -1.44 12.87
CA THR F 150 1.09 -1.84 12.55
C THR F 150 1.54 -3.07 13.31
N GLN F 151 0.75 -4.14 13.23
CA GLN F 151 1.07 -5.38 13.92
C GLN F 151 2.19 -6.19 13.30
N SER F 152 2.06 -7.51 13.43
CA SER F 152 3.06 -8.44 12.92
C SER F 152 2.92 -8.72 11.42
N ALA F 153 3.10 -7.68 10.62
CA ALA F 153 3.02 -7.84 9.18
C ALA F 153 1.68 -8.43 8.70
N ILE F 154 0.81 -7.52 8.26
CA ILE F 154 -0.51 -7.83 7.73
C ILE F 154 -1.14 -6.48 7.42
N PRO F 155 -1.55 -6.27 6.18
CA PRO F 155 -2.15 -5.03 5.72
C PRO F 155 -3.47 -4.73 6.39
N TYR F 156 -3.71 -3.47 6.68
CA TYR F 156 -4.97 -3.04 7.30
C TYR F 156 -5.69 -2.06 6.39
N ALA F 157 -7.01 -2.06 6.47
CA ALA F 157 -7.81 -1.17 5.65
C ALA F 157 -8.65 -0.26 6.54
N LEU F 158 -8.89 0.95 6.06
CA LEU F 158 -9.66 1.96 6.78
C LEU F 158 -10.95 2.36 6.05
N ARG F 159 -12.09 2.11 6.67
CA ARG F 159 -13.34 2.52 6.05
C ARG F 159 -13.89 3.70 6.82
N VAL F 160 -14.17 4.78 6.09
CA VAL F 160 -14.72 5.97 6.70
C VAL F 160 -16.19 5.99 6.32
N GLU F 161 -17.06 5.91 7.32
CA GLU F 161 -18.50 5.92 7.06
C GLU F 161 -19.11 7.23 7.54
N LEU F 162 -19.80 7.91 6.64
CA LEU F 162 -20.44 9.19 6.96
C LEU F 162 -21.97 9.08 6.83
N GLU F 163 -22.66 10.12 7.29
CA GLU F 163 -24.12 10.18 7.21
C GLU F 163 -24.52 11.61 7.48
N ASP F 164 -25.36 12.16 6.61
CA ASP F 164 -25.83 13.53 6.77
C ASP F 164 -27.09 13.61 7.60
N TRP F 165 -27.62 14.82 7.74
CA TRP F 165 -28.83 15.04 8.52
C TRP F 165 -30.09 14.77 7.71
N ASN F 166 -30.06 13.70 6.91
CA ASN F 166 -31.20 13.30 6.08
C ASN F 166 -31.27 11.77 5.98
N GLY F 167 -30.30 11.09 6.60
CA GLY F 167 -30.29 9.63 6.57
C GLY F 167 -29.50 8.96 5.46
N ARG F 168 -28.78 9.73 4.64
CA ARG F 168 -27.98 9.14 3.56
C ARG F 168 -26.56 8.84 4.05
N THR F 169 -26.01 7.72 3.61
CA THR F 169 -24.66 7.37 3.99
C THR F 169 -23.76 7.33 2.76
N SER F 170 -22.47 7.17 3.01
CA SER F 170 -21.46 7.10 1.96
C SER F 170 -20.17 6.69 2.63
N THR F 171 -19.40 5.83 2.00
CA THR F 171 -18.13 5.41 2.59
C THR F 171 -16.99 5.77 1.67
N ALA F 172 -15.77 5.68 2.20
CA ALA F 172 -14.55 5.95 1.46
C ALA F 172 -13.53 4.96 2.02
N ASP F 173 -12.92 4.17 1.14
CA ASP F 173 -11.96 3.19 1.60
C ASP F 173 -10.52 3.53 1.27
N TYR F 174 -9.62 3.15 2.17
CA TYR F 174 -8.19 3.40 2.03
C TYR F 174 -7.43 2.12 2.35
N ALA F 175 -6.54 1.70 1.45
CA ALA F 175 -5.79 0.46 1.67
C ALA F 175 -4.41 0.67 2.30
N MET F 176 -3.89 -0.41 2.89
CA MET F 176 -2.60 -0.40 3.57
C MET F 176 -2.52 0.78 4.55
N PHE F 177 -3.55 0.86 5.40
CA PHE F 177 -3.67 1.90 6.40
C PHE F 177 -2.76 1.62 7.58
N LYS F 178 -2.11 2.66 8.07
CA LYS F 178 -1.22 2.52 9.21
C LYS F 178 -1.03 3.87 9.89
N VAL F 179 -0.82 3.82 11.20
CA VAL F 179 -0.60 5.00 12.00
C VAL F 179 0.75 4.79 12.67
N GLY F 180 1.62 5.80 12.54
CA GLY F 180 2.95 5.69 13.10
C GLY F 180 3.06 5.66 14.60
N PRO F 181 4.27 5.47 15.12
CA PRO F 181 4.49 5.43 16.56
C PRO F 181 4.44 6.88 17.00
N GLU F 182 4.57 7.12 18.31
CA GLU F 182 4.54 8.48 18.82
C GLU F 182 5.75 9.28 18.35
N ALA F 183 6.89 8.60 18.22
CA ALA F 183 8.12 9.24 17.78
C ALA F 183 7.92 10.06 16.50
N ASP F 184 7.28 9.47 15.50
CA ASP F 184 7.04 10.18 14.25
C ASP F 184 5.70 10.94 14.32
N LYS F 185 5.11 10.95 15.52
CA LYS F 185 3.85 11.62 15.80
C LYS F 185 2.60 10.96 15.19
N TYR F 186 2.53 9.64 15.28
CA TYR F 186 1.39 8.91 14.74
C TYR F 186 1.09 9.39 13.35
N ARG F 187 2.10 9.32 12.50
CA ARG F 187 1.93 9.77 11.13
C ARG F 187 0.89 8.90 10.47
N LEU F 188 0.07 9.51 9.61
CA LEU F 188 -0.98 8.80 8.89
C LEU F 188 -0.52 8.42 7.49
N THR F 189 -0.74 7.17 7.10
CA THR F 189 -0.35 6.72 5.77
C THR F 189 -1.16 5.56 5.26
N TYR F 190 -1.34 5.56 3.95
CA TYR F 190 -2.06 4.51 3.24
C TYR F 190 -1.46 4.44 1.85
N ALA F 191 -1.73 3.36 1.12
CA ALA F 191 -1.20 3.20 -0.21
C ALA F 191 -2.06 3.91 -1.25
N TYR F 192 -3.36 3.64 -1.21
CA TYR F 192 -4.25 4.26 -2.18
C TYR F 192 -5.71 4.21 -1.82
N PHE F 193 -6.46 5.12 -2.42
CA PHE F 193 -7.90 5.22 -2.22
C PHE F 193 -8.56 4.04 -2.91
N ALA F 194 -9.26 3.21 -2.13
CA ALA F 194 -9.93 2.03 -2.67
C ALA F 194 -11.32 2.35 -3.22
N GLY F 195 -11.77 3.59 -3.03
CA GLY F 195 -13.07 3.96 -3.56
C GLY F 195 -14.22 4.05 -2.57
N GLY F 196 -15.23 4.79 -2.99
CA GLY F 196 -16.40 4.98 -2.15
C GLY F 196 -17.17 6.19 -2.63
N ASP F 197 -18.49 6.15 -2.50
CA ASP F 197 -19.32 7.26 -2.93
C ASP F 197 -19.00 8.54 -2.14
N ALA F 198 -18.13 8.40 -1.14
CA ALA F 198 -17.74 9.54 -0.31
C ALA F 198 -16.64 10.37 -0.97
N GLY F 199 -15.83 9.73 -1.81
CA GLY F 199 -14.75 10.44 -2.47
C GLY F 199 -13.50 10.37 -1.62
N ASP F 200 -12.34 10.53 -2.26
CA ASP F 200 -11.06 10.50 -1.56
C ASP F 200 -10.65 11.89 -1.14
N ALA F 201 -11.03 12.29 0.07
CA ALA F 201 -10.71 13.62 0.58
C ALA F 201 -9.29 13.70 1.12
N PHE F 202 -8.73 12.55 1.50
CA PHE F 202 -7.36 12.50 2.01
C PHE F 202 -6.37 12.90 0.90
N ASP F 203 -6.89 13.07 -0.30
CA ASP F 203 -6.07 13.43 -1.45
C ASP F 203 -6.19 14.94 -1.73
N GLY F 204 -6.51 15.72 -0.70
CA GLY F 204 -6.65 17.15 -0.90
C GLY F 204 -7.86 17.48 -1.75
N PHE F 205 -8.27 18.75 -1.75
CA PHE F 205 -9.43 19.19 -2.50
C PHE F 205 -9.33 20.63 -3.00
N ASP F 206 -9.64 20.83 -4.28
CA ASP F 206 -9.58 22.13 -4.93
C ASP F 206 -10.58 23.17 -4.43
N PHE F 207 -10.45 23.58 -3.17
CA PHE F 207 -11.35 24.57 -2.59
C PHE F 207 -11.46 25.83 -3.44
N GLY F 208 -10.43 26.10 -4.24
CA GLY F 208 -10.42 27.27 -5.10
C GLY F 208 -9.87 28.53 -4.45
N ASP F 209 -9.82 28.57 -3.12
CA ASP F 209 -9.32 29.74 -2.41
C ASP F 209 -7.84 29.96 -2.70
N ASP F 210 -7.30 29.12 -3.57
CA ASP F 210 -5.89 29.17 -3.96
C ASP F 210 -5.57 27.93 -4.80
N PRO F 211 -4.86 28.12 -5.93
CA PRO F 211 -4.49 27.02 -6.83
C PRO F 211 -3.73 25.86 -6.16
N SER F 212 -3.27 26.06 -4.94
CA SER F 212 -2.52 25.03 -4.24
C SER F 212 -3.30 24.34 -3.10
N ASP F 213 -4.53 24.81 -2.89
CA ASP F 213 -5.39 24.25 -1.85
C ASP F 213 -5.28 22.75 -1.84
N LYS F 214 -5.38 22.13 -3.02
CA LYS F 214 -5.29 20.69 -3.13
C LYS F 214 -4.06 20.18 -2.37
N PHE F 215 -2.89 20.65 -2.77
CA PHE F 215 -1.64 20.21 -2.14
C PHE F 215 -1.56 20.47 -0.64
N PHE F 216 -2.08 21.61 -0.20
CA PHE F 216 -2.03 21.96 1.22
C PHE F 216 -3.12 21.35 2.08
N THR F 217 -4.05 20.66 1.44
CA THR F 217 -5.18 20.05 2.15
C THR F 217 -5.20 18.54 2.02
N SER F 218 -4.17 17.97 1.42
CA SER F 218 -4.13 16.53 1.31
C SER F 218 -3.85 16.02 2.72
N HIS F 219 -4.09 14.73 2.97
CA HIS F 219 -3.83 14.19 4.31
C HIS F 219 -2.88 13.01 4.39
N ASN F 220 -2.70 12.24 3.31
CA ASN F 220 -1.78 11.11 3.40
C ASN F 220 -0.39 11.62 3.75
N GLY F 221 0.24 10.96 4.72
CA GLY F 221 1.59 11.33 5.15
C GLY F 221 1.69 12.36 6.27
N MET F 222 0.57 12.91 6.70
CA MET F 222 0.61 13.95 7.74
C MET F 222 0.72 13.34 9.14
N GLN F 223 1.16 14.17 10.08
CA GLN F 223 1.29 13.72 11.46
C GLN F 223 0.09 14.25 12.22
N PHE F 224 -0.10 13.74 13.44
CA PHE F 224 -1.22 14.13 14.28
C PHE F 224 -0.93 15.45 15.02
N SER F 225 -1.93 16.32 15.09
CA SER F 225 -1.77 17.59 15.79
C SER F 225 -2.85 17.88 16.85
N THR F 226 -2.42 18.52 17.95
CA THR F 226 -3.31 18.91 19.03
C THR F 226 -2.86 20.30 19.45
N TRP F 227 -3.79 21.16 19.84
CA TRP F 227 -3.46 22.53 20.24
C TRP F 227 -2.19 22.60 21.09
N ASP F 228 -1.87 21.56 21.82
CA ASP F 228 -0.66 21.61 22.64
C ASP F 228 0.43 20.70 22.08
N ASN F 229 0.49 20.60 20.75
CA ASN F 229 1.48 19.77 20.04
C ASN F 229 1.24 19.96 18.56
N ASP F 230 1.63 21.12 18.05
CA ASP F 230 1.48 21.49 16.64
C ASP F 230 2.47 20.79 15.70
N ASN F 231 1.96 19.96 14.80
CA ASN F 231 2.82 19.25 13.85
C ASN F 231 2.34 19.40 12.41
N ASP F 232 1.61 20.47 12.12
CA ASP F 232 1.11 20.63 10.75
C ASP F 232 2.02 21.45 9.86
N LYS F 233 1.55 21.67 8.63
CA LYS F 233 2.28 22.43 7.62
C LYS F 233 1.64 23.83 7.44
N PHE F 234 1.27 24.45 8.57
CA PHE F 234 0.66 25.78 8.56
C PHE F 234 1.43 26.67 9.53
N GLU F 235 1.40 27.97 9.30
CA GLU F 235 2.12 28.92 10.15
C GLU F 235 1.71 28.76 11.61
N GLY F 236 0.42 28.97 11.87
CA GLY F 236 -0.13 28.85 13.20
C GLY F 236 -0.52 27.43 13.59
N ASN F 237 -1.53 27.31 14.46
CA ASN F 237 -1.98 26.01 14.94
C ASN F 237 -3.37 25.55 14.49
N CYS F 238 -3.44 24.74 13.44
CA CYS F 238 -4.70 24.23 12.92
C CYS F 238 -5.52 23.56 14.02
N ALA F 239 -4.89 22.66 14.77
CA ALA F 239 -5.58 21.95 15.84
C ALA F 239 -6.12 22.86 16.94
N GLU F 240 -5.62 24.10 17.01
CA GLU F 240 -6.09 25.02 18.04
C GLU F 240 -7.18 25.95 17.50
N GLN F 241 -7.14 26.23 16.21
CA GLN F 241 -8.17 27.10 15.63
C GLN F 241 -9.48 26.33 15.56
N ASP F 242 -9.41 25.10 15.09
CA ASP F 242 -10.57 24.22 14.95
C ASP F 242 -11.03 23.61 16.27
N GLY F 243 -10.10 23.44 17.19
CA GLY F 243 -10.46 22.86 18.46
C GLY F 243 -10.62 21.36 18.32
N SER F 244 -9.58 20.71 17.81
CA SER F 244 -9.60 19.27 17.62
C SER F 244 -8.23 18.65 17.66
N GLY F 245 -8.20 17.35 17.35
CA GLY F 245 -6.97 16.59 17.31
C GLY F 245 -7.09 15.84 15.99
N TRP F 246 -6.13 15.98 15.09
CA TRP F 246 -6.24 15.33 13.79
C TRP F 246 -4.92 15.40 13.02
N TRP F 247 -4.93 14.87 11.81
CA TRP F 247 -3.76 14.88 10.94
C TRP F 247 -3.88 16.10 10.05
N MET F 248 -3.67 17.26 10.68
CA MET F 248 -3.77 18.54 10.01
C MET F 248 -2.59 18.83 9.10
N ASN F 249 -2.87 19.45 7.96
CA ASN F 249 -1.88 19.85 6.95
C ASN F 249 -1.94 21.38 6.97
N LYS F 250 -2.72 21.98 6.06
CA LYS F 250 -2.86 23.43 6.04
C LYS F 250 -4.16 23.92 5.39
N CYS F 251 -5.30 23.55 5.98
CA CYS F 251 -5.34 22.72 7.17
C CYS F 251 -5.97 21.37 6.90
N HIS F 252 -7.05 21.35 6.11
CA HIS F 252 -7.73 20.09 5.86
C HIS F 252 -8.72 19.99 4.69
N ALA F 253 -9.04 18.76 4.34
CA ALA F 253 -10.00 18.43 3.28
C ALA F 253 -11.00 17.46 3.91
N GLY F 254 -10.52 16.66 4.86
CA GLY F 254 -11.34 15.69 5.57
C GLY F 254 -11.13 15.80 7.07
N HIS F 255 -12.04 16.48 7.74
CA HIS F 255 -11.93 16.70 9.18
C HIS F 255 -13.05 16.02 9.99
N LEU F 256 -12.78 14.82 10.50
CA LEU F 256 -13.80 14.10 11.27
C LEU F 256 -13.80 14.31 12.79
N ASN F 257 -12.88 15.11 13.29
CA ASN F 257 -12.84 15.38 14.71
C ASN F 257 -13.13 16.85 15.03
N GLY F 258 -13.71 17.56 14.09
CA GLY F 258 -14.02 18.96 14.30
C GLY F 258 -15.12 19.18 15.32
N VAL F 259 -15.89 20.25 15.15
CA VAL F 259 -17.00 20.57 16.05
C VAL F 259 -18.26 19.90 15.54
N TYR F 260 -19.09 19.43 16.46
CA TYR F 260 -20.35 18.77 16.09
C TYR F 260 -21.45 19.81 15.96
N TYR F 261 -21.70 20.29 14.75
CA TYR F 261 -22.74 21.28 14.52
C TYR F 261 -24.08 20.59 14.30
N GLN F 262 -25.14 21.17 14.86
CA GLN F 262 -26.47 20.61 14.76
C GLN F 262 -27.13 21.00 13.43
N GLY F 263 -27.91 20.09 12.86
CA GLY F 263 -28.56 20.38 11.59
C GLY F 263 -27.60 20.20 10.45
N GLY F 264 -26.31 20.29 10.77
CA GLY F 264 -25.27 20.13 9.77
C GLY F 264 -24.82 21.43 9.13
N THR F 265 -25.73 22.40 9.01
CA THR F 265 -25.37 23.68 8.40
C THR F 265 -24.79 24.69 9.39
N TYR F 266 -23.81 25.44 8.91
CA TYR F 266 -23.14 26.47 9.68
C TYR F 266 -22.29 27.25 8.69
N SER F 267 -21.72 28.38 9.12
CA SER F 267 -20.89 29.20 8.24
C SER F 267 -19.82 29.98 9.00
N LYS F 268 -19.39 31.09 8.41
CA LYS F 268 -18.37 31.95 9.01
C LYS F 268 -18.89 32.62 10.27
N ALA F 269 -20.20 32.81 10.32
CA ALA F 269 -20.84 33.44 11.47
C ALA F 269 -20.97 32.50 12.67
N SER F 270 -20.48 31.28 12.51
CA SER F 270 -20.55 30.29 13.61
C SER F 270 -19.37 30.47 14.56
N THR F 271 -18.24 30.90 14.00
CA THR F 271 -17.02 31.14 14.76
C THR F 271 -16.59 32.60 14.60
N PRO F 272 -16.10 33.21 15.70
CA PRO F 272 -15.66 34.61 15.70
C PRO F 272 -14.47 34.84 14.77
N ASN F 273 -13.98 33.77 14.15
CA ASN F 273 -12.84 33.86 13.24
C ASN F 273 -13.15 33.32 11.84
N GLY F 274 -14.38 32.83 11.65
CA GLY F 274 -14.76 32.32 10.36
C GLY F 274 -14.10 31.03 9.91
N TYR F 275 -13.66 30.22 10.87
CA TYR F 275 -13.02 28.92 10.56
C TYR F 275 -14.05 27.93 10.01
N ASP F 276 -13.61 27.08 9.10
CA ASP F 276 -14.49 26.09 8.53
C ASP F 276 -14.30 24.79 9.29
N ASN F 277 -14.16 24.90 10.61
CA ASN F 277 -13.98 23.72 11.44
C ASN F 277 -15.28 22.94 11.43
N GLY F 278 -15.32 21.80 12.11
CA GLY F 278 -16.53 21.00 12.11
C GLY F 278 -16.28 19.72 11.34
N ILE F 279 -17.16 18.74 11.52
CA ILE F 279 -17.02 17.45 10.86
C ILE F 279 -17.29 17.49 9.36
N ILE F 280 -16.26 17.84 8.59
CA ILE F 280 -16.33 17.97 7.12
C ILE F 280 -15.55 16.90 6.37
N TRP F 281 -15.84 16.80 5.07
CA TRP F 281 -15.19 15.84 4.17
C TRP F 281 -15.57 16.27 2.73
N ALA F 282 -15.11 17.47 2.38
CA ALA F 282 -15.34 18.15 1.09
C ALA F 282 -15.73 17.39 -0.17
N THR F 283 -15.18 16.19 -0.37
CA THR F 283 -15.52 15.45 -1.59
C THR F 283 -16.93 14.88 -1.58
N TRP F 284 -17.71 15.22 -0.56
CA TRP F 284 -19.09 14.75 -0.47
C TRP F 284 -20.02 15.91 -0.18
N LYS F 285 -19.67 16.69 0.84
CA LYS F 285 -20.45 17.85 1.23
C LYS F 285 -19.57 19.09 1.26
N THR F 286 -20.21 20.24 1.11
CA THR F 286 -19.53 21.52 1.13
C THR F 286 -18.72 21.66 2.40
N ARG F 287 -17.81 22.62 2.42
CA ARG F 287 -16.97 22.85 3.60
C ARG F 287 -17.79 23.33 4.78
N TRP F 288 -19.03 23.72 4.53
CA TRP F 288 -19.85 24.21 5.62
C TRP F 288 -21.00 23.30 6.06
N TYR F 289 -20.84 22.00 5.81
CA TYR F 289 -21.84 21.02 6.22
C TYR F 289 -21.12 20.04 7.14
N SER F 290 -21.57 19.98 8.39
CA SER F 290 -20.98 19.09 9.39
C SER F 290 -21.83 17.84 9.52
N MET F 291 -21.19 16.69 9.35
CA MET F 291 -21.88 15.40 9.42
C MET F 291 -22.68 15.23 10.72
N LYS F 292 -23.68 14.36 10.67
CA LYS F 292 -24.52 14.07 11.82
C LYS F 292 -23.91 12.88 12.54
N LYS F 293 -23.56 11.86 11.76
CA LYS F 293 -22.93 10.67 12.30
C LYS F 293 -21.59 10.50 11.59
N THR F 294 -20.65 9.85 12.25
CA THR F 294 -19.36 9.62 11.64
C THR F 294 -18.72 8.41 12.30
N THR F 295 -18.01 7.63 11.52
CA THR F 295 -17.36 6.44 12.07
C THR F 295 -16.15 5.99 11.26
N MET F 296 -15.06 5.73 11.96
CA MET F 296 -13.84 5.29 11.33
C MET F 296 -13.52 3.95 11.95
N LYS F 297 -13.39 2.93 11.11
CA LYS F 297 -13.08 1.59 11.58
C LYS F 297 -12.04 0.97 10.67
N ILE F 298 -11.32 -0.02 11.20
CA ILE F 298 -10.31 -0.69 10.42
C ILE F 298 -10.50 -2.20 10.46
N ILE F 299 -9.82 -2.91 9.57
CA ILE F 299 -9.94 -4.36 9.49
C ILE F 299 -8.84 -4.88 8.58
N PRO F 300 -8.37 -6.13 8.79
CA PRO F 300 -7.31 -6.66 7.94
C PRO F 300 -7.70 -6.53 6.48
N PHE F 301 -6.76 -6.03 5.66
CA PHE F 301 -7.00 -5.82 4.23
C PHE F 301 -7.35 -7.14 3.52
N ASN F 302 -6.74 -8.24 3.98
CA ASN F 302 -7.01 -9.56 3.42
C ASN F 302 -8.42 -10.00 3.76
N ARG F 303 -9.32 -9.02 3.79
CA ARG F 303 -10.72 -9.21 4.06
C ARG F 303 -11.47 -8.44 2.97
N LEU F 304 -12.57 -9.01 2.48
CA LEU F 304 -13.40 -8.43 1.41
C LEU F 304 -12.67 -7.42 0.53
N ALA G 1 20.45 3.37 -69.41
CA ALA G 1 19.97 4.67 -69.96
C ALA G 1 18.75 4.43 -70.85
N HIS G 2 18.64 5.18 -71.95
CA HIS G 2 17.53 4.99 -72.87
C HIS G 2 17.91 3.94 -73.92
N ARG G 3 16.95 3.52 -74.73
CA ARG G 3 17.24 2.52 -75.76
C ARG G 3 16.80 2.99 -77.15
N PRO G 4 17.78 3.28 -78.04
CA PRO G 4 17.49 3.73 -79.40
C PRO G 4 16.43 2.88 -80.08
N NH2 G 5 16.49 1.64 -79.94
N ALA H 1 -17.76 1.64 70.13
CA ALA H 1 -17.22 2.08 71.46
C ALA H 1 -16.32 0.99 72.03
N HIS H 2 -16.32 0.83 73.34
CA HIS H 2 -15.48 -0.19 73.97
C HIS H 2 -16.32 -1.37 74.45
N ARG H 3 -15.77 -2.15 75.38
CA ARG H 3 -16.44 -3.34 75.91
C ARG H 3 -15.96 -3.71 77.31
N PRO H 4 -16.40 -2.95 78.32
CA PRO H 4 -16.00 -3.22 79.70
C PRO H 4 -16.09 -4.69 80.04
N NH2 H 5 -15.49 -5.10 81.05
C1 NAG I . 17.83 10.38 -79.56
C2 NAG I . 18.26 11.71 -80.20
C3 NAG I . 19.79 11.82 -80.40
C4 NAG I . 20.42 10.57 -81.04
C5 NAG I . 19.33 9.48 -81.22
C6 NAG I . 19.83 8.13 -81.67
C7 NAG I . 16.27 11.63 -81.57
C8 NAG I . 15.86 10.53 -82.54
N2 NAG I . 17.58 11.90 -81.47
O3 NAG I . 20.40 12.08 -79.15
O4 NAG I . 21.05 10.93 -82.30
O5 NAG I . 18.67 9.28 -79.95
O6 NAG I . 19.59 7.91 -83.05
O7 NAG I . 15.41 12.24 -80.92
C1 NAG I . 21.48 9.98 -83.23
C2 NAG I . 22.24 10.66 -84.40
C3 NAG I . 23.78 10.48 -84.31
C4 NAG I . 24.22 9.02 -84.06
C5 NAG I . 23.04 8.21 -83.52
C6 NAG I . 23.41 6.90 -82.85
C7 NAG I . 20.46 10.23 -85.99
C8 NAG I . 19.59 9.02 -85.72
N2 NAG I . 21.76 10.14 -85.67
O3 NAG I . 24.31 11.31 -83.29
O4 NAG I . 24.70 8.44 -85.27
O5 NAG I . 22.31 9.01 -82.57
O6 NAG I . 22.41 5.90 -83.08
O7 NAG I . 19.97 11.24 -86.49
C1 NAG J . -12.86 2.36 81.66
C2 NAG J . -13.33 3.61 82.42
C3 NAG J . -13.95 3.22 83.77
C4 NAG J . -15.19 2.39 83.47
C5 NAG J . -14.86 1.23 82.51
C6 NAG J . -15.59 1.31 81.19
C7 NAG J . -12.47 5.86 82.34
C8 NAG J . -12.20 6.85 83.46
N2 NAG J . -12.25 4.57 82.60
O3 NAG J . -14.28 4.39 84.51
O4 NAG J . -15.79 1.89 84.70
O5 NAG J . -13.43 1.16 82.24
O6 NAG J . -16.96 1.65 81.36
O7 NAG J . -12.88 6.27 81.25
C1 NDG J . -17.15 2.11 84.79
C2 NDG J . -17.64 2.24 86.25
C3 NDG J . -17.84 0.91 86.98
C4 NDG J . -18.51 -0.14 86.08
C5 NDG J . -17.78 -0.22 84.74
C6 NDG J . -18.41 -1.24 83.81
C7 NDG J . -17.12 4.27 87.44
C8 NDG J . -18.02 4.34 88.68
O5 NDG J . -17.84 1.07 84.08
O3 NDG J . -18.64 1.11 88.13
O4 NDG J . -18.49 -1.41 86.71
O6 NDG J . -18.38 -2.53 84.39
O7 NDG J . -16.76 5.32 86.88
N2 NDG J . -16.74 3.07 87.02
CA CA K . 9.50 -5.69 -72.97
CA CA L . 21.77 -13.95 -59.23
CA CA M . 8.87 16.73 -6.26
CA CA N . -14.11 -12.97 69.55
CA CA O . -27.63 -8.24 57.85
CA CA P . 2.47 25.10 12.82
#